data_7FH1
#
_entry.id   7FH1
#
_cell.length_a   1.00
_cell.length_b   1.00
_cell.length_c   1.00
_cell.angle_alpha   90.00
_cell.angle_beta   90.00
_cell.angle_gamma   90.00
#
_symmetry.space_group_name_H-M   'P 1'
#
loop_
_entity.id
_entity.type
_entity.pdbx_description
1 polymer Meckelin
2 branched 2-acetamido-2-deoxy-beta-D-glucopyranose-(1-4)-2-acetamido-2-deoxy-beta-D-glucopyranose
3 branched beta-D-mannopyranose-(1-3)-[beta-D-mannopyranose-(1-6)]beta-D-mannopyranose-(1-4)-2-acetamido-2-deoxy-beta-D-glucopyranose-(1-4)-2-acetamido-2-deoxy-beta-D-glucopyranose
#
_entity_poly.entity_id   1
_entity_poly.type   'polypeptide(L)'
_entity_poly.pdbx_seq_one_letter_code
;MATRGGAGVAMAVWSLLSARAVTAFLLLFLPRFLQAQTFSFPFQQPEKCDNNQYFDISALSCVPCGANQRQDARGTSCVC
LPGFQMISNNGGPAIICKKCPENMKGVTEDGWNCISCPSDLTAEGKCHCPIGHILVERDINGTLLSQATCELCDGNENSF
MVVNALGDRCVRCEPTFVNTSRSCACSEPNILTGGLCFSSTGNFPLRRISAARYGEVGMSLTSEWFAKYLQSSAAACWVY
ANLTSCQALGNMCVMNMNSYDFATFDACGLFQFIFENTAGLSTVHSISFWRQNLPWLFYGDQLGLAPQVLSSTSLPTNFS
FKGENQNTKLKFVAASYDIRGNFLKWQTLEGGVLQLCPDTETRLNAAYSFGTTYQQNCEIPISKILIDFPTPIFYDVYLE
YTDENQHQYILAVPVLNLNLQHNKIFVNQDSNSGKWLLTRRIFLVDAVSGRENDLGTQPRVIRVATQISLSVHLVPNTIN
GNIYPPLITIAYSDIDIKDANSQSVKVSFSVTYEMDHGEAHVQTDIALGVLGGLAVLASLLKTAGWKRRIGSPMIDLQTV
VKFLVYYAGDLANVFFIITVGTGLYWLIFFKAQKSVSVLLPMPIQEERFVTYVGCAFALKALQFLHKLISQITIDVFFID
WERPKGKVLKAVEGEGGVRSATVPVSIWRTYFVANEWNEIQTVRKINSLFQVLTVLFFLEVVGFKNLALMDSSSSLSRNP
PSYIAPYSCILRYAVSAALWLAIGIIQVVFFAVFYERFIEDKIRQFVDLCSMSNISVFLLSHKCFGYYIHGRSVHGHADT
NMEEMNMNLKREAENLCSQRGLVPNTDGQTFEIAISNQMRQHYDRIHETLIRKNGPARLLSSSASTFEQSIKAYHMMNKF
LGSFIDHVHKEMDYFIKDKLLLERILGMEFMEPMEKSIFYNDEGYSFSSVLYYGNEATLLIFDLLFFCVVDLACQNFILA
SFLTYLQQEIFRYIRNTVGQKNLASKTLVDQRFLILEGSHHHHHHHHHHGSVEDYKDDDDK
;
_entity_poly.pdbx_strand_id   A,B
#
# COMPACT_ATOMS: atom_id res chain seq x y z
N GLN A 37 -23.08 37.67 7.07
CA GLN A 37 -22.64 37.74 8.46
C GLN A 37 -21.68 36.60 8.79
N THR A 38 -21.35 36.46 10.07
CA THR A 38 -20.55 35.36 10.57
C THR A 38 -21.45 34.39 11.31
N PHE A 39 -21.11 33.10 11.25
CA PHE A 39 -21.92 32.04 11.82
C PHE A 39 -21.06 31.30 12.84
N SER A 40 -21.08 31.76 14.09
CA SER A 40 -20.28 31.14 15.14
C SER A 40 -20.96 31.36 16.48
N PHE A 41 -20.89 30.36 17.34
CA PHE A 41 -21.49 30.42 18.66
C PHE A 41 -20.70 29.54 19.60
N PRO A 42 -20.75 29.79 20.92
CA PRO A 42 -19.89 29.05 21.85
C PRO A 42 -20.16 27.55 21.82
N PHE A 43 -19.10 26.80 22.10
CA PHE A 43 -19.14 25.35 22.12
C PHE A 43 -19.59 24.86 23.48
N GLN A 44 -20.70 24.12 23.52
CA GLN A 44 -21.26 23.62 24.76
C GLN A 44 -21.56 22.13 24.64
N GLN A 45 -21.26 21.38 25.71
CA GLN A 45 -21.47 19.96 25.75
C GLN A 45 -22.56 19.60 26.74
N PRO A 46 -23.37 18.57 26.47
CA PRO A 46 -24.44 18.21 27.41
C PRO A 46 -23.92 17.80 28.77
N GLU A 47 -22.70 17.26 28.86
CA GLU A 47 -22.17 16.84 30.16
C GLU A 47 -21.85 18.02 31.06
N LYS A 48 -21.79 19.24 30.51
CA LYS A 48 -21.41 20.42 31.27
C LYS A 48 -22.59 21.32 31.62
N CYS A 49 -23.79 21.01 31.16
CA CYS A 49 -24.96 21.77 31.59
C CYS A 49 -25.18 21.61 33.08
N ASP A 50 -25.61 22.70 33.72
CA ASP A 50 -25.81 22.71 35.15
C ASP A 50 -26.98 21.82 35.55
N ASN A 51 -27.01 21.45 36.83
CA ASN A 51 -28.03 20.52 37.32
C ASN A 51 -29.44 21.04 37.09
N ASN A 52 -29.62 22.35 37.00
CA ASN A 52 -30.92 22.94 36.71
C ASN A 52 -31.06 23.36 35.25
N GLN A 53 -30.07 23.04 34.42
CA GLN A 53 -30.09 23.38 33.01
C GLN A 53 -30.14 22.10 32.17
N TYR A 54 -30.82 22.18 31.04
CA TYR A 54 -30.91 21.03 30.14
C TYR A 54 -30.39 21.42 28.76
N PHE A 55 -29.90 20.41 28.05
CA PHE A 55 -29.27 20.59 26.76
C PHE A 55 -30.34 20.55 25.67
N ASP A 56 -30.40 21.59 24.84
CA ASP A 56 -31.32 21.61 23.72
C ASP A 56 -30.72 20.85 22.53
N ILE A 57 -31.59 20.30 21.69
CA ILE A 57 -31.10 19.56 20.53
C ILE A 57 -31.04 20.43 19.27
N SER A 58 -31.87 21.47 19.16
CA SER A 58 -31.85 22.34 18.00
C SER A 58 -31.17 23.68 18.24
N ALA A 59 -30.84 24.00 19.49
CA ALA A 59 -30.09 25.20 19.80
C ALA A 59 -28.68 24.91 20.30
N LEU A 60 -28.41 23.70 20.76
CA LEU A 60 -27.07 23.28 21.16
C LEU A 60 -26.49 24.19 22.24
N SER A 61 -27.35 24.56 23.19
CA SER A 61 -26.92 25.34 24.34
C SER A 61 -27.74 24.95 25.54
N CYS A 62 -27.16 25.11 26.73
CA CYS A 62 -27.86 24.78 27.95
C CYS A 62 -29.02 25.74 28.19
N VAL A 63 -30.15 25.20 28.64
CA VAL A 63 -31.36 25.98 28.84
C VAL A 63 -31.90 25.68 30.24
N PRO A 64 -32.30 26.69 31.01
CA PRO A 64 -32.85 26.43 32.35
C PRO A 64 -34.15 25.65 32.28
N CYS A 65 -34.35 24.79 33.27
CA CYS A 65 -35.52 23.91 33.27
C CYS A 65 -36.82 24.70 33.42
N GLY A 66 -36.89 25.58 34.41
CA GLY A 66 -38.09 26.37 34.61
C GLY A 66 -38.58 26.43 36.04
N ALA A 67 -39.80 25.93 36.28
CA ALA A 67 -40.47 26.06 37.56
C ALA A 67 -40.41 24.73 38.30
N ASN A 68 -39.58 24.67 39.35
CA ASN A 68 -39.44 23.49 40.20
C ASN A 68 -39.12 22.23 39.40
N GLN A 69 -38.41 22.39 38.29
CA GLN A 69 -37.99 21.29 37.45
C GLN A 69 -36.49 21.08 37.61
N ARG A 70 -36.02 19.91 37.18
CA ARG A 70 -34.61 19.58 37.29
C ARG A 70 -34.21 18.69 36.13
N GLN A 71 -32.91 18.63 35.88
CA GLN A 71 -32.39 17.91 34.72
C GLN A 71 -32.72 16.42 34.82
N ASP A 72 -33.07 15.84 33.68
CA ASP A 72 -33.48 14.44 33.62
C ASP A 72 -32.26 13.54 33.77
N ALA A 73 -32.47 12.22 33.60
CA ALA A 73 -31.38 11.26 33.78
C ALA A 73 -30.28 11.47 32.75
N ARG A 74 -30.66 11.73 31.50
CA ARG A 74 -29.70 11.80 30.41
C ARG A 74 -29.33 13.24 30.04
N GLY A 75 -30.19 14.20 30.28
CA GLY A 75 -29.85 15.60 30.09
C GLY A 75 -30.44 16.28 28.88
N THR A 76 -31.32 15.62 28.13
CA THR A 76 -31.95 16.22 26.97
C THR A 76 -33.29 16.87 27.30
N SER A 77 -33.72 16.83 28.56
CA SER A 77 -34.96 17.46 28.99
C SER A 77 -34.94 17.53 30.51
N CYS A 78 -36.07 17.96 31.08
CA CYS A 78 -36.20 18.11 32.53
C CYS A 78 -37.42 17.37 33.03
N VAL A 79 -37.25 16.67 34.16
CA VAL A 79 -38.36 16.08 34.90
C VAL A 79 -38.30 16.66 36.30
N CYS A 80 -39.45 17.04 36.85
CA CYS A 80 -39.44 18.01 37.93
C CYS A 80 -39.28 17.34 39.31
N LEU A 81 -39.24 18.19 40.32
CA LEU A 81 -38.66 17.86 41.62
C LEU A 81 -39.54 16.89 42.41
N PRO A 82 -38.96 16.21 43.41
CA PRO A 82 -39.77 15.36 44.28
C PRO A 82 -40.84 16.15 45.00
N GLY A 83 -41.98 15.50 45.20
CA GLY A 83 -43.14 16.14 45.79
C GLY A 83 -44.05 16.83 44.80
N PHE A 84 -43.63 16.93 43.53
CA PHE A 84 -44.42 17.56 42.50
C PHE A 84 -44.92 16.51 41.53
N GLN A 85 -46.23 16.46 41.30
CA GLN A 85 -46.83 15.51 40.39
C GLN A 85 -47.01 16.19 39.04
N MET A 86 -46.68 15.46 37.98
CA MET A 86 -46.60 16.03 36.63
C MET A 86 -47.97 16.03 35.97
N ILE A 87 -48.38 17.18 35.45
CA ILE A 87 -49.70 17.32 34.85
C ILE A 87 -49.68 16.93 33.39
N SER A 88 -48.92 17.66 32.58
CA SER A 88 -48.92 17.49 31.13
C SER A 88 -47.48 17.49 30.63
N ASN A 89 -47.17 16.55 29.75
CA ASN A 89 -45.82 16.44 29.19
C ASN A 89 -45.93 15.73 27.85
N ASN A 90 -45.85 16.49 26.76
CA ASN A 90 -45.78 15.93 25.43
C ASN A 90 -44.32 15.74 25.03
N GLY A 91 -44.06 15.54 23.74
CA GLY A 91 -42.71 15.26 23.29
C GLY A 91 -41.78 16.45 23.29
N GLY A 92 -42.11 17.46 24.10
CA GLY A 92 -41.29 18.64 24.21
C GLY A 92 -40.56 18.71 25.53
N PRO A 93 -39.71 19.72 25.70
CA PRO A 93 -38.95 19.84 26.95
C PRO A 93 -39.71 20.58 28.05
N ALA A 94 -40.65 21.45 27.65
CA ALA A 94 -41.39 22.25 28.60
C ALA A 94 -42.51 21.41 29.19
N ILE A 95 -42.48 21.20 30.51
CA ILE A 95 -43.47 20.40 31.21
C ILE A 95 -44.07 21.24 32.32
N ILE A 96 -45.28 20.85 32.75
CA ILE A 96 -46.03 21.55 33.78
C ILE A 96 -46.35 20.56 34.88
N CYS A 97 -45.90 20.85 36.10
CA CYS A 97 -46.25 20.05 37.26
C CYS A 97 -46.55 20.99 38.43
N LYS A 98 -47.44 20.55 39.31
CA LYS A 98 -47.93 21.34 40.42
C LYS A 98 -47.78 20.56 41.72
N LYS A 99 -47.53 21.29 42.81
CA LYS A 99 -47.44 20.67 44.13
C LYS A 99 -48.82 20.16 44.54
N CYS A 100 -48.96 18.84 44.61
CA CYS A 100 -50.24 18.24 44.95
C CYS A 100 -50.44 18.25 46.47
N PRO A 101 -51.69 18.13 46.94
CA PRO A 101 -51.99 18.46 48.33
C PRO A 101 -51.17 17.67 49.34
N GLU A 102 -50.85 18.35 50.45
CA GLU A 102 -49.91 17.83 51.43
C GLU A 102 -50.43 16.58 52.14
N ASN A 103 -51.74 16.34 52.15
CA ASN A 103 -52.26 15.13 52.79
C ASN A 103 -51.86 13.86 52.04
N MET A 104 -51.36 13.99 50.82
CA MET A 104 -50.83 12.86 50.03
C MET A 104 -49.44 13.27 49.54
N LYS A 105 -48.44 13.03 50.39
CA LYS A 105 -47.10 13.57 50.16
C LYS A 105 -46.39 12.85 49.03
N GLY A 106 -46.52 11.53 48.94
CA GLY A 106 -45.78 10.74 47.98
C GLY A 106 -46.45 10.67 46.61
N VAL A 107 -45.66 10.30 45.62
CA VAL A 107 -46.15 10.16 44.26
C VAL A 107 -46.00 8.70 43.83
N THR A 108 -46.75 8.31 42.81
CA THR A 108 -46.67 6.96 42.30
C THR A 108 -45.33 6.74 41.62
N GLU A 109 -45.10 5.49 41.17
CA GLU A 109 -43.90 5.20 40.40
C GLU A 109 -43.83 6.06 39.15
N ASP A 110 -44.94 6.17 38.43
CA ASP A 110 -45.05 7.12 37.33
C ASP A 110 -45.55 8.45 37.90
N GLY A 111 -44.87 9.54 37.52
CA GLY A 111 -45.14 10.84 38.10
C GLY A 111 -46.37 11.54 37.59
N TRP A 112 -47.32 10.79 37.02
CA TRP A 112 -48.56 11.39 36.57
C TRP A 112 -49.49 11.75 37.72
N ASN A 113 -49.40 11.03 38.84
CA ASN A 113 -50.31 11.21 39.95
C ASN A 113 -49.54 11.13 41.26
N CYS A 114 -50.21 11.54 42.34
CA CYS A 114 -49.68 11.38 43.69
C CYS A 114 -50.77 10.81 44.58
N ILE A 115 -50.37 9.97 45.53
CA ILE A 115 -51.30 9.33 46.46
C ILE A 115 -50.65 9.26 47.83
N SER A 116 -51.45 8.86 48.82
CA SER A 116 -50.97 8.74 50.18
C SER A 116 -49.97 7.60 50.31
N CYS A 117 -49.31 7.56 51.47
CA CYS A 117 -48.27 6.58 51.71
C CYS A 117 -48.54 5.84 53.02
N PRO A 118 -48.27 4.53 53.08
CA PRO A 118 -48.42 3.82 54.35
C PRO A 118 -47.25 3.97 55.30
N SER A 119 -46.15 4.57 54.86
CA SER A 119 -44.96 4.69 55.70
C SER A 119 -44.27 6.00 55.35
N ASP A 120 -43.01 6.13 55.78
CA ASP A 120 -42.25 7.33 55.54
C ASP A 120 -41.92 7.49 54.06
N LEU A 121 -41.46 8.69 53.71
CA LEU A 121 -41.15 9.04 52.34
C LEU A 121 -39.73 8.57 51.98
N THR A 122 -39.43 8.61 50.69
CA THR A 122 -38.09 8.30 50.20
C THR A 122 -37.36 9.58 49.82
N ALA A 123 -36.09 9.44 49.44
CA ALA A 123 -35.33 10.59 48.96
C ALA A 123 -35.94 11.14 47.68
N GLU A 124 -36.35 10.26 46.77
CA GLU A 124 -37.09 10.65 45.58
C GLU A 124 -38.58 10.78 45.83
N GLY A 125 -39.03 10.49 47.05
CA GLY A 125 -40.44 10.61 47.39
C GLY A 125 -41.34 9.66 46.64
N LYS A 126 -40.99 8.37 46.61
CA LYS A 126 -41.74 7.39 45.85
C LYS A 126 -42.36 6.31 46.73
N CYS A 127 -42.43 6.54 48.04
CA CYS A 127 -43.29 5.77 48.94
C CYS A 127 -42.94 4.28 48.94
N HIS A 128 -41.71 3.98 49.35
CA HIS A 128 -41.26 2.60 49.42
C HIS A 128 -41.79 1.92 50.68
N CYS A 129 -41.65 0.58 50.71
CA CYS A 129 -41.88 -0.18 51.94
C CYS A 129 -40.79 -1.25 51.99
N PRO A 130 -40.70 -2.09 53.06
CA PRO A 130 -39.46 -2.86 53.28
C PRO A 130 -39.08 -3.86 52.21
N ILE A 131 -38.01 -4.61 52.48
CA ILE A 131 -37.23 -5.27 51.44
C ILE A 131 -38.06 -6.25 50.64
N GLY A 132 -38.82 -7.11 51.31
CA GLY A 132 -39.38 -8.26 50.64
C GLY A 132 -40.75 -8.12 50.01
N HIS A 133 -41.26 -6.90 49.80
CA HIS A 133 -42.65 -6.71 49.41
C HIS A 133 -42.77 -6.03 48.06
N ILE A 134 -43.98 -6.11 47.49
CA ILE A 134 -44.32 -5.39 46.27
C ILE A 134 -45.24 -4.23 46.61
N LEU A 135 -45.02 -3.12 45.93
CA LEU A 135 -45.67 -1.85 46.23
C LEU A 135 -46.89 -1.73 45.31
N VAL A 136 -48.07 -2.05 45.84
CA VAL A 136 -49.32 -2.03 45.08
C VAL A 136 -49.93 -0.65 45.24
N GLU A 137 -50.13 0.05 44.13
CA GLU A 137 -50.84 1.31 44.13
C GLU A 137 -52.02 1.32 43.18
N ARG A 138 -51.92 0.63 42.06
CA ARG A 138 -53.02 0.52 41.12
C ARG A 138 -53.96 -0.58 41.60
N ASP A 139 -54.84 -1.04 40.73
CA ASP A 139 -55.67 -2.20 41.00
C ASP A 139 -55.47 -3.21 39.89
N ILE A 140 -56.37 -4.19 39.78
CA ILE A 140 -56.43 -5.00 38.57
C ILE A 140 -56.83 -4.13 37.38
N ASN A 141 -57.80 -3.24 37.58
CA ASN A 141 -58.29 -2.42 36.48
C ASN A 141 -57.24 -1.45 35.99
N GLY A 142 -56.35 -1.01 36.87
CA GLY A 142 -55.51 0.15 36.63
C GLY A 142 -55.98 1.41 37.31
N THR A 143 -57.11 1.39 38.03
CA THR A 143 -57.55 2.55 38.78
C THR A 143 -56.68 2.77 40.00
N LEU A 144 -56.62 4.03 40.46
CA LEU A 144 -55.83 4.35 41.63
C LEU A 144 -56.49 3.83 42.90
N LEU A 145 -55.69 3.76 43.97
CA LEU A 145 -56.18 3.35 45.28
C LEU A 145 -56.04 4.41 46.36
N SER A 146 -55.15 5.38 46.21
CA SER A 146 -54.96 6.50 47.12
C SER A 146 -54.46 6.09 48.50
N GLN A 147 -54.17 4.81 48.72
CA GLN A 147 -53.59 4.35 49.98
C GLN A 147 -52.27 3.63 49.81
N ALA A 148 -52.05 2.94 48.70
CA ALA A 148 -50.76 2.35 48.36
C ALA A 148 -50.32 1.32 49.41
N THR A 149 -51.15 0.31 49.59
CA THR A 149 -50.76 -0.82 50.42
C THR A 149 -49.74 -1.68 49.68
N CYS A 150 -48.91 -2.40 50.43
CA CYS A 150 -47.93 -3.27 49.80
C CYS A 150 -47.97 -4.65 50.45
N GLU A 151 -48.06 -5.68 49.61
CA GLU A 151 -48.38 -7.04 50.01
C GLU A 151 -47.21 -7.97 49.72
N LEU A 152 -47.12 -9.04 50.51
CA LEU A 152 -46.04 -10.01 50.37
C LEU A 152 -46.25 -10.88 49.15
N CYS A 153 -45.20 -11.04 48.34
CA CYS A 153 -45.20 -12.09 47.33
C CYS A 153 -45.12 -13.45 48.02
N ASP A 154 -45.81 -14.43 47.47
CA ASP A 154 -45.91 -15.74 48.12
C ASP A 154 -44.57 -16.43 48.24
N GLY A 155 -44.01 -16.86 47.10
CA GLY A 155 -42.71 -17.51 47.05
C GLY A 155 -42.48 -18.72 47.94
N ASN A 156 -43.53 -19.25 48.57
CA ASN A 156 -43.30 -20.31 49.56
C ASN A 156 -44.39 -21.38 49.53
N GLU A 157 -44.93 -21.70 48.36
CA GLU A 157 -46.09 -22.58 48.33
C GLU A 157 -46.17 -23.23 46.96
N ASN A 158 -47.36 -23.73 46.61
CA ASN A 158 -47.57 -24.35 45.30
C ASN A 158 -47.39 -23.37 44.15
N SER A 159 -47.37 -22.07 44.42
CA SER A 159 -47.06 -21.06 43.41
C SER A 159 -45.99 -20.14 43.96
N PHE A 160 -44.83 -20.12 43.31
CA PHE A 160 -43.65 -19.43 43.81
C PHE A 160 -43.52 -18.08 43.12
N MET A 161 -43.19 -17.05 43.91
CA MET A 161 -43.09 -15.69 43.39
C MET A 161 -42.11 -14.88 44.23
N VAL A 162 -41.32 -14.05 43.56
CA VAL A 162 -40.35 -13.16 44.20
C VAL A 162 -40.35 -11.84 43.43
N VAL A 163 -40.05 -10.74 44.13
CA VAL A 163 -40.10 -9.41 43.50
C VAL A 163 -39.13 -9.35 42.32
N ASN A 164 -39.36 -8.38 41.43
CA ASN A 164 -38.75 -8.37 40.11
C ASN A 164 -37.82 -7.18 39.89
N ALA A 165 -37.09 -6.77 40.92
CA ALA A 165 -36.03 -5.76 40.85
C ALA A 165 -36.57 -4.36 40.57
N LEU A 166 -37.86 -4.20 40.34
CA LEU A 166 -38.47 -2.88 40.24
C LEU A 166 -39.53 -2.65 41.30
N GLY A 167 -39.84 -3.65 42.11
CA GLY A 167 -40.80 -3.49 43.18
C GLY A 167 -42.23 -3.38 42.73
N ASP A 168 -42.55 -3.84 41.52
CA ASP A 168 -43.89 -3.68 40.98
C ASP A 168 -44.72 -4.96 41.07
N ARG A 169 -44.24 -6.05 40.49
CA ARG A 169 -45.05 -7.26 40.37
C ARG A 169 -44.26 -8.48 40.80
N CYS A 170 -44.96 -9.45 41.36
CA CYS A 170 -44.34 -10.74 41.67
C CYS A 170 -43.94 -11.44 40.37
N VAL A 171 -42.80 -12.13 40.42
CA VAL A 171 -42.29 -12.89 39.29
C VAL A 171 -41.64 -14.15 39.84
N ARG A 172 -41.56 -15.19 39.00
CA ARG A 172 -41.15 -16.50 39.48
C ARG A 172 -39.66 -16.54 39.82
N CYS A 173 -39.34 -17.30 40.86
CA CYS A 173 -37.98 -17.48 41.36
C CYS A 173 -37.28 -18.64 40.68
N GLU A 174 -35.95 -18.62 40.73
CA GLU A 174 -35.12 -19.41 39.82
C GLU A 174 -35.42 -20.90 39.96
N PRO A 175 -35.47 -21.64 38.85
CA PRO A 175 -35.83 -23.07 38.92
C PRO A 175 -34.88 -23.90 39.74
N THR A 176 -33.60 -23.52 39.81
CA THR A 176 -32.69 -24.24 40.70
C THR A 176 -33.14 -24.14 42.15
N PHE A 177 -33.53 -22.93 42.56
CA PHE A 177 -34.00 -22.70 43.93
C PHE A 177 -35.19 -23.58 44.24
N VAL A 178 -36.18 -23.59 43.35
CA VAL A 178 -37.38 -24.37 43.56
C VAL A 178 -37.14 -25.86 43.42
N ASN A 179 -36.01 -26.27 42.82
CA ASN A 179 -35.73 -27.70 42.80
C ASN A 179 -35.05 -28.16 44.08
N THR A 180 -33.84 -27.67 44.35
CA THR A 180 -33.07 -28.25 45.44
C THR A 180 -33.64 -27.88 46.79
N SER A 181 -33.92 -26.60 46.99
CA SER A 181 -34.72 -26.19 48.14
C SER A 181 -36.17 -26.55 47.84
N ARG A 182 -37.09 -26.12 48.70
CA ARG A 182 -38.48 -26.39 48.41
C ARG A 182 -39.24 -25.16 47.94
N SER A 183 -38.90 -23.97 48.43
CA SER A 183 -39.44 -22.79 47.79
C SER A 183 -38.46 -21.62 47.95
N CYS A 184 -37.49 -21.55 47.05
CA CYS A 184 -36.57 -20.42 46.89
C CYS A 184 -36.28 -19.64 48.16
N ALA A 185 -35.75 -20.34 49.16
CA ALA A 185 -35.15 -19.74 50.35
C ALA A 185 -33.65 -19.95 50.37
N CYS A 186 -33.20 -21.19 50.17
CA CYS A 186 -31.78 -21.55 50.07
C CYS A 186 -31.03 -21.16 51.35
N SER A 187 -31.44 -21.83 52.43
CA SER A 187 -30.92 -21.55 53.76
C SER A 187 -29.54 -22.17 53.93
N GLU A 188 -29.07 -22.25 55.18
CA GLU A 188 -27.73 -22.73 55.46
C GLU A 188 -27.45 -24.16 54.98
N PRO A 189 -28.34 -25.14 55.15
CA PRO A 189 -27.97 -26.51 54.74
C PRO A 189 -27.70 -26.66 53.25
N ASN A 190 -28.14 -25.73 52.42
CA ASN A 190 -27.80 -25.71 51.01
C ASN A 190 -26.74 -24.65 50.75
N ILE A 191 -26.34 -24.52 49.49
CA ILE A 191 -25.25 -23.64 49.10
C ILE A 191 -25.76 -22.70 48.01
N LEU A 192 -25.47 -21.41 48.18
CA LEU A 192 -25.86 -20.38 47.21
C LEU A 192 -24.59 -19.76 46.65
N THR A 193 -24.22 -20.17 45.44
CA THR A 193 -23.04 -19.63 44.79
C THR A 193 -23.37 -19.24 43.36
N GLY A 194 -22.83 -18.10 42.93
CA GLY A 194 -23.01 -17.64 41.56
C GLY A 194 -24.44 -17.43 41.13
N GLY A 195 -25.40 -17.61 42.03
CA GLY A 195 -26.80 -17.40 41.73
C GLY A 195 -27.65 -18.66 41.72
N LEU A 196 -27.08 -19.83 41.97
CA LEU A 196 -27.80 -21.08 41.97
C LEU A 196 -27.81 -21.66 43.39
N CYS A 197 -28.54 -22.75 43.59
CA CYS A 197 -28.69 -23.33 44.93
C CYS A 197 -28.58 -24.85 44.84
N PHE A 198 -27.37 -25.37 44.98
CA PHE A 198 -27.11 -26.80 44.86
C PHE A 198 -27.26 -27.50 46.21
N SER A 199 -27.85 -28.68 46.19
CA SER A 199 -28.00 -29.45 47.41
C SER A 199 -26.64 -29.87 47.95
N SER A 200 -26.53 -29.98 49.26
CA SER A 200 -25.26 -30.34 49.86
C SER A 200 -24.96 -31.83 49.73
N THR A 201 -26.00 -32.69 49.82
CA THR A 201 -25.78 -34.13 49.84
C THR A 201 -25.21 -34.65 48.53
N GLY A 202 -25.70 -34.15 47.40
CA GLY A 202 -25.27 -34.62 46.11
C GLY A 202 -23.85 -34.23 45.78
N ASN A 203 -23.43 -34.61 44.57
CA ASN A 203 -22.06 -34.34 44.14
C ASN A 203 -21.82 -32.85 44.03
N PHE A 204 -20.60 -32.44 44.37
CA PHE A 204 -20.26 -31.02 44.47
C PHE A 204 -18.75 -30.89 44.55
N PRO A 205 -18.14 -29.98 43.79
CA PRO A 205 -16.68 -29.87 43.80
C PRO A 205 -16.15 -29.27 45.10
N LEU A 206 -16.03 -30.10 46.13
CA LEU A 206 -15.61 -29.63 47.45
C LEU A 206 -14.09 -29.61 47.47
N ARG A 207 -13.53 -28.42 47.29
CA ARG A 207 -12.09 -28.18 47.30
C ARG A 207 -11.85 -26.69 47.20
N ARG A 208 -10.78 -26.23 47.85
CA ARG A 208 -10.49 -24.81 47.89
C ARG A 208 -9.95 -24.32 46.55
N ILE A 209 -10.84 -23.88 45.68
CA ILE A 209 -10.50 -23.41 44.34
C ILE A 209 -9.43 -22.33 44.42
N SER A 210 -8.63 -22.20 43.36
CA SER A 210 -7.67 -21.11 43.23
C SER A 210 -8.06 -20.29 42.02
N ALA A 211 -8.46 -19.05 42.24
CA ALA A 211 -8.92 -18.17 41.17
C ALA A 211 -7.79 -17.27 40.67
N ALA A 212 -6.68 -17.89 40.30
CA ALA A 212 -5.48 -17.14 39.89
C ALA A 212 -5.30 -17.26 38.39
N ARG A 213 -5.03 -16.13 37.74
CA ARG A 213 -4.87 -16.08 36.29
C ARG A 213 -3.39 -15.87 35.97
N TYR A 214 -2.80 -16.80 35.22
CA TYR A 214 -1.38 -16.74 34.95
C TYR A 214 -1.05 -15.59 34.00
N GLY A 215 -0.05 -14.80 34.37
CA GLY A 215 0.31 -13.61 33.64
C GLY A 215 1.48 -13.80 32.70
N GLU A 216 2.17 -12.70 32.42
CA GLU A 216 3.20 -12.66 31.38
C GLU A 216 4.38 -13.58 31.67
N VAL A 217 5.14 -13.28 32.71
CA VAL A 217 6.38 -14.00 32.96
C VAL A 217 6.39 -14.52 34.39
N GLY A 218 6.22 -13.62 35.35
CA GLY A 218 6.24 -14.02 36.74
C GLY A 218 5.16 -13.35 37.56
N MET A 219 4.07 -12.96 36.91
CA MET A 219 2.98 -12.25 37.56
C MET A 219 1.78 -13.16 37.74
N SER A 220 0.78 -12.65 38.46
CA SER A 220 -0.50 -13.30 38.67
C SER A 220 -1.40 -12.34 39.44
N LEU A 221 -2.71 -12.44 39.19
CA LEU A 221 -3.66 -11.55 39.85
C LEU A 221 -5.00 -12.26 40.00
N THR A 222 -5.58 -12.17 41.20
CA THR A 222 -6.80 -12.90 41.52
C THR A 222 -7.96 -12.22 40.82
N SER A 223 -8.24 -12.64 39.60
CA SER A 223 -9.32 -12.03 38.83
C SER A 223 -10.66 -12.32 39.48
N GLU A 224 -11.57 -11.35 39.41
CA GLU A 224 -12.87 -11.50 40.05
C GLU A 224 -13.78 -12.44 39.27
N TRP A 225 -13.66 -12.46 37.94
CA TRP A 225 -14.53 -13.28 37.13
C TRP A 225 -14.43 -14.74 37.54
N PHE A 226 -13.20 -15.27 37.66
CA PHE A 226 -13.04 -16.65 38.09
C PHE A 226 -13.63 -16.85 39.47
N ALA A 227 -13.22 -16.02 40.42
CA ALA A 227 -13.58 -16.24 41.82
C ALA A 227 -15.08 -16.14 42.05
N LYS A 228 -15.81 -15.55 41.12
CA LYS A 228 -17.27 -15.52 41.25
C LYS A 228 -17.97 -16.61 40.47
N TYR A 229 -17.57 -16.90 39.23
CA TYR A 229 -18.32 -17.80 38.36
C TYR A 229 -17.58 -19.10 38.05
N LEU A 230 -16.66 -19.54 38.90
CA LEU A 230 -15.95 -20.77 38.59
C LEU A 230 -16.56 -21.98 39.30
N GLN A 231 -16.66 -21.93 40.63
CA GLN A 231 -17.24 -23.05 41.35
C GLN A 231 -18.69 -23.30 40.95
N SER A 232 -19.46 -22.22 40.76
CA SER A 232 -20.86 -22.37 40.41
C SER A 232 -21.01 -23.03 39.05
N SER A 233 -20.21 -22.62 38.07
CA SER A 233 -20.32 -23.22 36.74
C SER A 233 -19.89 -24.67 36.76
N ALA A 234 -18.85 -25.00 37.52
CA ALA A 234 -18.46 -26.41 37.63
C ALA A 234 -19.60 -27.24 38.21
N ALA A 235 -20.17 -26.79 39.33
CA ALA A 235 -21.20 -27.59 39.99
C ALA A 235 -22.48 -27.67 39.17
N ALA A 236 -22.80 -26.61 38.41
CA ALA A 236 -23.99 -26.66 37.57
C ALA A 236 -23.78 -27.54 36.35
N CYS A 237 -22.56 -27.55 35.80
CA CYS A 237 -22.29 -28.47 34.71
C CYS A 237 -22.36 -29.91 35.16
N TRP A 238 -21.95 -30.18 36.40
CA TRP A 238 -21.94 -31.56 36.87
C TRP A 238 -23.31 -32.03 37.33
N VAL A 239 -23.92 -31.31 38.27
CA VAL A 239 -25.15 -31.79 38.91
C VAL A 239 -26.30 -31.83 37.90
N TYR A 240 -26.69 -30.67 37.40
CA TYR A 240 -27.63 -30.59 36.29
C TYR A 240 -26.84 -30.74 34.99
N ALA A 241 -27.56 -30.76 33.87
CA ALA A 241 -26.91 -30.82 32.57
C ALA A 241 -26.89 -29.47 31.88
N ASN A 242 -26.73 -28.39 32.63
CA ASN A 242 -27.05 -27.07 32.11
C ASN A 242 -25.89 -26.61 31.24
N LEU A 243 -26.01 -26.87 29.93
CA LEU A 243 -24.85 -26.91 29.04
C LEU A 243 -24.11 -25.58 29.00
N THR A 244 -24.83 -24.46 28.98
CA THR A 244 -24.16 -23.18 28.86
C THR A 244 -23.15 -22.95 29.97
N SER A 245 -23.34 -23.58 31.12
CA SER A 245 -22.30 -23.47 32.15
C SER A 245 -21.10 -24.36 31.86
N CYS A 246 -21.30 -25.53 31.25
CA CYS A 246 -20.16 -26.34 30.83
C CYS A 246 -19.30 -25.57 29.83
N GLN A 247 -19.94 -24.89 28.88
CA GLN A 247 -19.18 -24.03 27.99
C GLN A 247 -18.55 -22.87 28.75
N ALA A 248 -19.25 -22.34 29.76
CA ALA A 248 -18.71 -21.23 30.53
C ALA A 248 -17.51 -21.63 31.36
N LEU A 249 -17.31 -22.92 31.59
CA LEU A 249 -16.11 -23.40 32.24
C LEU A 249 -15.02 -23.75 31.25
N GLY A 250 -15.39 -24.21 30.06
CA GLY A 250 -14.40 -24.32 28.99
C GLY A 250 -13.77 -22.99 28.68
N ASN A 251 -14.58 -21.93 28.65
CA ASN A 251 -14.04 -20.61 28.38
C ASN A 251 -13.14 -20.12 29.50
N MET A 252 -13.37 -20.55 30.74
CA MET A 252 -12.46 -20.16 31.82
C MET A 252 -11.17 -20.96 31.78
N CYS A 253 -11.22 -22.18 31.26
CA CYS A 253 -9.98 -22.90 31.02
C CYS A 253 -9.22 -22.35 29.81
N VAL A 254 -9.89 -21.59 28.94
CA VAL A 254 -9.17 -21.00 27.81
C VAL A 254 -8.66 -19.60 28.13
N MET A 255 -9.42 -18.77 28.86
CA MET A 255 -8.93 -17.42 29.16
C MET A 255 -7.69 -17.48 30.04
N ASN A 256 -7.70 -18.30 31.07
CA ASN A 256 -6.46 -18.79 31.63
C ASN A 256 -5.84 -19.72 30.61
N MET A 257 -4.53 -19.65 30.46
CA MET A 257 -3.87 -20.16 29.25
C MET A 257 -3.67 -21.68 29.26
N ASN A 258 -4.79 -22.41 29.32
CA ASN A 258 -4.79 -23.86 29.22
C ASN A 258 -3.80 -24.54 30.17
N SER A 259 -3.32 -23.83 31.18
CA SER A 259 -2.19 -24.30 31.98
C SER A 259 -2.66 -25.34 32.98
N TYR A 260 -2.36 -26.59 32.69
CA TYR A 260 -2.78 -27.71 33.54
C TYR A 260 -1.64 -28.08 34.47
N ASP A 261 -1.62 -27.47 35.66
CA ASP A 261 -0.50 -27.68 36.58
C ASP A 261 -0.45 -29.12 37.08
N PHE A 262 -1.60 -29.78 37.22
CA PHE A 262 -1.72 -31.17 37.64
C PHE A 262 -1.33 -31.39 39.09
N ALA A 263 -1.05 -30.33 39.84
CA ALA A 263 -0.93 -30.43 41.29
C ALA A 263 -1.69 -29.34 42.05
N THR A 264 -1.96 -28.19 41.44
CA THR A 264 -2.83 -27.18 42.00
C THR A 264 -4.23 -27.36 41.43
N PHE A 265 -5.13 -26.44 41.75
CA PHE A 265 -6.55 -26.66 41.43
C PHE A 265 -7.14 -25.32 41.02
N ASP A 266 -7.12 -25.05 39.72
CA ASP A 266 -7.64 -23.82 39.14
C ASP A 266 -8.47 -24.17 37.92
N ALA A 267 -8.78 -23.19 37.07
CA ALA A 267 -9.80 -23.38 36.05
C ALA A 267 -9.58 -24.66 35.24
N CYS A 268 -8.34 -24.89 34.78
CA CYS A 268 -8.12 -26.07 33.94
C CYS A 268 -7.95 -27.33 34.77
N GLY A 269 -7.42 -27.23 35.98
CA GLY A 269 -7.48 -28.37 36.88
C GLY A 269 -8.90 -28.77 37.20
N LEU A 270 -9.78 -27.79 37.40
CA LEU A 270 -11.19 -28.07 37.63
C LEU A 270 -11.84 -28.70 36.41
N PHE A 271 -11.50 -28.22 35.21
CA PHE A 271 -12.06 -28.82 34.01
C PHE A 271 -11.64 -30.27 33.89
N GLN A 272 -10.38 -30.57 34.19
CA GLN A 272 -9.95 -31.96 34.12
C GLN A 272 -10.60 -32.80 35.21
N PHE A 273 -10.89 -32.23 36.38
CA PHE A 273 -11.60 -32.97 37.42
C PHE A 273 -13.01 -33.33 36.95
N ILE A 274 -13.74 -32.37 36.40
CA ILE A 274 -15.08 -32.64 35.88
C ILE A 274 -15.02 -33.68 34.77
N PHE A 275 -14.03 -33.56 33.88
CA PHE A 275 -13.84 -34.56 32.83
C PHE A 275 -13.65 -35.95 33.42
N GLU A 276 -12.82 -36.08 34.45
CA GLU A 276 -12.55 -37.40 35.03
C GLU A 276 -13.78 -37.97 35.72
N ASN A 277 -14.59 -37.14 36.37
CA ASN A 277 -15.70 -37.65 37.16
C ASN A 277 -16.98 -37.85 36.37
N THR A 278 -17.00 -37.54 35.08
CA THR A 278 -18.21 -37.59 34.29
C THR A 278 -18.03 -38.67 33.23
N ALA A 279 -17.52 -39.83 33.63
CA ALA A 279 -17.16 -40.87 32.69
C ALA A 279 -18.29 -41.84 32.38
N GLY A 280 -19.43 -41.73 33.08
CA GLY A 280 -20.52 -42.65 32.82
C GLY A 280 -21.11 -42.47 31.43
N LEU A 281 -21.25 -41.23 30.99
CA LEU A 281 -21.76 -40.90 29.67
C LEU A 281 -20.58 -40.50 28.78
N SER A 282 -20.21 -41.39 27.88
CA SER A 282 -18.79 -41.56 27.51
C SER A 282 -18.22 -40.52 26.55
N THR A 283 -18.66 -40.55 25.30
CA THR A 283 -18.00 -39.75 24.27
C THR A 283 -19.04 -39.38 23.24
N VAL A 284 -18.74 -38.37 22.42
CA VAL A 284 -19.83 -37.78 21.66
C VAL A 284 -19.90 -38.32 20.24
N HIS A 285 -18.87 -38.12 19.40
CA HIS A 285 -18.96 -38.70 18.07
C HIS A 285 -18.16 -39.98 17.97
N SER A 286 -16.86 -39.86 17.98
CA SER A 286 -16.00 -41.00 18.24
C SER A 286 -14.74 -40.58 18.95
N ILE A 287 -14.60 -39.33 19.34
CA ILE A 287 -13.35 -38.75 19.77
C ILE A 287 -13.19 -39.01 21.27
N SER A 288 -12.19 -39.80 21.64
CA SER A 288 -12.04 -40.15 23.05
C SER A 288 -11.77 -38.95 23.93
N PHE A 289 -11.40 -37.81 23.36
CA PHE A 289 -11.10 -36.60 24.12
C PHE A 289 -12.32 -35.72 24.34
N TRP A 290 -13.47 -36.08 23.79
CA TRP A 290 -14.66 -35.23 23.79
C TRP A 290 -15.71 -35.87 24.68
N ARG A 291 -15.97 -35.26 25.84
CA ARG A 291 -16.97 -35.81 26.73
C ARG A 291 -18.36 -35.40 26.28
N GLN A 292 -19.37 -36.10 26.80
CA GLN A 292 -20.71 -36.01 26.24
C GLN A 292 -21.28 -34.61 26.36
N ASN A 293 -21.06 -33.94 27.49
CA ASN A 293 -21.62 -32.62 27.73
C ASN A 293 -20.60 -31.50 27.57
N LEU A 294 -19.41 -31.68 28.10
CA LEU A 294 -18.33 -30.72 28.05
C LEU A 294 -17.99 -30.40 26.60
N PRO A 295 -17.28 -29.33 26.32
CA PRO A 295 -16.81 -29.08 24.97
C PRO A 295 -15.50 -29.82 24.73
N TRP A 296 -14.96 -29.66 23.53
CA TRP A 296 -13.69 -30.26 23.15
C TRP A 296 -12.62 -29.19 23.28
N LEU A 297 -11.79 -29.30 24.30
CA LEU A 297 -10.73 -28.32 24.55
C LEU A 297 -9.34 -28.87 24.28
N PHE A 298 -9.00 -30.03 24.82
CA PHE A 298 -7.68 -30.59 24.69
C PHE A 298 -7.66 -31.69 23.64
N TYR A 299 -6.46 -32.06 23.22
CA TYR A 299 -6.27 -33.24 22.41
C TYR A 299 -5.80 -34.43 23.21
N GLY A 300 -5.56 -34.24 24.50
CA GLY A 300 -5.13 -35.30 25.38
C GLY A 300 -4.21 -34.74 26.44
N ASP A 301 -4.27 -35.33 27.63
CA ASP A 301 -3.47 -34.85 28.76
C ASP A 301 -2.04 -35.34 28.71
N GLN A 302 -1.57 -35.86 27.58
CA GLN A 302 -0.24 -36.43 27.46
C GLN A 302 0.48 -35.81 26.27
N LEU A 303 1.78 -36.10 26.19
CA LEU A 303 2.69 -35.33 25.34
C LEU A 303 3.29 -36.16 24.22
N GLY A 304 2.49 -36.90 23.47
CA GLY A 304 2.95 -37.57 22.28
C GLY A 304 2.04 -37.51 21.08
N LEU A 305 0.89 -36.86 21.19
CA LEU A 305 -0.12 -36.86 20.15
C LEU A 305 0.09 -35.79 19.09
N ALA A 306 1.29 -35.25 18.96
CA ALA A 306 1.45 -34.21 17.96
C ALA A 306 1.61 -34.78 16.55
N PRO A 307 2.52 -35.73 16.30
CA PRO A 307 2.64 -36.25 14.93
C PRO A 307 1.43 -37.03 14.48
N GLN A 308 0.87 -37.87 15.35
CA GLN A 308 -0.27 -38.70 14.97
C GLN A 308 -1.48 -37.86 14.60
N VAL A 309 -1.51 -36.59 15.01
CA VAL A 309 -2.60 -35.71 14.65
C VAL A 309 -2.24 -34.89 13.42
N LEU A 310 -1.03 -34.34 13.40
CA LEU A 310 -0.62 -33.46 12.32
C LEU A 310 -0.26 -34.19 11.03
N SER A 311 -0.21 -35.51 11.03
CA SER A 311 0.29 -36.25 9.88
C SER A 311 -0.69 -37.30 9.35
N SER A 312 -1.98 -37.16 9.62
CA SER A 312 -2.97 -38.09 9.12
C SER A 312 -3.71 -37.47 7.95
N THR A 313 -3.88 -38.24 6.88
CA THR A 313 -4.38 -37.67 5.64
C THR A 313 -5.77 -37.07 5.79
N SER A 314 -6.79 -37.91 5.98
CA SER A 314 -8.15 -37.48 6.32
C SER A 314 -8.63 -36.21 5.64
N LEU A 315 -8.35 -36.04 4.37
CA LEU A 315 -8.91 -34.93 3.61
C LEU A 315 -8.98 -35.29 2.13
N PRO A 316 -10.16 -35.61 1.61
CA PRO A 316 -10.24 -36.06 0.21
C PRO A 316 -10.22 -34.94 -0.80
N THR A 317 -10.20 -33.68 -0.39
CA THR A 317 -10.22 -32.60 -1.36
C THR A 317 -8.97 -32.63 -2.22
N ASN A 318 -9.12 -32.25 -3.49
CA ASN A 318 -8.01 -32.14 -4.42
C ASN A 318 -7.92 -30.71 -4.92
N PHE A 319 -7.08 -29.92 -4.24
CA PHE A 319 -6.88 -28.54 -4.60
C PHE A 319 -6.10 -28.43 -5.89
N SER A 320 -6.27 -27.32 -6.59
CA SER A 320 -5.58 -27.09 -7.84
C SER A 320 -5.33 -25.60 -7.97
N PHE A 321 -4.96 -25.15 -9.17
CA PHE A 321 -4.71 -23.74 -9.38
C PHE A 321 -5.66 -23.09 -10.38
N LYS A 322 -5.74 -23.62 -11.61
CA LYS A 322 -6.46 -22.89 -12.64
C LYS A 322 -7.54 -23.69 -13.36
N GLY A 323 -7.26 -24.94 -13.70
CA GLY A 323 -7.96 -25.58 -14.79
C GLY A 323 -9.31 -26.18 -14.50
N GLU A 324 -9.55 -27.40 -15.01
CA GLU A 324 -10.84 -28.05 -14.88
C GLU A 324 -11.18 -28.41 -13.45
N ASN A 325 -10.21 -28.33 -12.53
CA ASN A 325 -10.48 -28.49 -11.10
C ASN A 325 -10.81 -27.13 -10.50
N GLN A 326 -11.92 -27.08 -9.77
CA GLN A 326 -12.46 -25.81 -9.28
C GLN A 326 -12.39 -25.72 -7.76
N ASN A 327 -11.24 -26.08 -7.20
CA ASN A 327 -10.99 -25.94 -5.77
C ASN A 327 -9.71 -25.12 -5.59
N THR A 328 -9.86 -23.81 -5.48
CA THR A 328 -8.73 -22.94 -5.23
C THR A 328 -8.75 -22.34 -3.84
N LYS A 329 -9.86 -22.42 -3.12
CA LYS A 329 -10.01 -21.75 -1.84
C LYS A 329 -10.25 -22.75 -0.74
N LEU A 330 -9.66 -22.49 0.41
CA LEU A 330 -9.83 -23.32 1.59
C LEU A 330 -11.13 -22.94 2.29
N LYS A 331 -11.96 -23.92 2.58
CA LYS A 331 -13.29 -23.66 3.12
C LYS A 331 -13.26 -23.83 4.63
N PHE A 332 -13.00 -22.73 5.34
CA PHE A 332 -12.98 -22.75 6.79
C PHE A 332 -14.35 -22.35 7.33
N VAL A 333 -14.68 -22.85 8.53
CA VAL A 333 -15.84 -22.44 9.28
C VAL A 333 -15.41 -22.32 10.73
N ALA A 334 -16.26 -21.72 11.57
CA ALA A 334 -15.86 -21.47 12.94
C ALA A 334 -17.05 -21.19 13.85
N ALA A 335 -17.30 -22.03 14.83
CA ALA A 335 -18.43 -21.84 15.74
C ALA A 335 -18.03 -20.94 16.89
N SER A 336 -18.71 -19.82 17.06
CA SER A 336 -18.28 -18.80 17.99
C SER A 336 -19.21 -18.78 19.21
N TYR A 337 -18.63 -18.97 20.39
CA TYR A 337 -19.35 -18.94 21.66
C TYR A 337 -19.06 -17.66 22.41
N ASP A 338 -20.05 -17.16 23.15
CA ASP A 338 -19.87 -15.97 23.96
C ASP A 338 -19.06 -16.34 25.20
N ILE A 339 -18.93 -15.42 26.16
CA ILE A 339 -18.24 -15.78 27.40
C ILE A 339 -19.03 -16.84 28.14
N ARG A 340 -20.31 -16.61 28.28
CA ARG A 340 -21.18 -17.47 29.07
C ARG A 340 -21.55 -18.76 28.35
N GLY A 341 -20.98 -19.01 27.18
CA GLY A 341 -21.27 -20.22 26.44
C GLY A 341 -22.63 -20.23 25.82
N ASN A 342 -22.86 -19.43 24.79
CA ASN A 342 -24.17 -19.28 24.21
C ASN A 342 -24.30 -19.74 22.76
N PHE A 343 -23.20 -20.03 22.07
CA PHE A 343 -23.22 -20.46 20.68
C PHE A 343 -23.89 -19.42 19.77
N LEU A 344 -23.17 -18.32 19.58
CA LEU A 344 -23.63 -17.28 18.67
C LEU A 344 -24.08 -17.82 17.31
N LYS A 345 -23.19 -18.42 16.52
CA LYS A 345 -23.51 -18.79 15.14
C LYS A 345 -22.34 -19.54 14.51
N TRP A 346 -22.62 -20.19 13.38
CA TRP A 346 -21.58 -20.67 12.46
C TRP A 346 -21.22 -19.54 11.51
N GLN A 347 -19.97 -19.51 11.06
CA GLN A 347 -19.63 -18.54 10.03
C GLN A 347 -18.34 -18.91 9.34
N THR A 348 -18.28 -18.63 8.05
CA THR A 348 -17.03 -18.76 7.32
C THR A 348 -16.05 -17.71 7.78
N LEU A 349 -14.77 -18.07 7.77
CA LEU A 349 -13.72 -17.16 8.22
C LEU A 349 -13.47 -16.03 7.24
N GLU A 350 -14.11 -16.04 6.08
CA GLU A 350 -13.90 -14.98 5.11
C GLU A 350 -14.46 -13.67 5.63
N GLY A 351 -14.04 -12.58 4.99
CA GLY A 351 -14.50 -11.27 5.39
C GLY A 351 -13.74 -10.66 6.54
N GLY A 352 -12.73 -11.34 7.07
CA GLY A 352 -11.89 -10.74 8.08
C GLY A 352 -12.23 -11.13 9.50
N VAL A 353 -12.42 -12.41 9.75
CA VAL A 353 -12.59 -12.95 11.10
C VAL A 353 -11.25 -13.51 11.55
N LEU A 354 -10.94 -13.28 12.83
CA LEU A 354 -9.64 -13.65 13.43
C LEU A 354 -8.48 -13.11 12.61
N GLN A 355 -8.65 -11.92 12.04
CA GLN A 355 -7.53 -11.10 11.60
C GLN A 355 -7.93 -9.66 11.84
N LEU A 356 -7.39 -9.08 12.91
CA LEU A 356 -7.88 -7.83 13.46
C LEU A 356 -7.09 -6.62 12.98
N CYS A 357 -6.57 -6.69 11.77
CA CYS A 357 -5.97 -5.58 11.03
C CYS A 357 -6.91 -5.15 9.91
N PRO A 358 -7.18 -3.85 9.83
CA PRO A 358 -8.10 -3.30 8.84
C PRO A 358 -7.56 -3.27 7.42
N ASP A 359 -8.42 -3.62 6.47
CA ASP A 359 -8.07 -3.64 5.05
C ASP A 359 -9.33 -3.70 4.19
N THR A 360 -9.16 -3.62 2.88
CA THR A 360 -10.29 -3.67 1.97
C THR A 360 -10.84 -5.08 1.84
N GLU A 361 -12.11 -5.22 1.52
CA GLU A 361 -12.71 -6.55 1.38
C GLU A 361 -11.93 -7.60 0.58
N THR A 362 -11.18 -7.12 -0.41
CA THR A 362 -10.42 -8.00 -1.29
C THR A 362 -9.22 -8.73 -0.67
N ARG A 363 -8.40 -8.03 0.11
CA ARG A 363 -7.23 -8.66 0.74
C ARG A 363 -7.63 -9.71 1.79
N LEU A 364 -8.63 -9.35 2.57
CA LEU A 364 -9.14 -10.23 3.60
C LEU A 364 -9.76 -11.46 2.99
N ASN A 365 -10.45 -11.31 1.86
CA ASN A 365 -11.08 -12.45 1.20
C ASN A 365 -10.09 -13.31 0.43
N ALA A 366 -8.96 -12.72 0.07
CA ALA A 366 -7.89 -13.38 -0.66
C ALA A 366 -6.91 -14.08 0.28
N ALA A 367 -7.10 -13.89 1.58
CA ALA A 367 -6.23 -14.57 2.55
C ALA A 367 -6.27 -16.09 2.29
N TYR A 368 -7.47 -16.69 2.33
CA TYR A 368 -7.65 -18.11 2.10
C TYR A 368 -7.80 -18.28 0.60
N SER A 369 -6.69 -18.54 -0.08
CA SER A 369 -6.69 -18.76 -1.52
C SER A 369 -5.50 -19.68 -1.69
N PHE A 370 -5.76 -20.94 -2.02
CA PHE A 370 -4.67 -21.92 -2.17
C PHE A 370 -3.55 -21.47 -3.09
N GLY A 371 -2.43 -21.12 -2.49
CA GLY A 371 -1.25 -20.68 -3.19
C GLY A 371 -0.72 -19.34 -2.72
N THR A 372 -1.60 -18.38 -2.48
CA THR A 372 -1.19 -17.04 -2.08
C THR A 372 -0.72 -17.08 -0.64
N THR A 373 0.59 -16.91 -0.43
CA THR A 373 1.15 -16.93 0.91
C THR A 373 0.93 -15.57 1.55
N TYR A 374 -0.18 -15.42 2.26
CA TYR A 374 -0.56 -14.17 2.89
C TYR A 374 0.33 -13.75 4.06
N GLN A 375 0.59 -12.45 4.18
CA GLN A 375 1.38 -11.94 5.30
C GLN A 375 0.92 -10.52 5.56
N GLN A 376 0.47 -10.25 6.77
CA GLN A 376 -0.17 -8.99 7.11
C GLN A 376 0.42 -8.46 8.41
N ASN A 377 0.42 -7.15 8.56
CA ASN A 377 1.10 -6.54 9.68
C ASN A 377 0.56 -5.13 9.87
N CYS A 378 0.04 -4.82 11.05
CA CYS A 378 -0.52 -3.50 11.34
C CYS A 378 -0.17 -3.14 12.78
N GLU A 379 -0.77 -2.08 13.30
CA GLU A 379 -0.38 -1.58 14.62
C GLU A 379 -1.57 -0.88 15.25
N ILE A 380 -2.34 -1.60 16.06
CA ILE A 380 -3.58 -1.09 16.65
C ILE A 380 -3.23 -0.24 17.86
N PRO A 381 -4.00 0.80 18.18
CA PRO A 381 -3.87 1.46 19.49
C PRO A 381 -4.86 0.88 20.50
N ILE A 382 -4.57 1.11 21.78
CA ILE A 382 -5.33 0.46 22.85
C ILE A 382 -6.78 0.92 22.87
N SER A 383 -7.02 2.22 22.72
CA SER A 383 -8.39 2.71 22.90
C SER A 383 -9.34 2.05 21.92
N LYS A 384 -8.91 1.86 20.68
CA LYS A 384 -9.76 1.21 19.70
C LYS A 384 -10.06 -0.23 20.08
N ILE A 385 -9.05 -0.96 20.57
CA ILE A 385 -9.29 -2.34 20.96
C ILE A 385 -10.26 -2.42 22.13
N LEU A 386 -10.10 -1.54 23.11
CA LEU A 386 -11.02 -1.54 24.24
C LEU A 386 -12.42 -1.12 23.86
N ILE A 387 -12.58 -0.35 22.77
CA ILE A 387 -13.91 0.04 22.32
C ILE A 387 -14.56 -1.07 21.52
N ASP A 388 -13.80 -1.74 20.66
CA ASP A 388 -14.35 -2.69 19.70
C ASP A 388 -14.32 -4.14 20.19
N PHE A 389 -13.83 -4.40 21.39
CA PHE A 389 -13.82 -5.74 21.96
C PHE A 389 -14.19 -5.66 23.43
N PRO A 390 -15.43 -5.32 23.74
CA PRO A 390 -15.82 -5.20 25.15
C PRO A 390 -15.67 -6.49 25.93
N THR A 391 -15.85 -7.63 25.28
CA THR A 391 -15.80 -8.94 25.91
C THR A 391 -15.23 -9.93 24.91
N PRO A 392 -14.66 -11.03 25.37
CA PRO A 392 -14.11 -12.01 24.44
C PRO A 392 -15.21 -12.79 23.74
N ILE A 393 -14.90 -13.27 22.54
CA ILE A 393 -15.72 -14.24 21.83
C ILE A 393 -14.80 -15.36 21.37
N PHE A 394 -15.18 -16.60 21.65
CA PHE A 394 -14.31 -17.75 21.48
C PHE A 394 -14.69 -18.54 20.23
N TYR A 395 -13.70 -18.88 19.41
CA TYR A 395 -13.93 -19.61 18.16
C TYR A 395 -13.34 -21.00 18.24
N ASP A 396 -13.88 -21.90 17.42
CA ASP A 396 -13.35 -23.24 17.20
C ASP A 396 -13.28 -23.46 15.70
N VAL A 397 -12.10 -23.41 15.13
CA VAL A 397 -11.98 -23.42 13.67
C VAL A 397 -12.10 -24.85 13.17
N TYR A 398 -12.84 -25.03 12.08
CA TYR A 398 -13.05 -26.30 11.42
C TYR A 398 -12.83 -26.13 9.92
N LEU A 399 -12.45 -27.20 9.25
CA LEU A 399 -12.29 -27.19 7.79
C LEU A 399 -13.33 -28.13 7.20
N GLU A 400 -14.01 -27.68 6.17
CA GLU A 400 -15.18 -28.37 5.64
C GLU A 400 -14.87 -29.01 4.30
N TYR A 401 -15.18 -30.29 4.15
CA TYR A 401 -14.99 -30.96 2.86
C TYR A 401 -16.24 -31.74 2.49
N THR A 402 -16.16 -32.58 1.46
CA THR A 402 -17.29 -33.42 1.06
C THR A 402 -16.88 -34.89 1.12
N ASP A 403 -17.80 -35.73 1.59
CA ASP A 403 -17.52 -37.14 1.81
C ASP A 403 -17.55 -37.92 0.51
N GLU A 404 -17.58 -39.24 0.61
CA GLU A 404 -17.66 -40.08 -0.58
C GLU A 404 -19.06 -40.05 -1.18
N ASN A 405 -20.09 -40.16 -0.34
CA ASN A 405 -21.47 -40.28 -0.80
C ASN A 405 -22.21 -38.94 -0.82
N GLN A 406 -21.48 -37.84 -1.06
CA GLN A 406 -21.99 -36.49 -1.28
C GLN A 406 -22.48 -35.79 -0.02
N HIS A 407 -22.53 -36.47 1.12
CA HIS A 407 -22.75 -35.74 2.37
C HIS A 407 -21.54 -34.87 2.69
N GLN A 408 -21.77 -33.78 3.41
CA GLN A 408 -20.70 -32.87 3.76
C GLN A 408 -20.24 -33.09 5.19
N TYR A 409 -18.94 -32.87 5.43
CA TYR A 409 -18.28 -33.17 6.68
C TYR A 409 -17.48 -31.94 7.11
N ILE A 410 -16.91 -31.99 8.32
CA ILE A 410 -15.98 -30.98 8.78
C ILE A 410 -14.83 -31.67 9.51
N LEU A 411 -13.63 -31.12 9.35
CA LEU A 411 -12.44 -31.60 10.01
C LEU A 411 -12.10 -30.69 11.19
N ALA A 412 -11.17 -31.13 12.01
CA ALA A 412 -10.75 -30.34 13.16
C ALA A 412 -9.35 -29.75 12.97
N VAL A 413 -9.20 -28.50 13.39
CA VAL A 413 -7.92 -27.81 13.31
C VAL A 413 -7.36 -27.64 14.71
N PRO A 414 -6.09 -28.05 14.86
CA PRO A 414 -5.33 -28.02 16.12
C PRO A 414 -4.47 -26.76 16.24
N VAL A 415 -4.63 -26.04 17.34
CA VAL A 415 -3.88 -24.81 17.61
C VAL A 415 -2.71 -25.06 18.60
N LEU A 416 -1.51 -24.65 18.21
CA LEU A 416 -0.30 -24.75 19.03
C LEU A 416 -0.30 -23.41 19.78
N ASN A 417 -0.48 -23.46 21.10
CA ASN A 417 -0.70 -22.25 21.87
C ASN A 417 0.55 -21.46 22.20
N LEU A 418 1.71 -22.10 22.31
CA LEU A 418 2.99 -21.41 22.55
C LEU A 418 3.06 -20.66 23.88
N ASN A 419 1.98 -20.64 24.66
CA ASN A 419 1.99 -20.02 25.98
C ASN A 419 1.48 -21.01 27.03
N LEU A 420 1.58 -22.28 26.74
CA LEU A 420 0.87 -23.31 27.49
C LEU A 420 1.80 -23.89 28.55
N GLN A 421 1.66 -23.41 29.78
CA GLN A 421 2.33 -24.04 30.90
C GLN A 421 1.94 -25.50 30.94
N HIS A 422 2.81 -26.36 31.38
CA HIS A 422 2.29 -27.70 31.62
C HIS A 422 2.63 -28.23 33.00
N ASN A 423 3.82 -27.94 33.49
CA ASN A 423 4.17 -28.14 34.89
C ASN A 423 5.03 -26.96 35.31
N LYS A 424 4.58 -25.76 34.93
CA LYS A 424 5.37 -24.54 34.95
C LYS A 424 6.55 -24.61 33.98
N ILE A 425 6.43 -25.39 32.90
CA ILE A 425 7.40 -25.40 31.82
C ILE A 425 6.66 -25.22 30.51
N PHE A 426 7.17 -24.35 29.66
CA PHE A 426 6.53 -24.04 28.36
C PHE A 426 6.80 -25.17 27.40
N VAL A 427 5.80 -26.00 27.12
CA VAL A 427 6.04 -27.13 26.24
C VAL A 427 5.97 -26.70 24.78
N ASN A 428 4.94 -25.94 24.39
CA ASN A 428 4.70 -25.76 22.96
C ASN A 428 5.73 -24.90 22.25
N GLN A 429 6.62 -24.21 22.96
CA GLN A 429 7.71 -23.52 22.29
C GLN A 429 8.98 -24.35 22.45
N ASP A 430 9.09 -25.38 21.61
CA ASP A 430 10.25 -26.25 21.49
C ASP A 430 10.63 -26.39 20.03
N SER A 431 11.51 -27.35 19.74
CA SER A 431 11.78 -27.77 18.38
C SER A 431 11.33 -29.19 18.11
N ASN A 432 11.49 -30.07 19.10
CA ASN A 432 11.02 -31.46 18.99
C ASN A 432 9.50 -31.45 18.92
N SER A 433 8.94 -31.95 17.83
CA SER A 433 7.49 -31.93 17.68
C SER A 433 6.87 -33.12 18.37
N GLY A 434 7.54 -33.64 19.39
CA GLY A 434 6.99 -34.70 20.19
C GLY A 434 6.46 -34.18 21.50
N LYS A 435 7.08 -33.13 22.02
CA LYS A 435 6.64 -32.51 23.27
C LYS A 435 5.73 -31.32 22.97
N TRP A 436 4.60 -31.62 22.32
CA TRP A 436 3.64 -30.59 21.94
C TRP A 436 2.27 -30.99 22.45
N LEU A 437 1.61 -30.07 23.15
CA LEU A 437 0.19 -30.18 23.43
C LEU A 437 -0.60 -29.34 22.45
N LEU A 438 -1.64 -29.94 21.88
CA LEU A 438 -2.47 -29.30 20.88
C LEU A 438 -3.83 -28.99 21.49
N THR A 439 -4.17 -27.71 21.57
CA THR A 439 -5.42 -27.26 22.18
C THR A 439 -6.48 -27.16 21.09
N ARG A 440 -7.61 -26.52 21.38
CA ARG A 440 -8.67 -26.39 20.38
C ARG A 440 -9.29 -25.00 20.24
N ARG A 441 -9.28 -24.16 21.27
CA ARG A 441 -10.07 -22.93 21.28
C ARG A 441 -9.17 -21.71 21.27
N ILE A 442 -9.58 -20.67 20.53
CA ILE A 442 -8.83 -19.42 20.46
C ILE A 442 -9.79 -18.25 20.61
N PHE A 443 -9.23 -17.11 21.01
CA PHE A 443 -9.95 -15.85 21.02
C PHE A 443 -8.99 -14.76 20.55
N LEU A 444 -9.46 -13.52 20.51
CA LEU A 444 -8.66 -12.43 19.97
C LEU A 444 -8.29 -11.38 21.01
N VAL A 445 -9.25 -10.89 21.78
CA VAL A 445 -9.00 -9.88 22.80
C VAL A 445 -9.80 -10.24 24.04
N ASP A 446 -9.17 -10.19 25.21
CA ASP A 446 -9.76 -10.63 26.47
C ASP A 446 -9.70 -9.52 27.50
N ALA A 447 -10.70 -8.66 27.50
CA ALA A 447 -10.74 -7.53 28.42
C ALA A 447 -11.67 -7.76 29.60
N VAL A 448 -11.77 -9.00 30.07
CA VAL A 448 -12.67 -9.35 31.17
C VAL A 448 -11.93 -10.07 32.28
N SER A 449 -11.19 -11.11 31.95
CA SER A 449 -10.56 -11.93 32.97
C SER A 449 -9.39 -11.26 33.64
N GLY A 450 -9.03 -10.04 33.25
CA GLY A 450 -7.96 -9.34 33.92
C GLY A 450 -8.38 -8.43 35.04
N ARG A 451 -9.67 -8.35 35.33
CA ARG A 451 -10.18 -7.34 36.22
C ARG A 451 -9.89 -7.69 37.68
N GLU A 452 -9.51 -6.67 38.44
CA GLU A 452 -9.22 -6.81 39.86
C GLU A 452 -10.51 -6.82 40.65
N ASN A 453 -10.41 -6.53 41.95
CA ASN A 453 -11.43 -6.78 42.96
C ASN A 453 -12.89 -6.63 42.53
N ASP A 454 -13.22 -5.65 41.69
CA ASP A 454 -14.60 -5.44 41.27
C ASP A 454 -14.77 -5.75 39.78
N LEU A 455 -15.84 -6.47 39.45
CA LEU A 455 -16.08 -6.94 38.09
C LEU A 455 -16.48 -5.83 37.12
N GLY A 456 -16.77 -4.64 37.60
CA GLY A 456 -17.26 -3.62 36.69
C GLY A 456 -16.37 -2.41 36.49
N THR A 457 -15.17 -2.41 37.08
CA THR A 457 -14.42 -1.16 37.06
C THR A 457 -13.63 -0.94 35.78
N GLN A 458 -12.52 -1.65 35.62
CA GLN A 458 -11.64 -1.45 34.47
C GLN A 458 -10.51 -2.46 34.55
N PRO A 459 -10.05 -3.01 33.43
CA PRO A 459 -8.94 -3.95 33.49
C PRO A 459 -7.67 -3.24 33.90
N ARG A 460 -6.77 -3.99 34.54
CA ARG A 460 -5.40 -3.54 34.64
C ARG A 460 -4.47 -4.28 33.68
N VAL A 461 -4.89 -5.44 33.20
CA VAL A 461 -4.18 -6.17 32.15
C VAL A 461 -5.19 -6.66 31.12
N ILE A 462 -4.90 -6.43 29.85
CA ILE A 462 -5.70 -6.89 28.73
C ILE A 462 -4.83 -7.80 27.87
N ARG A 463 -5.41 -8.87 27.34
CA ARG A 463 -4.63 -9.92 26.69
C ARG A 463 -5.03 -10.06 25.24
N VAL A 464 -4.11 -9.77 24.33
CA VAL A 464 -4.36 -9.69 22.90
C VAL A 464 -3.59 -10.79 22.20
N ALA A 465 -4.17 -11.35 21.14
CA ALA A 465 -3.50 -12.39 20.34
C ALA A 465 -2.73 -11.72 19.22
N THR A 466 -1.43 -11.53 19.42
CA THR A 466 -0.63 -10.68 18.55
C THR A 466 0.13 -11.45 17.49
N GLN A 467 -0.07 -12.75 17.37
CA GLN A 467 0.64 -13.48 16.33
C GLN A 467 -0.13 -14.75 16.01
N ILE A 468 -0.80 -14.76 14.86
CA ILE A 468 -1.51 -15.92 14.37
C ILE A 468 -0.80 -16.41 13.13
N SER A 469 -0.81 -17.72 12.90
CA SER A 469 -0.18 -18.28 11.72
C SER A 469 -0.88 -19.56 11.35
N LEU A 470 -1.19 -19.69 10.07
CA LEU A 470 -1.87 -20.87 9.55
C LEU A 470 -0.92 -21.51 8.55
N SER A 471 -0.51 -22.75 8.79
CA SER A 471 0.50 -23.40 7.96
C SER A 471 -0.11 -24.61 7.28
N VAL A 472 -0.04 -24.65 5.96
CA VAL A 472 -0.60 -25.73 5.14
C VAL A 472 0.55 -26.55 4.58
N HIS A 473 0.42 -27.88 4.62
CA HIS A 473 1.53 -28.78 4.40
C HIS A 473 1.02 -29.96 3.59
N LEU A 474 1.47 -30.11 2.34
CA LEU A 474 0.88 -31.13 1.50
C LEU A 474 1.64 -32.45 1.60
N VAL A 475 0.88 -33.55 1.56
CA VAL A 475 1.40 -34.91 1.74
C VAL A 475 2.56 -35.12 0.79
N PRO A 476 3.55 -35.95 1.14
CA PRO A 476 4.83 -35.93 0.42
C PRO A 476 4.75 -36.17 -1.08
N ASN A 477 4.27 -37.33 -1.49
CA ASN A 477 4.25 -37.72 -2.90
C ASN A 477 2.80 -37.70 -3.37
N THR A 478 2.50 -36.78 -4.28
CA THR A 478 1.13 -36.59 -4.75
C THR A 478 1.09 -36.57 -6.26
N ILE A 479 -0.11 -36.72 -6.78
CA ILE A 479 -0.47 -36.24 -8.10
C ILE A 479 -1.55 -35.20 -8.02
N ASN A 480 -2.16 -35.03 -6.84
CA ASN A 480 -3.28 -34.13 -6.61
C ASN A 480 -2.92 -33.21 -5.45
N GLY A 481 -3.89 -32.48 -4.92
CA GLY A 481 -3.55 -31.50 -3.92
C GLY A 481 -3.73 -31.90 -2.47
N ASN A 482 -3.82 -33.19 -2.18
CA ASN A 482 -4.13 -33.64 -0.84
C ASN A 482 -3.16 -33.03 0.17
N ILE A 483 -3.68 -32.61 1.32
CA ILE A 483 -2.86 -31.97 2.34
C ILE A 483 -3.09 -32.65 3.68
N TYR A 484 -2.18 -32.39 4.61
CA TYR A 484 -2.37 -32.67 6.02
C TYR A 484 -3.36 -31.67 6.59
N PRO A 485 -3.92 -31.92 7.77
CA PRO A 485 -4.71 -30.89 8.43
C PRO A 485 -3.88 -29.65 8.68
N PRO A 486 -4.44 -28.47 8.47
CA PRO A 486 -3.69 -27.25 8.75
C PRO A 486 -3.40 -27.09 10.23
N LEU A 487 -2.76 -26.00 10.62
CA LEU A 487 -2.37 -25.79 12.01
C LEU A 487 -2.39 -24.31 12.28
N ILE A 488 -2.88 -23.91 13.46
CA ILE A 488 -2.94 -22.52 13.85
C ILE A 488 -2.01 -22.38 15.03
N THR A 489 -0.94 -21.61 14.89
CA THR A 489 0.03 -21.44 15.96
C THR A 489 -0.12 -20.04 16.51
N ILE A 490 -1.02 -19.88 17.47
CA ILE A 490 -1.37 -18.58 18.02
C ILE A 490 -0.55 -18.34 19.27
N ALA A 491 -0.15 -17.09 19.50
CA ALA A 491 0.65 -16.73 20.66
C ALA A 491 0.13 -15.43 21.23
N TYR A 492 -0.24 -15.44 22.51
CA TYR A 492 -0.97 -14.33 23.12
C TYR A 492 -0.04 -13.43 23.91
N SER A 493 -0.17 -12.13 23.70
CA SER A 493 0.52 -11.12 24.49
C SER A 493 -0.36 -10.65 25.62
N ASP A 494 0.26 -10.04 26.63
CA ASP A 494 -0.39 -9.67 27.88
C ASP A 494 -0.15 -8.20 28.16
N ILE A 495 -0.45 -7.35 27.18
CA ILE A 495 -0.09 -5.94 27.27
C ILE A 495 -0.71 -5.32 28.51
N ASP A 496 0.05 -4.44 29.15
CA ASP A 496 -0.48 -3.68 30.27
C ASP A 496 -1.22 -2.46 29.75
N ILE A 497 -1.94 -1.81 30.64
CA ILE A 497 -2.72 -0.64 30.30
C ILE A 497 -2.52 0.41 31.39
N LYS A 498 -1.70 1.41 31.10
CA LYS A 498 -1.42 2.49 32.03
C LYS A 498 -1.85 3.86 31.51
N ASP A 499 -2.07 4.00 30.20
CA ASP A 499 -2.54 5.24 29.60
C ASP A 499 -3.81 5.06 28.81
N ALA A 500 -3.96 3.94 28.10
CA ALA A 500 -5.14 3.63 27.29
C ALA A 500 -5.32 4.63 26.16
N ASN A 501 -4.36 5.55 26.01
CA ASN A 501 -4.33 6.51 24.92
C ASN A 501 -2.99 6.48 24.19
N SER A 502 -2.21 5.43 24.43
CA SER A 502 -0.89 5.23 23.83
C SER A 502 -0.57 3.75 23.92
N GLN A 503 0.70 3.40 23.74
CA GLN A 503 1.14 2.00 23.72
C GLN A 503 0.32 1.20 22.72
N SER A 504 0.46 1.60 21.47
CA SER A 504 -0.09 0.82 20.37
C SER A 504 0.42 -0.60 20.42
N VAL A 505 -0.39 -1.52 19.92
CA VAL A 505 -0.07 -2.94 19.91
C VAL A 505 0.37 -3.33 18.51
N LYS A 506 1.32 -4.25 18.41
CA LYS A 506 1.84 -4.67 17.10
C LYS A 506 1.34 -6.08 16.81
N VAL A 507 0.28 -6.18 16.04
CA VAL A 507 -0.35 -7.46 15.73
C VAL A 507 -0.02 -7.85 14.31
N SER A 508 -0.09 -9.16 14.02
CA SER A 508 0.25 -9.67 12.70
C SER A 508 -0.67 -10.83 12.35
N PHE A 509 -0.37 -11.51 11.25
CA PHE A 509 -1.13 -12.64 10.74
C PHE A 509 -0.38 -13.21 9.54
N SER A 510 -0.46 -14.51 9.30
CA SER A 510 0.33 -15.12 8.23
C SER A 510 -0.31 -16.44 7.80
N VAL A 511 -0.18 -16.74 6.51
CA VAL A 511 -0.54 -18.04 5.98
C VAL A 511 0.60 -18.51 5.09
N THR A 512 1.19 -19.64 5.41
CA THR A 512 2.42 -20.09 4.77
C THR A 512 2.30 -21.53 4.30
N TYR A 513 2.79 -21.80 3.10
CA TYR A 513 2.66 -23.10 2.48
C TYR A 513 4.03 -23.76 2.39
N GLU A 514 4.02 -25.09 2.29
CA GLU A 514 5.21 -25.89 2.57
C GLU A 514 5.10 -27.21 1.81
N MET A 515 6.22 -27.94 1.74
CA MET A 515 6.22 -29.31 1.25
C MET A 515 7.48 -30.00 1.74
N ASP A 516 7.56 -31.29 1.47
CA ASP A 516 8.68 -32.11 1.96
C ASP A 516 9.69 -32.30 0.84
N HIS A 517 10.85 -31.67 0.98
CA HIS A 517 11.90 -31.71 -0.03
C HIS A 517 12.63 -33.05 0.04
N GLY A 518 12.09 -34.05 -0.66
CA GLY A 518 12.71 -35.35 -0.67
C GLY A 518 13.63 -35.57 -1.84
N GLU A 519 13.12 -35.37 -3.06
CA GLU A 519 13.92 -35.59 -4.24
C GLU A 519 14.85 -34.41 -4.53
N ALA A 520 14.48 -33.21 -4.09
CA ALA A 520 15.27 -32.03 -4.44
C ALA A 520 16.69 -32.15 -3.94
N HIS A 521 16.86 -32.43 -2.66
CA HIS A 521 18.20 -32.47 -2.07
C HIS A 521 19.03 -33.60 -2.67
N VAL A 522 18.45 -34.79 -2.83
CA VAL A 522 19.22 -35.92 -3.34
C VAL A 522 19.60 -35.70 -4.80
N GLN A 523 18.67 -35.20 -5.62
CA GLN A 523 18.98 -35.01 -7.03
C GLN A 523 19.96 -33.86 -7.24
N THR A 524 19.89 -32.81 -6.42
CA THR A 524 20.90 -31.75 -6.48
C THR A 524 22.27 -32.27 -6.06
N ASP A 525 22.31 -33.09 -4.99
CA ASP A 525 23.59 -33.66 -4.58
C ASP A 525 24.19 -34.51 -5.68
N ILE A 526 23.38 -35.39 -6.27
CA ILE A 526 23.85 -36.26 -7.35
C ILE A 526 24.35 -35.46 -8.55
N ALA A 527 23.50 -34.59 -9.08
CA ALA A 527 23.86 -33.78 -10.23
C ALA A 527 25.14 -33.00 -9.97
N LEU A 528 25.16 -32.27 -8.87
CA LEU A 528 26.32 -31.48 -8.48
C LEU A 528 27.56 -32.36 -8.45
N GLY A 529 27.46 -33.49 -7.75
CA GLY A 529 28.57 -34.41 -7.65
C GLY A 529 29.11 -34.83 -9.01
N VAL A 530 28.23 -35.29 -9.89
CA VAL A 530 28.70 -35.74 -11.20
C VAL A 530 29.20 -34.63 -12.12
N LEU A 531 28.80 -33.38 -11.86
CA LEU A 531 29.26 -32.27 -12.69
C LEU A 531 30.65 -31.90 -12.18
N GLY A 532 30.83 -32.01 -10.87
CA GLY A 532 32.11 -31.74 -10.22
C GLY A 532 33.12 -32.77 -10.70
N GLY A 533 32.67 -34.02 -10.83
CA GLY A 533 33.54 -35.09 -11.31
C GLY A 533 33.92 -34.87 -12.77
N LEU A 534 33.00 -34.31 -13.54
CA LEU A 534 33.22 -34.01 -14.95
C LEU A 534 34.14 -32.80 -15.12
N ALA A 535 34.12 -31.92 -14.13
CA ALA A 535 34.88 -30.68 -14.12
C ALA A 535 36.33 -30.84 -13.72
N VAL A 536 36.65 -31.99 -13.14
CA VAL A 536 38.03 -32.27 -12.76
C VAL A 536 38.84 -32.58 -14.01
N LEU A 537 38.19 -33.17 -15.00
CA LEU A 537 38.82 -33.50 -16.26
C LEU A 537 39.08 -32.23 -17.08
N ALA A 538 38.39 -31.14 -16.81
CA ALA A 538 38.65 -29.95 -17.60
C ALA A 538 39.85 -29.19 -17.04
N SER A 539 39.94 -29.10 -15.71
CA SER A 539 41.08 -28.42 -15.11
C SER A 539 42.37 -29.18 -15.35
N LEU A 540 42.33 -30.51 -15.36
CA LEU A 540 43.55 -31.27 -15.69
C LEU A 540 44.01 -30.99 -17.12
N LEU A 541 43.10 -30.99 -18.08
CA LEU A 541 43.53 -30.67 -19.45
C LEU A 541 44.08 -29.25 -19.55
N LYS A 542 43.40 -28.27 -18.93
CA LYS A 542 43.90 -26.90 -19.02
C LYS A 542 45.28 -26.79 -18.36
N THR A 543 45.45 -27.44 -17.19
CA THR A 543 46.74 -27.37 -16.51
C THR A 543 47.82 -28.04 -17.34
N ALA A 544 47.52 -29.14 -18.00
CA ALA A 544 48.54 -29.80 -18.80
C ALA A 544 48.88 -28.98 -20.04
N GLY A 545 47.89 -28.28 -20.60
CA GLY A 545 48.18 -27.37 -21.70
C GLY A 545 49.07 -26.21 -21.28
N TRP A 546 48.75 -25.59 -20.14
CA TRP A 546 49.60 -24.54 -19.60
C TRP A 546 50.97 -25.08 -19.24
N LYS A 547 51.06 -26.36 -18.93
CA LYS A 547 52.34 -27.01 -18.69
C LYS A 547 53.15 -27.10 -19.96
N ARG A 548 52.51 -27.56 -21.05
CA ARG A 548 53.21 -27.77 -22.31
C ARG A 548 53.48 -26.48 -23.07
N ARG A 549 52.91 -25.36 -22.65
CA ARG A 549 53.17 -24.06 -23.25
C ARG A 549 54.27 -23.30 -22.54
N ILE A 550 54.96 -23.94 -21.61
CA ILE A 550 56.12 -23.36 -20.95
C ILE A 550 57.24 -24.38 -20.98
N GLY A 551 58.46 -23.91 -21.21
CA GLY A 551 59.60 -24.81 -21.24
C GLY A 551 60.04 -25.23 -19.85
N SER A 552 59.22 -26.01 -19.16
CA SER A 552 59.61 -26.60 -17.89
C SER A 552 58.76 -27.84 -17.57
N PRO A 553 59.19 -29.03 -17.99
CA PRO A 553 58.37 -30.23 -17.76
C PRO A 553 58.21 -30.69 -16.33
N MET A 554 58.64 -29.92 -15.33
CA MET A 554 58.64 -30.38 -13.94
C MET A 554 57.49 -29.73 -13.18
N ILE A 555 56.75 -30.56 -12.43
CA ILE A 555 55.65 -30.06 -11.58
C ILE A 555 56.24 -29.81 -10.20
N ASP A 556 56.87 -28.65 -10.04
CA ASP A 556 57.51 -28.38 -8.75
C ASP A 556 56.52 -27.85 -7.74
N LEU A 557 56.09 -26.59 -7.90
CA LEU A 557 54.99 -26.04 -7.12
C LEU A 557 54.05 -25.15 -7.92
N GLN A 558 54.51 -24.55 -9.03
CA GLN A 558 53.62 -23.67 -9.77
C GLN A 558 52.47 -24.45 -10.40
N THR A 559 52.71 -25.72 -10.73
CA THR A 559 51.67 -26.53 -11.36
C THR A 559 50.46 -26.68 -10.44
N VAL A 560 50.68 -26.96 -9.16
CA VAL A 560 49.55 -27.21 -8.28
C VAL A 560 48.72 -25.95 -8.09
N VAL A 561 49.39 -24.79 -7.96
CA VAL A 561 48.65 -23.54 -7.80
C VAL A 561 47.89 -23.20 -9.06
N LYS A 562 48.51 -23.40 -10.23
CA LYS A 562 47.81 -23.15 -11.48
C LYS A 562 46.60 -24.05 -11.61
N PHE A 563 46.75 -25.33 -11.25
CA PHE A 563 45.62 -26.24 -11.33
C PHE A 563 44.50 -25.82 -10.40
N LEU A 564 44.84 -25.39 -9.19
CA LEU A 564 43.80 -24.94 -8.27
C LEU A 564 43.06 -23.73 -8.82
N VAL A 565 43.79 -22.81 -9.45
CA VAL A 565 43.13 -21.64 -10.04
C VAL A 565 42.17 -22.08 -11.15
N TYR A 566 42.66 -22.95 -12.05
CA TYR A 566 41.80 -23.42 -13.12
C TYR A 566 40.59 -24.16 -12.58
N TYR A 567 40.75 -24.87 -11.46
CA TYR A 567 39.64 -25.62 -10.90
C TYR A 567 38.60 -24.70 -10.27
N ALA A 568 39.05 -23.65 -9.59
CA ALA A 568 38.09 -22.65 -9.13
C ALA A 568 37.29 -22.11 -10.31
N GLY A 569 37.99 -21.79 -11.39
CA GLY A 569 37.30 -21.27 -12.56
C GLY A 569 36.28 -22.24 -13.12
N ASP A 570 36.66 -23.51 -13.24
CA ASP A 570 35.80 -24.49 -13.89
C ASP A 570 34.75 -25.08 -12.95
N LEU A 571 34.78 -24.73 -11.67
CA LEU A 571 33.73 -25.17 -10.75
C LEU A 571 32.73 -24.07 -10.45
N ALA A 572 33.14 -22.81 -10.57
CA ALA A 572 32.15 -21.72 -10.51
C ALA A 572 31.07 -21.91 -11.56
N ASN A 573 31.43 -22.44 -12.73
CA ASN A 573 30.43 -22.67 -13.77
C ASN A 573 29.44 -23.75 -13.36
N VAL A 574 29.92 -24.81 -12.69
CA VAL A 574 29.01 -25.87 -12.26
C VAL A 574 28.03 -25.34 -11.23
N PHE A 575 28.52 -24.58 -10.26
CA PHE A 575 27.59 -23.99 -9.29
C PHE A 575 26.59 -23.08 -9.98
N PHE A 576 27.05 -22.28 -10.95
CA PHE A 576 26.13 -21.38 -11.64
C PHE A 576 25.05 -22.15 -12.39
N ILE A 577 25.44 -23.22 -13.07
CA ILE A 577 24.47 -24.00 -13.83
C ILE A 577 23.46 -24.63 -12.89
N ILE A 578 23.91 -25.20 -11.78
CA ILE A 578 22.99 -25.81 -10.82
C ILE A 578 21.99 -24.78 -10.32
N THR A 579 22.48 -23.59 -9.95
CA THR A 579 21.58 -22.59 -9.37
C THR A 579 20.56 -22.08 -10.39
N VAL A 580 20.99 -21.77 -11.61
CA VAL A 580 20.03 -21.30 -12.60
C VAL A 580 19.03 -22.40 -12.93
N GLY A 581 19.51 -23.63 -13.09
CA GLY A 581 18.60 -24.72 -13.39
C GLY A 581 17.56 -24.92 -12.30
N THR A 582 17.98 -24.88 -11.04
CA THR A 582 17.04 -25.08 -9.93
C THR A 582 16.03 -23.95 -9.86
N GLY A 583 16.49 -22.69 -9.94
CA GLY A 583 15.55 -21.58 -9.88
C GLY A 583 14.55 -21.63 -11.02
N LEU A 584 15.02 -21.97 -12.22
CA LEU A 584 14.14 -21.99 -13.36
C LEU A 584 13.20 -23.19 -13.33
N TYR A 585 13.64 -24.31 -12.75
CA TYR A 585 12.75 -25.44 -12.50
C TYR A 585 11.63 -25.05 -11.56
N TRP A 586 11.96 -24.35 -10.47
CA TRP A 586 10.91 -23.90 -9.57
C TRP A 586 9.93 -22.99 -10.28
N LEU A 587 10.42 -22.03 -11.05
CA LEU A 587 9.52 -21.11 -11.72
C LEU A 587 8.61 -21.84 -12.70
N ILE A 588 9.16 -22.75 -13.51
CA ILE A 588 8.37 -23.41 -14.54
C ILE A 588 7.34 -24.35 -13.93
N PHE A 589 7.75 -25.20 -12.98
CA PHE A 589 6.80 -26.14 -12.41
C PHE A 589 5.91 -25.54 -11.33
N PHE A 590 6.12 -24.31 -10.89
CA PHE A 590 5.17 -23.74 -9.97
C PHE A 590 4.19 -22.78 -10.61
N LYS A 591 4.63 -21.94 -11.55
CA LYS A 591 3.69 -20.97 -12.09
C LYS A 591 2.68 -21.61 -13.02
N ALA A 592 3.06 -22.66 -13.75
CA ALA A 592 2.20 -23.27 -14.75
C ALA A 592 2.00 -24.74 -14.41
N GLN A 593 1.03 -25.03 -13.56
CA GLN A 593 0.70 -26.39 -13.19
C GLN A 593 -0.80 -26.49 -12.95
N LYS A 594 -1.39 -27.60 -13.38
CA LYS A 594 -2.84 -27.74 -13.36
C LYS A 594 -3.33 -28.19 -11.99
N SER A 595 -2.92 -29.36 -11.54
CA SER A 595 -3.30 -29.91 -10.24
C SER A 595 -2.08 -29.90 -9.35
N VAL A 596 -2.15 -29.15 -8.25
CA VAL A 596 -0.95 -28.75 -7.52
C VAL A 596 -0.14 -29.96 -7.09
N SER A 597 1.17 -29.90 -7.33
CA SER A 597 2.08 -30.93 -6.87
C SER A 597 3.39 -30.41 -6.32
N VAL A 598 3.71 -29.12 -6.45
CA VAL A 598 4.89 -28.53 -5.82
C VAL A 598 4.52 -27.18 -5.21
N LEU A 599 5.15 -26.86 -4.10
CA LEU A 599 4.99 -25.59 -3.41
C LEU A 599 6.36 -25.00 -3.12
N LEU A 600 6.47 -23.68 -3.23
CA LEU A 600 7.75 -23.02 -3.17
C LEU A 600 8.38 -23.19 -1.80
N PRO A 601 9.71 -23.11 -1.71
CA PRO A 601 10.37 -23.28 -0.41
C PRO A 601 10.24 -22.06 0.47
N MET A 602 10.27 -22.31 1.78
CA MET A 602 10.26 -21.24 2.75
C MET A 602 11.69 -20.75 2.99
N PRO A 603 11.84 -19.92 4.01
CA PRO A 603 13.14 -19.35 4.39
C PRO A 603 14.30 -20.34 4.51
N ILE A 604 14.11 -21.50 5.15
CA ILE A 604 15.20 -22.46 5.31
C ILE A 604 15.77 -22.90 3.95
N GLN A 605 14.89 -23.32 3.05
CA GLN A 605 15.30 -23.75 1.72
C GLN A 605 15.96 -22.60 0.97
N GLU A 606 15.38 -21.40 1.12
CA GLU A 606 15.96 -20.21 0.49
C GLU A 606 17.41 -20.05 0.95
N GLU A 607 17.65 -20.13 2.25
CA GLU A 607 18.97 -20.02 2.83
C GLU A 607 19.93 -21.06 2.26
N ARG A 608 19.48 -22.32 2.17
CA ARG A 608 20.34 -23.34 1.60
C ARG A 608 20.77 -22.97 0.18
N PHE A 609 19.81 -22.55 -0.64
CA PHE A 609 20.09 -22.15 -2.02
C PHE A 609 21.07 -20.96 -2.09
N VAL A 610 20.88 -20.02 -1.16
CA VAL A 610 21.72 -18.83 -1.07
C VAL A 610 23.15 -19.23 -0.75
N THR A 611 23.30 -20.20 0.13
CA THR A 611 24.61 -20.72 0.51
C THR A 611 25.25 -21.38 -0.70
N TYR A 612 24.44 -22.11 -1.47
CA TYR A 612 24.92 -22.73 -2.69
C TYR A 612 25.42 -21.72 -3.72
N VAL A 613 24.79 -20.54 -3.79
CA VAL A 613 25.25 -19.50 -4.72
C VAL A 613 26.36 -18.45 -4.49
N GLY A 614 26.59 -18.12 -3.22
CA GLY A 614 27.64 -17.16 -2.88
C GLY A 614 28.94 -17.83 -3.29
N CYS A 615 28.98 -19.16 -3.25
CA CYS A 615 30.18 -19.87 -3.69
C CYS A 615 30.47 -19.61 -5.15
N ALA A 616 29.44 -19.64 -6.00
CA ALA A 616 29.65 -19.39 -7.41
C ALA A 616 30.23 -18.00 -7.64
N PHE A 617 29.70 -16.99 -6.95
CA PHE A 617 30.24 -15.65 -7.13
C PHE A 617 31.68 -15.57 -6.67
N ALA A 618 32.00 -16.16 -5.52
CA ALA A 618 33.38 -16.06 -5.03
C ALA A 618 34.36 -16.70 -6.00
N LEU A 619 34.04 -17.91 -6.47
CA LEU A 619 34.97 -18.60 -7.36
C LEU A 619 35.07 -17.91 -8.73
N LYS A 620 33.96 -17.42 -9.25
CA LYS A 620 34.03 -16.69 -10.52
C LYS A 620 34.84 -15.41 -10.38
N ALA A 621 34.69 -14.70 -9.26
CA ALA A 621 35.52 -13.52 -9.03
C ALA A 621 37.00 -13.90 -9.00
N LEU A 622 37.31 -15.03 -8.36
CA LEU A 622 38.71 -15.47 -8.32
C LEU A 622 39.25 -15.71 -9.73
N GLN A 623 38.46 -16.39 -10.56
CA GLN A 623 38.92 -16.64 -11.93
C GLN A 623 39.07 -15.35 -12.72
N PHE A 624 38.14 -14.42 -12.55
CA PHE A 624 38.21 -13.17 -13.31
C PHE A 624 39.45 -12.36 -12.91
N LEU A 625 39.73 -12.27 -11.60
CA LEU A 625 40.93 -11.55 -11.19
C LEU A 625 42.18 -12.22 -11.71
N HIS A 626 42.23 -13.56 -11.68
CA HIS A 626 43.41 -14.23 -12.21
C HIS A 626 43.59 -13.95 -13.70
N LYS A 627 42.50 -13.99 -14.47
CA LYS A 627 42.60 -13.72 -15.90
C LYS A 627 43.07 -12.31 -16.15
N LEU A 628 42.53 -11.33 -15.43
CA LEU A 628 42.95 -9.94 -15.64
C LEU A 628 44.42 -9.74 -15.30
N ILE A 629 44.89 -10.33 -14.20
CA ILE A 629 46.30 -10.20 -13.85
C ILE A 629 47.17 -10.86 -14.92
N SER A 630 46.75 -12.01 -15.43
CA SER A 630 47.53 -12.67 -16.47
C SER A 630 47.56 -11.86 -17.76
N GLN A 631 46.50 -11.10 -18.03
CA GLN A 631 46.46 -10.28 -19.24
C GLN A 631 47.30 -9.01 -19.13
N ILE A 632 47.36 -8.41 -17.94
CA ILE A 632 48.09 -7.16 -17.80
C ILE A 632 49.58 -7.36 -18.03
N THR A 633 50.17 -8.36 -17.40
CA THR A 633 51.62 -8.56 -17.45
C THR A 633 52.00 -9.37 -18.68
N ILE A 634 51.76 -8.81 -19.85
CA ILE A 634 52.06 -9.46 -21.11
C ILE A 634 53.36 -8.87 -21.65
N ASP A 635 53.94 -9.54 -22.63
CA ASP A 635 55.13 -9.05 -23.33
C ASP A 635 54.78 -8.82 -24.80
N VAL A 636 55.03 -7.61 -25.28
CA VAL A 636 54.62 -7.20 -26.62
C VAL A 636 55.79 -6.48 -27.28
N PHE A 637 55.82 -6.50 -28.61
CA PHE A 637 56.91 -5.88 -29.35
C PHE A 637 56.48 -5.67 -30.79
N PHE A 638 56.76 -4.49 -31.34
CA PHE A 638 56.50 -4.20 -32.75
C PHE A 638 57.81 -4.15 -33.52
N ILE A 639 57.82 -4.77 -34.70
CA ILE A 639 58.97 -4.73 -35.60
C ILE A 639 58.66 -3.78 -36.74
N ASP A 640 59.60 -2.89 -37.04
CA ASP A 640 59.37 -1.78 -37.95
C ASP A 640 59.02 -2.23 -39.36
N TRP A 641 59.96 -2.87 -40.04
CA TRP A 641 59.80 -3.24 -41.45
C TRP A 641 59.87 -4.76 -41.57
N GLU A 642 58.72 -5.40 -41.69
CA GLU A 642 58.65 -6.85 -41.85
C GLU A 642 58.02 -7.27 -43.17
N ARG A 643 56.89 -6.68 -43.54
CA ARG A 643 56.21 -7.06 -44.77
C ARG A 643 55.24 -5.97 -45.24
N SER A 666 58.67 6.37 -39.62
CA SER A 666 59.64 5.78 -38.69
C SER A 666 59.04 5.64 -37.29
N ILE A 667 59.17 6.69 -36.48
CA ILE A 667 58.57 6.71 -35.16
C ILE A 667 57.20 7.36 -35.25
N TRP A 668 56.95 8.03 -36.39
CA TRP A 668 55.65 8.63 -36.67
C TRP A 668 54.72 7.69 -37.42
N ARG A 669 55.09 6.41 -37.41
CA ARG A 669 54.33 5.33 -38.03
C ARG A 669 53.99 4.29 -36.96
N THR A 670 54.92 4.06 -36.02
CA THR A 670 54.70 3.11 -34.95
C THR A 670 53.83 3.69 -33.85
N TYR A 671 53.90 5.00 -33.61
CA TYR A 671 52.96 5.62 -32.69
C TYR A 671 51.54 5.60 -33.22
N PHE A 672 51.39 5.20 -34.48
CA PHE A 672 50.08 5.10 -35.11
C PHE A 672 49.48 3.73 -34.78
N VAL A 673 50.27 2.68 -34.97
CA VAL A 673 49.82 1.32 -34.67
C VAL A 673 49.74 1.10 -33.17
N ALA A 674 50.75 1.57 -32.43
CA ALA A 674 50.75 1.36 -30.98
C ALA A 674 49.53 1.96 -30.33
N ASN A 675 49.08 3.12 -30.82
CA ASN A 675 47.90 3.74 -30.22
C ASN A 675 46.63 3.05 -30.64
N GLU A 676 46.56 2.57 -31.89
CA GLU A 676 45.39 1.81 -32.32
C GLU A 676 45.24 0.55 -31.49
N TRP A 677 46.35 -0.14 -31.23
CA TRP A 677 46.30 -1.35 -30.42
C TRP A 677 45.89 -1.03 -28.99
N ASN A 678 46.25 0.14 -28.49
CA ASN A 678 45.89 0.50 -27.13
C ASN A 678 44.42 0.89 -27.00
N GLU A 679 43.71 1.04 -28.11
CA GLU A 679 42.30 1.39 -28.09
C GLU A 679 41.40 0.21 -28.41
N ILE A 680 41.97 -0.93 -28.77
CA ILE A 680 41.21 -2.10 -29.18
C ILE A 680 41.15 -3.14 -28.08
N GLN A 681 41.68 -2.83 -26.90
CA GLN A 681 41.86 -3.80 -25.84
C GLN A 681 40.69 -3.88 -24.89
N THR A 682 39.60 -3.16 -25.12
CA THR A 682 38.47 -3.26 -24.21
C THR A 682 37.13 -3.18 -24.93
N VAL A 683 37.05 -3.66 -26.15
CA VAL A 683 35.77 -3.75 -26.85
C VAL A 683 35.21 -5.14 -26.62
N ARG A 684 34.04 -5.22 -26.00
CA ARG A 684 33.61 -6.44 -25.32
C ARG A 684 32.72 -7.34 -26.15
N LYS A 685 32.40 -6.99 -27.40
CA LYS A 685 31.50 -7.73 -28.28
C LYS A 685 30.06 -7.68 -27.81
N ILE A 686 29.80 -7.06 -26.66
CA ILE A 686 28.45 -6.95 -26.09
C ILE A 686 28.35 -5.54 -25.52
N ASN A 687 27.38 -4.78 -25.99
CA ASN A 687 27.27 -3.39 -25.53
C ASN A 687 26.80 -3.39 -24.09
N SER A 688 27.76 -3.48 -23.17
CA SER A 688 27.55 -3.56 -21.73
C SER A 688 26.44 -2.72 -21.10
N LEU A 689 26.62 -1.40 -21.10
CA LEU A 689 25.66 -0.48 -20.53
C LEU A 689 24.25 -0.80 -21.00
N PHE A 690 24.08 -0.86 -22.32
CA PHE A 690 22.77 -1.15 -22.90
C PHE A 690 22.20 -2.41 -22.26
N GLN A 691 23.00 -3.48 -22.21
CA GLN A 691 22.55 -4.72 -21.60
C GLN A 691 22.04 -4.51 -20.18
N VAL A 692 22.83 -3.85 -19.33
CA VAL A 692 22.41 -3.62 -17.96
C VAL A 692 21.09 -2.85 -17.89
N LEU A 693 21.01 -1.77 -18.66
CA LEU A 693 19.79 -0.96 -18.65
C LEU A 693 18.57 -1.74 -19.13
N THR A 694 18.75 -2.58 -20.15
CA THR A 694 17.66 -3.37 -20.69
C THR A 694 17.20 -4.39 -19.67
N VAL A 695 18.15 -4.96 -18.93
CA VAL A 695 17.80 -5.92 -17.89
C VAL A 695 17.06 -5.25 -16.75
N LEU A 696 17.40 -4.00 -16.45
CA LEU A 696 16.72 -3.26 -15.39
C LEU A 696 15.39 -2.69 -15.86
N PHE A 697 15.18 -2.65 -17.17
CA PHE A 697 13.94 -2.14 -17.75
C PHE A 697 12.88 -3.22 -17.66
N PHE A 698 13.11 -4.34 -18.33
CA PHE A 698 12.18 -5.45 -18.31
C PHE A 698 11.72 -5.77 -16.89
N LEU A 699 12.63 -5.73 -15.93
CA LEU A 699 12.25 -6.14 -14.59
C LEU A 699 11.34 -5.16 -13.89
N GLU A 700 11.36 -3.89 -14.25
CA GLU A 700 10.69 -2.89 -13.45
C GLU A 700 9.51 -2.20 -14.13
N VAL A 701 9.47 -2.10 -15.45
CA VAL A 701 8.42 -1.29 -16.06
C VAL A 701 7.55 -2.11 -17.00
N VAL A 702 8.07 -3.19 -17.58
CA VAL A 702 7.21 -4.03 -18.41
C VAL A 702 6.58 -5.15 -17.60
N GLY A 703 7.14 -5.47 -16.44
CA GLY A 703 6.44 -6.26 -15.44
C GLY A 703 7.01 -7.63 -15.11
N PHE A 704 8.19 -8.00 -15.59
CA PHE A 704 8.70 -9.33 -15.28
C PHE A 704 9.04 -9.54 -13.82
N LYS A 705 9.11 -8.50 -13.00
CA LYS A 705 9.40 -8.81 -11.60
C LYS A 705 8.18 -9.35 -10.88
N ASN A 706 7.01 -9.35 -11.51
CA ASN A 706 5.81 -9.92 -10.92
C ASN A 706 5.67 -11.40 -11.21
N LEU A 707 6.56 -11.99 -12.00
CA LEU A 707 6.63 -13.45 -12.03
C LEU A 707 7.22 -14.00 -10.75
N ALA A 708 7.87 -13.18 -9.93
CA ALA A 708 8.57 -13.65 -8.76
C ALA A 708 7.73 -13.63 -7.49
N LEU A 709 6.50 -13.16 -7.56
CA LEU A 709 5.64 -13.14 -6.40
C LEU A 709 5.30 -14.56 -5.98
N MET A 710 5.26 -14.80 -4.68
CA MET A 710 4.86 -16.10 -4.17
C MET A 710 3.36 -16.25 -4.28
N ASP A 711 2.83 -16.23 -5.50
CA ASP A 711 1.40 -16.38 -5.71
C ASP A 711 1.14 -17.50 -6.69
N SER A 712 -0.10 -17.63 -7.14
CA SER A 712 -0.46 -18.74 -8.01
C SER A 712 -0.70 -18.33 -9.46
N SER A 713 -0.46 -17.07 -9.81
CA SER A 713 -0.79 -16.55 -11.13
C SER A 713 0.45 -15.96 -11.76
N SER A 714 0.78 -16.40 -12.98
CA SER A 714 1.90 -15.85 -13.72
C SER A 714 1.45 -14.68 -14.57
N SER A 715 0.76 -13.73 -13.94
CA SER A 715 0.27 -12.55 -14.64
C SER A 715 1.40 -11.56 -14.77
N LEU A 716 1.07 -10.33 -15.09
CA LEU A 716 2.07 -9.32 -15.39
C LEU A 716 1.40 -7.97 -15.17
N SER A 717 2.01 -7.09 -14.37
CA SER A 717 1.35 -5.85 -14.01
C SER A 717 0.03 -6.13 -13.30
N ARG A 718 0.11 -6.65 -12.08
CA ARG A 718 -1.08 -6.92 -11.27
C ARG A 718 -1.81 -5.64 -10.95
N ASN A 719 -3.12 -5.61 -11.25
CA ASN A 719 -3.91 -4.42 -11.02
C ASN A 719 -3.99 -4.12 -9.53
N PRO A 720 -3.86 -2.86 -9.11
CA PRO A 720 -3.75 -2.56 -7.67
C PRO A 720 -5.08 -2.37 -6.99
N PRO A 721 -6.11 -3.16 -7.28
CA PRO A 721 -7.02 -3.55 -6.19
C PRO A 721 -6.72 -4.93 -5.64
N SER A 722 -5.63 -5.54 -6.08
CA SER A 722 -5.30 -6.92 -5.74
C SER A 722 -4.38 -6.95 -4.54
N TYR A 723 -4.02 -8.15 -4.13
CA TYR A 723 -3.07 -8.38 -3.05
C TYR A 723 -1.72 -8.71 -3.64
N ILE A 724 -0.65 -8.13 -3.09
CA ILE A 724 0.68 -8.23 -3.66
C ILE A 724 1.56 -9.11 -2.78
N ALA A 725 1.63 -10.39 -3.10
CA ALA A 725 2.27 -11.37 -2.23
C ALA A 725 3.77 -11.13 -2.14
N PRO A 726 4.43 -11.65 -1.11
CA PRO A 726 5.85 -11.37 -0.93
C PRO A 726 6.73 -12.04 -1.97
N TYR A 727 7.88 -11.42 -2.22
CA TYR A 727 8.84 -11.96 -3.18
C TYR A 727 9.57 -13.15 -2.61
N SER A 728 9.99 -14.04 -3.50
CA SER A 728 10.78 -15.21 -3.12
C SER A 728 12.18 -15.07 -3.69
N CYS A 729 13.18 -15.10 -2.81
CA CYS A 729 14.57 -14.89 -3.24
C CYS A 729 15.12 -16.08 -4.02
N ILE A 730 14.26 -17.01 -4.44
CA ILE A 730 14.69 -18.15 -5.24
C ILE A 730 14.08 -18.12 -6.64
N LEU A 731 13.11 -17.23 -6.86
CA LEU A 731 12.66 -16.87 -8.20
C LEU A 731 13.25 -15.55 -8.66
N ARG A 732 13.51 -14.62 -7.75
CA ARG A 732 14.19 -13.38 -8.09
C ARG A 732 15.52 -13.66 -8.77
N TYR A 733 16.16 -14.76 -8.44
CA TYR A 733 17.38 -15.18 -9.12
C TYR A 733 17.10 -15.99 -10.36
N ALA A 734 15.85 -16.31 -10.65
CA ALA A 734 15.56 -17.05 -11.86
C ALA A 734 15.20 -16.13 -13.01
N VAL A 735 14.34 -15.12 -12.78
CA VAL A 735 14.04 -14.17 -13.84
C VAL A 735 15.24 -13.28 -14.12
N SER A 736 15.95 -12.84 -13.08
CA SER A 736 17.10 -11.97 -13.31
C SER A 736 18.16 -12.68 -14.14
N ALA A 737 18.42 -13.95 -13.84
CA ALA A 737 19.42 -14.73 -14.55
C ALA A 737 18.84 -15.51 -15.71
N ALA A 738 17.62 -15.21 -16.14
CA ALA A 738 17.11 -15.71 -17.39
C ALA A 738 16.79 -14.62 -18.39
N LEU A 739 16.62 -13.39 -17.91
CA LEU A 739 16.60 -12.25 -18.83
C LEU A 739 18.00 -11.88 -19.26
N TRP A 740 18.97 -11.97 -18.35
CA TRP A 740 20.34 -11.57 -18.67
C TRP A 740 20.92 -12.48 -19.75
N LEU A 741 20.69 -13.78 -19.66
CA LEU A 741 21.15 -14.67 -20.71
C LEU A 741 20.33 -14.50 -21.98
N ALA A 742 19.05 -14.18 -21.85
CA ALA A 742 18.21 -14.04 -23.03
C ALA A 742 18.55 -12.80 -23.81
N ILE A 743 19.04 -11.75 -23.14
CA ILE A 743 19.46 -10.55 -23.86
C ILE A 743 20.93 -10.64 -24.24
N GLY A 744 21.72 -11.42 -23.51
CA GLY A 744 23.11 -11.61 -23.91
C GLY A 744 23.24 -12.35 -25.22
N ILE A 745 22.41 -13.38 -25.42
CA ILE A 745 22.42 -14.11 -26.68
C ILE A 745 21.95 -13.23 -27.82
N ILE A 746 20.98 -12.34 -27.56
CA ILE A 746 20.45 -11.49 -28.63
C ILE A 746 21.53 -10.59 -29.19
N GLN A 747 22.28 -9.99 -28.27
CA GLN A 747 23.35 -9.06 -28.60
C GLN A 747 24.42 -9.67 -29.47
N VAL A 748 24.74 -10.94 -29.26
CA VAL A 748 25.78 -11.57 -30.09
C VAL A 748 25.34 -11.60 -31.55
N VAL A 749 24.27 -12.37 -31.81
CA VAL A 749 23.71 -12.51 -33.15
C VAL A 749 23.44 -11.15 -33.76
N PHE A 750 22.72 -10.30 -33.06
CA PHE A 750 22.42 -8.97 -33.58
C PHE A 750 23.70 -8.19 -33.83
N PHE A 751 24.40 -7.86 -32.75
CA PHE A 751 25.64 -7.07 -32.82
C PHE A 751 26.64 -7.58 -33.85
N ALA A 752 27.19 -8.77 -33.58
CA ALA A 752 28.19 -9.41 -34.44
C ALA A 752 27.83 -9.36 -35.92
N VAL A 753 26.75 -10.05 -36.28
CA VAL A 753 26.29 -10.09 -37.66
C VAL A 753 26.15 -8.69 -38.27
N PHE A 754 25.45 -7.81 -37.57
CA PHE A 754 25.24 -6.46 -38.09
C PHE A 754 26.56 -5.74 -38.40
N TYR A 755 27.47 -5.73 -37.43
CA TYR A 755 28.73 -5.03 -37.63
C TYR A 755 29.66 -5.69 -38.63
N GLU A 756 29.47 -6.99 -38.84
CA GLU A 756 30.29 -7.75 -39.78
C GLU A 756 29.80 -7.38 -41.18
N ARG A 757 28.49 -7.21 -41.32
CA ARG A 757 27.93 -6.87 -42.62
C ARG A 757 28.33 -5.40 -42.79
N PHE A 758 27.91 -4.54 -41.86
CA PHE A 758 28.24 -3.11 -41.98
C PHE A 758 28.73 -1.85 -41.25
N ILE A 759 28.97 -2.00 -39.96
CA ILE A 759 29.36 -0.90 -39.08
C ILE A 759 30.73 -1.50 -38.84
N GLU A 760 31.62 -0.73 -38.24
CA GLU A 760 32.99 -1.20 -38.04
C GLU A 760 33.16 -2.48 -37.22
N ASP A 761 34.14 -3.28 -37.63
CA ASP A 761 34.67 -4.40 -36.85
C ASP A 761 36.11 -4.05 -36.50
N LYS A 762 36.33 -3.54 -35.30
CA LYS A 762 37.62 -2.94 -34.96
C LYS A 762 38.76 -3.95 -35.07
N ILE A 763 38.49 -5.21 -34.73
CA ILE A 763 39.54 -6.22 -34.79
C ILE A 763 40.05 -6.40 -36.22
N ARG A 764 39.13 -6.60 -37.16
CA ARG A 764 39.54 -6.82 -38.55
C ARG A 764 40.13 -5.56 -39.18
N GLN A 765 39.93 -4.39 -38.57
CA GLN A 765 40.60 -3.19 -39.05
C GLN A 765 42.07 -3.21 -38.64
N PHE A 766 42.36 -3.63 -37.41
CA PHE A 766 43.73 -3.62 -36.92
C PHE A 766 44.60 -4.61 -37.68
N VAL A 767 44.04 -5.74 -38.10
CA VAL A 767 44.82 -6.68 -38.90
C VAL A 767 45.21 -6.05 -40.22
N ASP A 768 44.29 -5.33 -40.86
CA ASP A 768 44.59 -4.67 -42.12
C ASP A 768 45.38 -3.38 -41.91
N LEU A 769 45.14 -2.65 -40.82
CA LEU A 769 45.87 -1.41 -40.57
C LEU A 769 47.37 -1.67 -40.56
N CYS A 770 47.80 -2.81 -40.05
CA CYS A 770 49.21 -3.16 -40.10
C CYS A 770 49.69 -3.34 -41.53
N SER A 771 48.84 -3.87 -42.40
CA SER A 771 49.23 -4.07 -43.80
C SER A 771 49.43 -2.75 -44.51
N MET A 772 48.73 -1.69 -44.10
CA MET A 772 48.89 -0.40 -44.74
C MET A 772 49.97 0.45 -44.07
N SER A 773 50.70 -0.12 -43.11
CA SER A 773 51.85 0.55 -42.51
C SER A 773 53.00 -0.42 -42.24
N ASN A 774 53.00 -1.56 -42.94
CA ASN A 774 54.01 -2.62 -42.86
C ASN A 774 54.61 -2.83 -41.47
N ILE A 775 53.76 -2.91 -40.46
CA ILE A 775 54.18 -3.19 -39.10
C ILE A 775 53.85 -4.65 -38.78
N SER A 776 54.60 -5.21 -37.84
CA SER A 776 54.36 -6.56 -37.35
C SER A 776 54.23 -6.53 -35.84
N VAL A 777 53.29 -7.31 -35.32
CA VAL A 777 53.01 -7.35 -33.88
C VAL A 777 53.45 -8.71 -33.36
N PHE A 778 54.25 -8.69 -32.29
CA PHE A 778 54.83 -9.89 -31.72
C PHE A 778 54.45 -9.99 -30.25
N LEU A 779 53.78 -11.08 -29.87
CA LEU A 779 53.29 -11.27 -28.51
C LEU A 779 53.88 -12.51 -27.91
N LEU A 780 53.92 -12.54 -26.58
CA LEU A 780 54.27 -13.74 -25.82
C LEU A 780 53.27 -13.89 -24.68
N SER A 781 52.47 -14.95 -24.73
CA SER A 781 51.40 -15.11 -23.76
C SER A 781 51.95 -15.52 -22.40
N HIS A 782 52.59 -16.68 -22.31
CA HIS A 782 53.04 -17.18 -21.02
C HIS A 782 54.56 -17.15 -20.88
N LYS A 783 55.28 -18.00 -21.61
CA LYS A 783 56.72 -17.84 -21.71
C LYS A 783 57.21 -18.33 -23.06
N CYS A 784 56.39 -19.14 -23.72
CA CYS A 784 56.80 -19.77 -24.97
C CYS A 784 55.67 -19.90 -25.98
N PHE A 785 54.56 -19.21 -25.79
CA PHE A 785 53.43 -19.29 -26.70
C PHE A 785 52.99 -17.88 -27.06
N GLY A 786 52.96 -17.57 -28.35
CA GLY A 786 52.78 -16.20 -28.79
C GLY A 786 51.72 -16.02 -29.86
N TYR A 787 51.88 -15.01 -30.71
CA TYR A 787 50.88 -14.70 -31.73
C TYR A 787 51.56 -14.13 -32.97
N TYR A 788 50.78 -13.49 -33.83
CA TYR A 788 51.05 -13.48 -35.26
C TYR A 788 52.28 -12.65 -35.61
N ILE A 789 52.56 -12.57 -36.91
CA ILE A 789 53.70 -11.82 -37.43
C ILE A 789 53.32 -10.87 -38.57
N HIS A 790 52.24 -11.17 -39.30
CA HIS A 790 51.93 -10.42 -40.52
C HIS A 790 53.11 -10.49 -41.50
N GLY A 791 53.43 -11.71 -41.94
CA GLY A 791 54.57 -11.92 -42.80
C GLY A 791 54.27 -12.66 -44.08
N ARG A 792 53.20 -13.44 -44.10
CA ARG A 792 52.79 -14.17 -45.30
C ARG A 792 51.32 -13.92 -45.62
N GLY A 828 47.59 -8.66 -43.18
CA GLY A 828 48.26 -9.93 -43.36
C GLY A 828 47.66 -11.01 -42.49
N GLN A 829 48.08 -12.25 -42.73
CA GLN A 829 47.52 -13.37 -41.98
C GLN A 829 47.92 -13.31 -40.51
N THR A 830 47.02 -13.80 -39.66
CA THR A 830 47.27 -13.94 -38.23
C THR A 830 47.39 -15.42 -37.88
N PHE A 831 48.34 -15.73 -37.00
CA PHE A 831 48.60 -17.14 -36.71
C PHE A 831 49.53 -17.28 -35.52
N GLU A 832 49.22 -18.28 -34.69
CA GLU A 832 49.90 -18.49 -33.41
C GLU A 832 51.31 -19.02 -33.61
N ILE A 833 52.19 -18.70 -32.65
CA ILE A 833 53.57 -19.14 -32.68
C ILE A 833 53.90 -19.82 -31.37
N ALA A 834 54.67 -20.89 -31.44
CA ALA A 834 55.23 -21.54 -30.27
C ALA A 834 56.75 -21.50 -30.38
N ILE A 835 57.41 -20.97 -29.36
CA ILE A 835 58.82 -20.65 -29.43
C ILE A 835 59.64 -21.74 -28.74
N SER A 836 60.66 -22.22 -29.43
CA SER A 836 61.53 -23.26 -28.88
C SER A 836 62.34 -22.71 -27.71
N ASN A 837 62.72 -23.62 -26.82
CA ASN A 837 63.43 -23.22 -25.61
C ASN A 837 64.75 -22.53 -25.92
N GLN A 838 65.41 -22.92 -27.01
CA GLN A 838 66.68 -22.29 -27.37
C GLN A 838 66.50 -20.82 -27.70
N MET A 839 65.40 -20.46 -28.37
CA MET A 839 65.18 -19.06 -28.74
C MET A 839 64.83 -18.19 -27.54
N ARG A 840 63.94 -18.67 -26.67
CA ARG A 840 63.59 -17.89 -25.48
C ARG A 840 64.82 -17.60 -24.63
N GLN A 841 65.81 -18.49 -24.67
CA GLN A 841 67.08 -18.19 -24.02
C GLN A 841 67.75 -16.99 -24.69
N HIS A 842 67.70 -16.93 -26.02
CA HIS A 842 68.29 -15.81 -26.74
C HIS A 842 67.54 -14.51 -26.47
N TYR A 843 66.20 -14.57 -26.47
CA TYR A 843 65.38 -13.37 -26.33
C TYR A 843 65.56 -12.70 -24.98
N ASP A 844 65.92 -13.45 -23.96
CA ASP A 844 66.10 -12.88 -22.63
C ASP A 844 67.49 -12.34 -22.35
N ARG A 845 68.47 -12.67 -23.19
CA ARG A 845 69.83 -12.16 -23.00
C ARG A 845 69.99 -10.75 -23.56
N ILE A 846 68.93 -10.22 -24.15
CA ILE A 846 68.97 -8.87 -24.73
C ILE A 846 68.41 -7.94 -23.66
N HIS A 847 67.76 -8.52 -22.65
CA HIS A 847 67.17 -7.74 -21.57
C HIS A 847 68.07 -7.41 -20.38
N GLU A 848 68.86 -6.35 -20.52
CA GLU A 848 69.76 -5.91 -19.46
C GLU A 848 69.25 -4.61 -18.86
N GLU A 868 70.16 6.67 -24.82
CA GLU A 868 70.83 5.84 -25.82
C GLU A 868 70.54 4.36 -25.62
N GLN A 869 70.04 4.02 -24.43
CA GLN A 869 69.71 2.64 -24.09
C GLN A 869 68.49 2.14 -24.84
N SER A 870 67.62 3.06 -25.23
CA SER A 870 66.40 2.71 -25.95
C SER A 870 66.78 2.34 -27.39
N ILE A 871 67.29 3.31 -28.13
CA ILE A 871 67.69 3.09 -29.51
C ILE A 871 68.79 2.04 -29.62
N LYS A 872 69.73 2.07 -28.68
CA LYS A 872 70.84 1.12 -28.67
C LYS A 872 70.36 -0.33 -28.53
N ALA A 873 69.31 -0.53 -27.73
CA ALA A 873 68.78 -1.87 -27.51
C ALA A 873 67.52 -2.13 -28.33
N TYR A 874 66.68 -1.11 -28.47
CA TYR A 874 65.46 -1.26 -29.24
C TYR A 874 65.78 -1.75 -30.64
N HIS A 875 66.80 -1.17 -31.26
CA HIS A 875 67.14 -1.56 -32.62
C HIS A 875 67.91 -2.87 -32.68
N MET A 876 68.54 -3.29 -31.58
CA MET A 876 69.17 -4.61 -31.57
C MET A 876 68.13 -5.71 -31.76
N MET A 877 66.99 -5.58 -31.10
CA MET A 877 65.93 -6.58 -31.26
C MET A 877 65.08 -6.43 -32.51
N ASN A 878 65.08 -5.23 -33.10
CA ASN A 878 64.27 -4.99 -34.29
C ASN A 878 65.04 -5.60 -35.46
N LYS A 879 66.37 -5.63 -35.36
CA LYS A 879 67.16 -6.33 -36.37
C LYS A 879 67.26 -7.82 -36.11
N PHE A 880 66.75 -8.29 -34.96
CA PHE A 880 66.78 -9.72 -34.65
C PHE A 880 65.50 -10.42 -35.08
N LEU A 881 64.34 -9.91 -34.66
CA LEU A 881 63.09 -10.50 -35.11
C LEU A 881 62.94 -10.38 -36.62
N GLY A 882 63.48 -9.32 -37.23
CA GLY A 882 63.57 -9.29 -38.68
C GLY A 882 64.57 -10.27 -39.25
N SER A 883 65.56 -10.66 -38.46
CA SER A 883 66.52 -11.68 -38.87
C SER A 883 66.07 -13.09 -38.49
N PHE A 884 65.16 -13.21 -37.53
CA PHE A 884 64.57 -14.50 -37.17
C PHE A 884 63.55 -14.95 -38.21
N ILE A 885 62.74 -14.02 -38.69
CA ILE A 885 61.61 -14.38 -39.55
C ILE A 885 62.05 -14.46 -40.99
N ASP A 886 62.71 -13.42 -41.49
CA ASP A 886 63.50 -13.54 -42.70
C ASP A 886 64.62 -14.54 -42.44
N HIS A 887 64.58 -15.67 -43.13
CA HIS A 887 65.53 -16.74 -42.89
C HIS A 887 66.99 -16.27 -43.00
N GLU A 891 70.20 -19.39 -36.79
CA GLU A 891 70.10 -20.80 -36.41
C GLU A 891 68.87 -21.08 -35.57
N MET A 892 67.74 -20.49 -35.94
CA MET A 892 66.47 -20.72 -35.27
C MET A 892 65.48 -21.44 -36.17
N ASP A 893 65.18 -20.90 -37.34
CA ASP A 893 64.50 -21.62 -38.43
C ASP A 893 63.14 -22.16 -37.98
N TYR A 894 62.24 -21.23 -37.69
CA TYR A 894 60.84 -21.58 -37.48
C TYR A 894 60.26 -22.27 -38.71
N PHE A 895 59.17 -23.01 -38.51
CA PHE A 895 58.46 -23.59 -39.63
C PHE A 895 56.95 -23.54 -39.38
N ILE A 896 56.19 -23.48 -40.46
CA ILE A 896 54.75 -23.32 -40.42
C ILE A 896 54.09 -24.69 -40.41
N LYS A 897 52.89 -24.76 -39.83
CA LYS A 897 52.14 -26.01 -39.75
C LYS A 897 50.67 -25.65 -39.58
N ASP A 898 49.86 -26.63 -39.19
CA ASP A 898 48.42 -26.43 -39.04
C ASP A 898 47.88 -27.30 -37.92
N LYS A 899 46.91 -26.76 -37.18
CA LYS A 899 46.25 -27.50 -36.12
C LYS A 899 45.25 -28.48 -36.70
N LEU A 900 44.84 -29.44 -35.87
CA LEU A 900 43.88 -30.46 -36.27
C LEU A 900 42.51 -30.18 -35.66
N LEU A 901 41.53 -31.01 -36.06
CA LEU A 901 40.19 -30.87 -35.53
C LEU A 901 40.08 -31.40 -34.10
N LEU A 902 41.06 -32.18 -33.65
CA LEU A 902 41.05 -32.65 -32.27
C LEU A 902 41.76 -31.68 -31.35
N GLU A 903 42.84 -31.05 -31.84
CA GLU A 903 43.56 -30.08 -31.02
C GLU A 903 42.72 -28.85 -30.75
N ARG A 904 41.86 -28.47 -31.69
CA ARG A 904 41.17 -27.19 -31.63
C ARG A 904 40.08 -27.15 -30.55
N ILE A 905 39.62 -28.30 -30.07
CA ILE A 905 38.70 -28.32 -28.93
C ILE A 905 39.44 -28.57 -27.61
N LEU A 906 40.61 -29.20 -27.65
CA LEU A 906 41.37 -29.48 -26.45
C LEU A 906 42.14 -28.27 -25.94
N GLY A 907 42.37 -27.26 -26.77
CA GLY A 907 43.13 -26.09 -26.36
C GLY A 907 44.50 -26.47 -25.86
N MET A 908 45.19 -27.32 -26.61
CA MET A 908 46.41 -27.96 -26.16
C MET A 908 47.39 -27.99 -27.34
N GLU A 909 48.48 -28.73 -27.18
CA GLU A 909 49.41 -29.02 -28.26
C GLU A 909 49.88 -30.46 -28.12
N PHE A 910 49.97 -31.17 -29.26
CA PHE A 910 50.52 -32.52 -29.25
C PHE A 910 52.03 -32.55 -29.44
N MET A 911 52.55 -31.73 -30.34
CA MET A 911 53.96 -31.78 -30.71
C MET A 911 54.72 -30.70 -29.96
N GLU A 912 55.74 -31.10 -29.22
CA GLU A 912 56.53 -30.20 -28.42
C GLU A 912 57.65 -29.58 -29.26
N PRO A 913 57.84 -28.27 -29.17
CA PRO A 913 58.96 -27.64 -29.87
C PRO A 913 60.25 -27.72 -29.08
N MET A 914 61.28 -28.34 -29.66
CA MET A 914 62.60 -28.40 -29.04
C MET A 914 63.73 -28.07 -29.99
N GLU A 915 63.50 -28.05 -31.30
CA GLU A 915 64.53 -27.71 -32.26
C GLU A 915 64.02 -26.83 -33.40
N LYS A 916 62.73 -26.49 -33.43
CA LYS A 916 62.17 -25.86 -34.62
C LYS A 916 61.36 -24.60 -34.32
N SER A 917 60.72 -24.53 -33.15
CA SER A 917 59.86 -23.40 -32.78
C SER A 917 58.71 -23.23 -33.77
N ILE A 918 57.84 -24.23 -33.76
CA ILE A 918 56.80 -24.35 -34.78
C ILE A 918 55.80 -23.18 -34.73
N PHE A 919 55.20 -22.88 -35.89
CA PHE A 919 54.15 -21.88 -36.04
C PHE A 919 52.85 -22.55 -36.47
N TYR A 920 51.74 -22.03 -35.97
CA TYR A 920 50.41 -22.61 -36.23
C TYR A 920 49.55 -21.57 -36.94
N ASN A 921 49.04 -21.93 -38.11
CA ASN A 921 48.14 -21.05 -38.84
C ASN A 921 46.74 -21.16 -38.27
N ASP A 922 46.12 -20.02 -37.97
CA ASP A 922 44.78 -19.98 -37.40
C ASP A 922 44.06 -18.75 -37.94
N GLU A 923 43.06 -18.97 -38.78
CA GLU A 923 42.36 -17.87 -39.43
C GLU A 923 41.23 -17.30 -38.60
N GLY A 924 41.03 -17.78 -37.37
CA GLY A 924 39.94 -17.30 -36.56
C GLY A 924 40.31 -16.24 -35.55
N TYR A 925 41.30 -15.41 -35.90
CA TYR A 925 41.78 -14.33 -35.03
C TYR A 925 42.07 -14.85 -33.63
N SER A 926 43.06 -15.75 -33.56
CA SER A 926 43.39 -16.39 -32.29
C SER A 926 43.95 -15.39 -31.28
N PHE A 927 44.58 -14.31 -31.74
CA PHE A 927 45.21 -13.36 -30.83
C PHE A 927 44.18 -12.58 -30.04
N SER A 928 42.91 -12.94 -30.19
CA SER A 928 41.83 -12.23 -29.53
C SER A 928 41.57 -12.71 -28.11
N SER A 929 42.33 -13.67 -27.61
CA SER A 929 42.09 -14.22 -26.28
C SER A 929 42.87 -13.52 -25.20
N VAL A 930 43.59 -12.45 -25.51
CA VAL A 930 44.29 -11.68 -24.50
C VAL A 930 43.71 -10.28 -24.35
N LEU A 931 43.10 -9.72 -25.38
CA LEU A 931 42.59 -8.35 -25.29
C LEU A 931 41.09 -8.29 -25.03
N TYR A 932 40.65 -8.92 -23.94
CA TYR A 932 39.40 -8.61 -23.25
C TYR A 932 38.18 -8.80 -24.14
N TYR A 933 38.37 -9.34 -25.34
CA TYR A 933 37.30 -9.53 -26.32
C TYR A 933 36.93 -10.99 -26.50
N GLY A 934 37.90 -11.85 -26.73
CA GLY A 934 37.66 -13.26 -26.96
C GLY A 934 37.41 -14.07 -25.74
N ASN A 935 37.39 -13.44 -24.57
CA ASN A 935 37.02 -14.09 -23.32
C ASN A 935 35.95 -13.29 -22.61
N GLU A 936 34.90 -12.99 -23.35
CA GLU A 936 33.78 -12.22 -22.82
C GLU A 936 32.73 -13.12 -22.17
N ALA A 937 32.98 -14.42 -22.11
CA ALA A 937 32.05 -15.35 -21.49
C ALA A 937 32.07 -15.09 -19.99
N THR A 938 33.28 -15.03 -19.44
CA THR A 938 33.46 -14.78 -18.02
C THR A 938 32.86 -13.41 -17.66
N LEU A 939 33.15 -12.41 -18.49
CA LEU A 939 32.65 -11.06 -18.26
C LEU A 939 31.12 -11.04 -18.27
N LEU A 940 30.53 -11.78 -19.21
CA LEU A 940 29.08 -11.84 -19.33
C LEU A 940 28.47 -12.51 -18.11
N ILE A 941 29.15 -13.53 -17.59
CA ILE A 941 28.65 -14.25 -16.43
C ILE A 941 29.00 -13.55 -15.12
N PHE A 942 30.24 -13.07 -15.00
CA PHE A 942 30.67 -12.40 -13.79
C PHE A 942 29.89 -11.12 -13.55
N ASP A 943 29.39 -10.48 -14.60
CA ASP A 943 28.53 -9.33 -14.43
C ASP A 943 27.10 -9.72 -14.11
N LEU A 944 26.79 -11.01 -14.14
CA LEU A 944 25.45 -11.49 -13.82
C LEU A 944 25.36 -11.93 -12.37
N LEU A 945 26.41 -12.54 -11.84
CA LEU A 945 26.40 -12.92 -10.43
C LEU A 945 26.59 -11.71 -9.52
N PHE A 946 27.27 -10.66 -9.99
CA PHE A 946 27.32 -9.43 -9.23
C PHE A 946 25.92 -8.81 -9.11
N PHE A 947 25.15 -8.84 -10.19
CA PHE A 947 23.80 -8.29 -10.15
C PHE A 947 22.90 -9.10 -9.23
N CYS A 948 23.05 -10.41 -9.22
CA CYS A 948 22.16 -11.27 -8.45
C CYS A 948 22.62 -11.47 -7.01
N VAL A 949 23.72 -10.83 -6.60
CA VAL A 949 24.18 -10.88 -5.22
C VAL A 949 23.90 -9.58 -4.48
N VAL A 950 24.11 -8.44 -5.14
CA VAL A 950 23.66 -7.17 -4.58
C VAL A 950 22.14 -7.14 -4.51
N ASP A 951 21.46 -7.76 -5.47
CA ASP A 951 20.02 -7.92 -5.39
C ASP A 951 19.60 -8.80 -4.22
N LEU A 952 20.51 -9.62 -3.71
CA LEU A 952 20.15 -10.63 -2.72
C LEU A 952 20.35 -10.12 -1.30
N ALA A 953 21.38 -9.31 -1.07
CA ALA A 953 21.56 -8.70 0.24
C ALA A 953 20.47 -7.67 0.51
N CYS A 954 20.37 -6.66 -0.34
CA CYS A 954 19.29 -5.67 -0.28
C CYS A 954 18.41 -5.86 -1.51
N GLN A 955 17.12 -6.09 -1.29
CA GLN A 955 16.28 -6.61 -2.37
C GLN A 955 15.94 -5.56 -3.42
N ASN A 956 16.62 -4.43 -3.40
CA ASN A 956 16.29 -3.34 -4.32
C ASN A 956 16.89 -3.63 -5.69
N PHE A 957 16.19 -3.20 -6.74
CA PHE A 957 16.64 -3.48 -8.11
C PHE A 957 17.44 -2.35 -8.73
N ILE A 958 17.12 -1.10 -8.45
CA ILE A 958 17.96 -0.02 -8.95
C ILE A 958 19.35 -0.11 -8.35
N LEU A 959 19.43 -0.40 -7.05
CA LEU A 959 20.73 -0.52 -6.41
C LEU A 959 21.50 -1.72 -6.93
N ALA A 960 20.81 -2.74 -7.41
CA ALA A 960 21.54 -3.88 -7.95
C ALA A 960 22.25 -3.52 -9.25
N SER A 961 21.60 -2.72 -10.10
CA SER A 961 22.13 -2.39 -11.41
C SER A 961 22.75 -1.00 -11.49
N PHE A 962 22.90 -0.30 -10.37
CA PHE A 962 23.84 0.80 -10.34
C PHE A 962 25.18 0.33 -9.81
N LEU A 963 25.22 -0.87 -9.22
CA LEU A 963 26.45 -1.41 -8.70
C LEU A 963 27.07 -2.44 -9.62
N THR A 964 26.38 -2.82 -10.70
CA THR A 964 27.05 -3.62 -11.73
C THR A 964 27.56 -2.76 -12.85
N TYR A 965 27.00 -1.56 -13.02
CA TYR A 965 27.60 -0.60 -13.93
C TYR A 965 28.84 0.03 -13.30
N LEU A 966 28.81 0.23 -11.99
CA LEU A 966 29.94 0.86 -11.32
C LEU A 966 31.14 -0.07 -11.24
N GLN A 967 30.91 -1.38 -11.10
CA GLN A 967 32.00 -2.33 -11.08
C GLN A 967 32.55 -2.63 -12.46
N GLN A 968 31.82 -2.33 -13.52
CA GLN A 968 32.39 -2.49 -14.86
C GLN A 968 33.41 -1.41 -15.13
N GLU A 969 33.07 -0.15 -14.86
CA GLU A 969 33.94 0.95 -15.20
C GLU A 969 35.22 0.95 -14.39
N ILE A 970 35.17 0.48 -13.15
CA ILE A 970 36.39 0.37 -12.36
C ILE A 970 37.32 -0.67 -12.96
N PHE A 971 36.79 -1.83 -13.35
CA PHE A 971 37.63 -2.85 -13.95
C PHE A 971 37.97 -2.53 -15.40
N ARG A 972 37.10 -1.80 -16.09
CA ARG A 972 37.46 -1.31 -17.41
C ARG A 972 38.59 -0.31 -17.34
N TYR A 973 38.61 0.52 -16.29
CA TYR A 973 39.65 1.52 -16.16
C TYR A 973 40.97 0.90 -15.69
N ILE A 974 40.90 -0.06 -14.77
CA ILE A 974 42.12 -0.71 -14.29
C ILE A 974 42.86 -1.36 -15.46
N ARG A 975 42.12 -1.98 -16.37
CA ARG A 975 42.73 -2.63 -17.52
C ARG A 975 43.45 -1.62 -18.41
N ASN A 976 42.83 -0.47 -18.66
CA ASN A 976 43.37 0.48 -19.62
C ASN A 976 44.49 1.33 -19.06
N THR A 977 44.62 1.39 -17.73
CA THR A 977 45.70 2.18 -17.13
C THR A 977 46.93 1.31 -16.90
N VAL A 978 46.79 0.25 -16.11
CA VAL A 978 47.92 -0.62 -15.84
C VAL A 978 48.36 -1.36 -17.09
N GLY A 979 47.42 -1.61 -18.02
CA GLY A 979 47.79 -2.28 -19.24
C GLY A 979 48.73 -1.45 -20.10
N GLN A 980 48.42 -0.17 -20.27
CA GLN A 980 49.26 0.67 -21.13
C GLN A 980 50.50 1.15 -20.40
N LYS A 981 50.45 1.29 -19.08
CA LYS A 981 51.65 1.61 -18.32
C LYS A 981 52.68 0.49 -18.44
N ASN A 982 52.22 -0.76 -18.49
CA ASN A 982 53.11 -1.88 -18.73
C ASN A 982 53.76 -1.79 -20.10
N LEU A 983 52.96 -1.46 -21.13
CA LEU A 983 53.48 -1.49 -22.49
C LEU A 983 54.57 -0.44 -22.71
N ALA A 984 54.56 0.63 -21.93
CA ALA A 984 55.61 1.64 -22.05
C ALA A 984 56.96 1.06 -21.66
N SER A 985 57.00 0.25 -20.60
CA SER A 985 58.27 -0.33 -20.18
C SER A 985 58.76 -1.37 -21.18
N LYS A 986 57.88 -2.29 -21.60
CA LYS A 986 58.29 -3.39 -22.45
C LYS A 986 58.71 -2.94 -23.85
N THR A 987 58.37 -1.72 -24.24
CA THR A 987 58.72 -1.17 -25.54
C THR A 987 59.40 0.19 -25.38
N LEU A 988 59.52 0.91 -26.48
CA LEU A 988 60.18 2.22 -26.47
C LEU A 988 59.45 3.18 -25.53
N VAL A 989 60.21 4.15 -25.02
CA VAL A 989 59.79 5.13 -24.01
C VAL A 989 58.85 4.53 -22.96
N GLN B 37 -6.24 -41.59 15.29
CA GLN B 37 -7.45 -41.76 14.48
C GLN B 37 -7.71 -40.53 13.62
N THR B 38 -8.87 -40.50 12.97
CA THR B 38 -9.32 -39.35 12.21
C THR B 38 -10.42 -38.65 13.00
N PHE B 39 -10.49 -37.33 12.84
CA PHE B 39 -11.42 -36.50 13.60
C PHE B 39 -12.30 -35.76 12.60
N SER B 40 -13.42 -36.37 12.22
CA SER B 40 -14.33 -35.76 11.25
C SER B 40 -15.73 -36.27 11.51
N PHE B 41 -16.71 -35.38 11.33
CA PHE B 41 -18.11 -35.71 11.54
C PHE B 41 -18.95 -34.84 10.63
N PRO B 42 -20.18 -35.26 10.30
CA PRO B 42 -20.98 -34.51 9.32
C PRO B 42 -21.27 -33.09 9.77
N PHE B 43 -21.39 -32.21 8.78
CA PHE B 43 -21.65 -30.80 9.00
C PHE B 43 -23.16 -30.56 9.12
N GLN B 44 -23.59 -30.03 10.26
CA GLN B 44 -25.01 -29.80 10.52
C GLN B 44 -25.21 -28.38 11.03
N GLN B 45 -26.27 -27.74 10.55
CA GLN B 45 -26.60 -26.37 10.91
C GLN B 45 -27.89 -26.34 11.74
N PRO B 46 -28.00 -25.43 12.70
CA PRO B 46 -29.22 -25.38 13.51
C PRO B 46 -30.47 -25.07 12.71
N GLU B 47 -30.34 -24.35 11.59
CA GLU B 47 -31.50 -24.02 10.78
C GLU B 47 -32.08 -25.23 10.08
N LYS B 48 -31.34 -26.33 10.01
CA LYS B 48 -31.78 -27.53 9.30
C LYS B 48 -32.26 -28.65 10.20
N CYS B 49 -32.18 -28.48 11.52
CA CYS B 49 -32.74 -29.48 12.42
C CYS B 49 -34.24 -29.56 12.25
N ASP B 50 -34.78 -30.77 12.34
CA ASP B 50 -36.20 -30.99 12.13
C ASP B 50 -37.02 -30.37 13.26
N ASN B 51 -38.31 -30.18 12.99
CA ASN B 51 -39.19 -29.51 13.95
C ASN B 51 -39.23 -30.21 15.29
N ASN B 52 -38.97 -31.51 15.32
CA ASN B 52 -38.93 -32.27 16.56
C ASN B 52 -37.51 -32.52 17.03
N GLN B 53 -36.51 -31.94 16.36
CA GLN B 53 -35.11 -32.09 16.71
C GLN B 53 -34.55 -30.75 17.15
N TYR B 54 -33.62 -30.79 18.11
CA TYR B 54 -32.98 -29.57 18.57
C TYR B 54 -31.47 -29.69 18.41
N PHE B 55 -30.84 -28.53 18.28
CA PHE B 55 -29.41 -28.44 18.00
C PHE B 55 -28.66 -28.42 19.32
N ASP B 56 -27.71 -29.34 19.47
CA ASP B 56 -26.86 -29.38 20.65
C ASP B 56 -25.71 -28.40 20.51
N ILE B 57 -25.22 -27.88 21.64
CA ILE B 57 -24.11 -26.94 21.58
C ILE B 57 -22.74 -27.62 21.74
N SER B 58 -22.68 -28.76 22.44
CA SER B 58 -21.42 -29.46 22.63
C SER B 58 -21.26 -30.69 21.75
N ALA B 59 -22.31 -31.09 21.03
CA ALA B 59 -22.22 -32.19 20.08
C ALA B 59 -22.39 -31.74 18.65
N LEU B 60 -22.96 -30.56 18.42
CA LEU B 60 -23.07 -29.98 17.08
C LEU B 60 -23.81 -30.91 16.13
N SER B 61 -24.87 -31.54 16.64
CA SER B 61 -25.73 -32.38 15.82
C SER B 61 -27.15 -32.27 16.32
N CYS B 62 -28.10 -32.50 15.42
CA CYS B 62 -29.51 -32.44 15.79
C CYS B 62 -29.85 -33.60 16.71
N VAL B 63 -30.65 -33.33 17.73
CA VAL B 63 -31.03 -34.32 18.74
C VAL B 63 -32.54 -34.29 18.92
N PRO B 64 -33.21 -35.45 18.94
CA PRO B 64 -34.67 -35.46 19.15
C PRO B 64 -35.05 -34.89 20.50
N CYS B 65 -36.20 -34.22 20.53
CA CYS B 65 -36.64 -33.55 21.77
C CYS B 65 -36.96 -34.57 22.86
N GLY B 66 -37.79 -35.56 22.54
CA GLY B 66 -38.15 -36.56 23.52
C GLY B 66 -39.63 -36.87 23.60
N ALA B 67 -40.23 -36.63 24.76
CA ALA B 67 -41.61 -37.02 25.04
C ALA B 67 -42.53 -35.81 24.94
N ASN B 68 -43.32 -35.75 23.87
CA ASN B 68 -44.30 -34.68 23.66
C ASN B 68 -43.66 -33.29 23.73
N GLN B 69 -42.40 -33.19 23.34
CA GLN B 69 -41.69 -31.93 23.31
C GLN B 69 -41.49 -31.49 21.87
N ARG B 70 -41.16 -30.22 21.68
CA ARG B 70 -40.97 -29.68 20.34
C ARG B 70 -39.91 -28.59 20.39
N GLN B 71 -39.34 -28.29 19.23
CA GLN B 71 -38.24 -27.35 19.14
C GLN B 71 -38.66 -25.96 19.63
N ASP B 72 -37.76 -25.29 20.34
CA ASP B 72 -38.04 -24.00 20.93
C ASP B 72 -38.03 -22.92 19.84
N ALA B 73 -38.14 -21.66 20.24
CA ALA B 73 -38.21 -20.57 19.29
C ALA B 73 -36.91 -20.44 18.49
N ARG B 74 -35.77 -20.59 19.16
CA ARG B 74 -34.47 -20.38 18.53
C ARG B 74 -33.79 -21.66 18.09
N GLY B 75 -34.08 -22.80 18.73
CA GLY B 75 -33.57 -24.07 18.28
C GLY B 75 -32.45 -24.69 19.09
N THR B 76 -32.07 -24.08 20.22
CA THR B 76 -31.02 -24.63 21.06
C THR B 76 -31.56 -25.53 22.17
N SER B 77 -32.88 -25.73 22.23
CA SER B 77 -33.49 -26.60 23.22
C SER B 77 -34.93 -26.87 22.77
N CYS B 78 -35.68 -27.54 23.63
CA CYS B 78 -37.07 -27.91 23.34
C CYS B 78 -37.98 -27.44 24.47
N VAL B 79 -39.12 -26.88 24.09
CA VAL B 79 -40.21 -26.59 25.02
C VAL B 79 -41.44 -27.32 24.50
N CYS B 80 -42.18 -27.95 25.40
CA CYS B 80 -43.05 -29.02 24.98
C CYS B 80 -44.43 -28.52 24.54
N LEU B 81 -45.26 -29.48 24.11
CA LEU B 81 -46.40 -29.22 23.25
C LEU B 81 -47.53 -28.53 24.00
N PRO B 82 -48.45 -27.90 23.26
CA PRO B 82 -49.63 -27.30 23.89
C PRO B 82 -50.46 -28.35 24.63
N GLY B 83 -51.04 -27.93 25.74
CA GLY B 83 -51.78 -28.82 26.61
C GLY B 83 -50.95 -29.52 27.65
N PHE B 84 -49.63 -29.39 27.59
CA PHE B 84 -48.72 -30.02 28.55
C PHE B 84 -48.09 -28.94 29.42
N GLN B 85 -48.22 -29.09 30.73
CA GLN B 85 -47.66 -28.13 31.67
C GLN B 85 -46.30 -28.66 32.13
N MET B 86 -45.32 -27.76 32.19
CA MET B 86 -43.93 -28.14 32.41
C MET B 86 -43.65 -28.26 33.90
N ILE B 87 -43.06 -29.40 34.29
CA ILE B 87 -42.80 -29.69 35.70
C ILE B 87 -41.45 -29.10 36.12
N SER B 88 -40.37 -29.60 35.53
CA SER B 88 -39.02 -29.25 35.94
C SER B 88 -38.19 -28.93 34.71
N ASN B 89 -37.42 -27.85 34.77
CA ASN B 89 -36.58 -27.45 33.65
C ASN B 89 -35.43 -26.59 34.20
N ASN B 90 -34.25 -27.19 34.32
CA ASN B 90 -33.06 -26.46 34.70
C ASN B 90 -32.34 -25.98 33.44
N GLY B 91 -31.09 -25.58 33.56
CA GLY B 91 -30.37 -25.01 32.45
C GLY B 91 -29.94 -26.03 31.41
N GLY B 92 -30.61 -27.18 31.37
CA GLY B 92 -30.32 -28.20 30.41
C GLY B 92 -31.39 -28.32 29.34
N PRO B 93 -31.17 -29.19 28.36
CA PRO B 93 -32.14 -29.35 27.27
C PRO B 93 -33.25 -30.33 27.60
N ALA B 94 -32.97 -31.28 28.48
CA ALA B 94 -33.93 -32.32 28.85
C ALA B 94 -34.92 -31.75 29.85
N ILE B 95 -36.19 -31.71 29.49
CA ILE B 95 -37.24 -31.18 30.35
C ILE B 95 -38.32 -32.25 30.52
N ILE B 96 -39.09 -32.11 31.60
CA ILE B 96 -40.14 -33.06 31.94
C ILE B 96 -41.45 -32.30 32.08
N CYS B 97 -42.44 -32.65 31.27
CA CYS B 97 -43.78 -32.09 31.40
C CYS B 97 -44.81 -33.20 31.24
N LYS B 98 -45.94 -33.02 31.92
CA LYS B 98 -47.00 -34.02 31.97
C LYS B 98 -48.32 -33.40 31.57
N LYS B 99 -49.17 -34.21 30.94
CA LYS B 99 -50.52 -33.76 30.58
C LYS B 99 -51.33 -33.55 31.85
N CYS B 100 -51.65 -32.29 32.13
CA CYS B 100 -52.41 -31.95 33.33
C CYS B 100 -53.90 -32.19 33.11
N PRO B 101 -54.67 -32.34 34.19
CA PRO B 101 -56.04 -32.90 34.05
C PRO B 101 -56.92 -32.11 33.09
N GLU B 102 -57.78 -32.86 32.39
CA GLU B 102 -58.58 -32.32 31.31
C GLU B 102 -59.59 -31.28 31.76
N ASN B 103 -59.96 -31.26 33.05
CA ASN B 103 -60.91 -30.25 33.51
C ASN B 103 -60.31 -28.85 33.52
N MET B 104 -58.99 -28.73 33.35
CA MET B 104 -58.30 -27.44 33.20
C MET B 104 -57.41 -27.55 31.95
N LYS B 105 -58.02 -27.26 30.79
CA LYS B 105 -57.37 -27.53 29.52
C LYS B 105 -56.23 -26.56 29.24
N GLY B 106 -56.40 -25.28 29.56
CA GLY B 106 -55.44 -24.26 29.21
C GLY B 106 -54.31 -24.13 30.23
N VAL B 107 -53.22 -23.51 29.80
CA VAL B 107 -52.07 -23.28 30.64
C VAL B 107 -51.88 -21.78 30.81
N THR B 108 -51.15 -21.40 31.86
CA THR B 108 -50.86 -19.99 32.09
C THR B 108 -49.92 -19.46 31.02
N GLU B 109 -49.64 -18.16 31.09
CA GLU B 109 -48.66 -17.57 30.19
C GLU B 109 -47.31 -18.24 30.35
N ASP B 110 -46.88 -18.44 31.59
CA ASP B 110 -45.71 -19.26 31.89
C ASP B 110 -46.14 -20.71 32.03
N GLY B 111 -45.43 -21.61 31.36
CA GLY B 111 -45.84 -22.99 31.29
C GLY B 111 -45.54 -23.83 32.51
N TRP B 112 -45.36 -23.17 33.66
CA TRP B 112 -45.13 -23.92 34.89
C TRP B 112 -46.41 -24.56 35.42
N ASN B 113 -47.57 -23.99 35.11
CA ASN B 113 -48.83 -24.46 35.67
C ASN B 113 -49.91 -24.43 34.58
N CYS B 114 -51.03 -25.07 34.87
CA CYS B 114 -52.20 -24.99 34.02
C CYS B 114 -53.42 -24.73 34.89
N ILE B 115 -54.38 -23.98 34.35
CA ILE B 115 -55.60 -23.62 35.07
C ILE B 115 -56.76 -23.61 34.09
N SER B 116 -57.97 -23.47 34.63
CA SER B 116 -59.18 -23.46 33.82
C SER B 116 -59.24 -22.20 32.97
N CYS B 117 -60.17 -22.19 32.03
CA CYS B 117 -60.30 -21.08 31.10
C CYS B 117 -61.75 -20.58 31.09
N PRO B 118 -61.96 -19.27 30.98
CA PRO B 118 -63.33 -18.74 30.88
C PRO B 118 -63.91 -18.83 29.48
N SER B 119 -63.12 -19.18 28.48
CA SER B 119 -63.59 -19.19 27.10
C SER B 119 -62.88 -20.31 26.36
N ASP B 120 -62.95 -20.28 25.04
CA ASP B 120 -62.33 -21.31 24.21
C ASP B 120 -60.81 -21.21 24.28
N LEU B 121 -60.16 -22.26 23.79
CA LEU B 121 -58.71 -22.38 23.82
C LEU B 121 -58.10 -21.65 22.63
N THR B 122 -56.78 -21.46 22.69
CA THR B 122 -56.04 -20.87 21.59
C THR B 122 -55.27 -21.96 20.83
N ALA B 123 -54.62 -21.56 19.73
CA ALA B 123 -53.77 -22.50 19.00
C ALA B 123 -52.61 -22.97 19.86
N GLU B 124 -52.00 -22.06 20.61
CA GLU B 124 -50.98 -22.43 21.58
C GLU B 124 -51.57 -22.82 22.93
N GLY B 125 -52.90 -22.78 23.06
CA GLY B 125 -53.56 -23.17 24.29
C GLY B 125 -53.23 -22.29 25.48
N LYS B 126 -53.33 -20.97 25.31
CA LYS B 126 -52.95 -20.04 26.36
C LYS B 126 -54.12 -19.20 26.85
N CYS B 127 -55.35 -19.60 26.53
CA CYS B 127 -56.55 -19.11 27.21
C CYS B 127 -56.72 -17.59 27.07
N HIS B 128 -56.86 -17.15 25.83
CA HIS B 128 -57.03 -15.73 25.55
C HIS B 128 -58.49 -15.31 25.81
N CYS B 129 -58.70 -14.00 25.83
CA CYS B 129 -60.05 -13.44 25.81
C CYS B 129 -60.01 -12.21 24.89
N PRO B 130 -61.15 -11.52 24.62
CA PRO B 130 -61.18 -10.58 23.47
C PRO B 130 -60.22 -9.40 23.54
N ILE B 131 -60.35 -8.53 22.54
CA ILE B 131 -59.26 -7.63 22.15
C ILE B 131 -58.87 -6.70 23.30
N GLY B 132 -59.85 -6.07 23.93
CA GLY B 132 -59.54 -4.97 24.81
C GLY B 132 -59.25 -5.25 26.27
N HIS B 133 -58.98 -6.50 26.65
CA HIS B 133 -58.93 -6.86 28.05
C HIS B 133 -57.55 -7.38 28.46
N ILE B 134 -57.32 -7.42 29.78
CA ILE B 134 -56.13 -8.04 30.33
C ILE B 134 -56.50 -9.36 30.97
N LEU B 135 -55.61 -10.33 30.80
CA LEU B 135 -55.83 -11.71 31.19
C LEU B 135 -55.25 -11.91 32.58
N VAL B 136 -56.10 -11.86 33.61
CA VAL B 136 -55.69 -12.01 34.99
C VAL B 136 -55.76 -13.48 35.37
N GLU B 137 -54.64 -14.04 35.78
CA GLU B 137 -54.60 -15.41 36.29
C GLU B 137 -54.00 -15.48 37.68
N ARG B 138 -53.01 -14.66 37.96
CA ARG B 138 -52.41 -14.60 39.29
C ARG B 138 -53.29 -13.75 40.19
N ASP B 139 -52.75 -13.35 41.33
CA ASP B 139 -53.42 -12.37 42.19
C ASP B 139 -52.47 -11.21 42.43
N ILE B 140 -52.76 -10.39 43.46
CA ILE B 140 -51.75 -9.46 43.94
C ILE B 140 -50.57 -10.21 44.54
N ASN B 141 -50.87 -11.28 45.29
CA ASN B 141 -49.79 -12.02 45.96
C ASN B 141 -48.90 -12.74 44.96
N GLY B 142 -49.45 -13.13 43.82
CA GLY B 142 -48.81 -14.09 42.94
C GLY B 142 -49.38 -15.50 43.04
N THR B 143 -50.35 -15.75 43.91
CA THR B 143 -50.99 -17.06 43.99
C THR B 143 -51.89 -17.28 42.79
N LEU B 144 -52.10 -18.55 42.46
CA LEU B 144 -52.96 -18.90 41.34
C LEU B 144 -54.43 -18.66 41.69
N LEU B 145 -55.26 -18.59 40.64
CA LEU B 145 -56.70 -18.43 40.81
C LEU B 145 -57.52 -19.58 40.26
N SER B 146 -56.99 -20.36 39.31
CA SER B 146 -57.62 -21.54 38.73
C SER B 146 -58.88 -21.23 37.95
N GLN B 147 -59.23 -19.96 37.77
CA GLN B 147 -60.36 -19.58 36.93
C GLN B 147 -59.99 -18.64 35.80
N ALA B 148 -59.00 -17.77 35.99
CA ALA B 148 -58.45 -16.95 34.92
C ALA B 148 -59.50 -16.00 34.35
N THR B 149 -60.05 -15.17 35.22
CA THR B 149 -60.94 -14.10 34.76
C THR B 149 -60.12 -13.00 34.10
N CYS B 150 -60.75 -12.26 33.19
CA CYS B 150 -60.06 -11.16 32.55
C CYS B 150 -60.91 -9.90 32.58
N GLU B 151 -60.30 -8.80 33.03
CA GLU B 151 -60.98 -7.58 33.41
C GLU B 151 -60.58 -6.43 32.48
N LEU B 152 -61.49 -5.47 32.32
CA LEU B 152 -61.24 -4.33 31.45
C LEU B 152 -60.27 -3.35 32.10
N CYS B 153 -59.27 -2.91 31.33
CA CYS B 153 -58.49 -1.77 31.74
C CYS B 153 -59.35 -0.52 31.65
N ASP B 154 -59.15 0.40 32.59
CA ASP B 154 -60.02 1.57 32.68
C ASP B 154 -59.91 2.48 31.45
N GLY B 155 -58.76 3.13 31.28
CA GLY B 155 -58.49 3.99 30.14
C GLY B 155 -59.49 5.09 29.83
N ASN B 156 -60.45 5.36 30.72
CA ASN B 156 -61.51 6.30 30.38
C ASN B 156 -61.93 7.18 31.55
N GLU B 157 -61.01 7.55 32.43
CA GLU B 157 -61.41 8.22 33.66
C GLU B 157 -60.23 9.02 34.20
N ASN B 158 -60.28 9.35 35.49
CA ASN B 158 -59.19 10.08 36.12
C ASN B 158 -57.88 9.30 36.13
N SER B 159 -57.91 8.00 35.88
CA SER B 159 -56.70 7.20 35.74
C SER B 159 -56.81 6.40 34.45
N PHE B 160 -55.90 6.66 33.52
CA PHE B 160 -55.96 6.12 32.16
C PHE B 160 -55.05 4.91 32.04
N MET B 161 -55.55 3.85 31.39
CA MET B 161 -54.80 2.62 31.27
C MET B 161 -55.22 1.87 30.00
N VAL B 162 -54.25 1.28 29.32
CA VAL B 162 -54.46 0.49 28.11
C VAL B 162 -53.50 -0.70 28.15
N VAL B 163 -53.91 -1.82 27.54
CA VAL B 163 -53.10 -3.03 27.59
C VAL B 163 -51.72 -2.80 26.97
N ASN B 164 -50.78 -3.67 27.30
CA ASN B 164 -49.36 -3.40 27.09
C ASN B 164 -48.71 -4.38 26.11
N ALA B 165 -49.44 -4.78 25.08
CA ALA B 165 -48.95 -5.59 23.96
C ALA B 165 -48.59 -7.01 24.37
N LEU B 166 -48.66 -7.37 25.65
CA LEU B 166 -48.49 -8.74 26.08
C LEU B 166 -49.73 -9.28 26.78
N GLY B 167 -50.76 -8.46 26.98
CA GLY B 167 -51.98 -8.91 27.58
C GLY B 167 -51.90 -9.20 29.06
N ASP B 168 -50.90 -8.65 29.76
CA ASP B 168 -50.69 -8.95 31.16
C ASP B 168 -51.20 -7.85 32.09
N ARG B 169 -50.70 -6.64 31.93
CA ARG B 169 -51.00 -5.58 32.89
C ARG B 169 -51.41 -4.31 32.17
N CYS B 170 -52.29 -3.54 32.81
CA CYS B 170 -52.64 -2.22 32.30
C CYS B 170 -51.42 -1.30 32.35
N VAL B 171 -51.30 -0.45 31.34
CA VAL B 171 -50.21 0.54 31.27
C VAL B 171 -50.79 1.81 30.66
N ARG B 172 -50.14 2.93 30.94
CA ARG B 172 -50.71 4.22 30.58
C ARG B 172 -50.68 4.46 29.08
N CYS B 173 -51.71 5.14 28.59
CA CYS B 173 -51.89 5.48 27.17
C CYS B 173 -51.25 6.81 26.84
N GLU B 174 -50.96 7.00 25.55
CA GLU B 174 -50.02 8.04 25.11
C GLU B 174 -50.48 9.42 25.55
N PRO B 175 -49.56 10.28 26.00
CA PRO B 175 -49.95 11.60 26.51
C PRO B 175 -50.63 12.48 25.47
N THR B 176 -50.32 12.31 24.19
CA THR B 176 -51.05 13.04 23.16
C THR B 176 -52.53 12.68 23.20
N PHE B 177 -52.83 11.38 23.29
CA PHE B 177 -54.21 10.92 23.35
C PHE B 177 -54.95 11.53 24.51
N VAL B 178 -54.35 11.49 25.70
CA VAL B 178 -54.99 12.03 26.88
C VAL B 178 -55.04 13.54 26.88
N ASN B 179 -54.25 14.21 26.02
CA ASN B 179 -54.40 15.66 25.94
C ASN B 179 -55.53 16.05 25.00
N THR B 180 -55.39 15.75 23.70
CA THR B 180 -56.34 16.31 22.74
C THR B 180 -57.71 15.67 22.88
N SER B 181 -57.77 14.35 22.93
CA SER B 181 -58.99 13.67 23.33
C SER B 181 -59.12 13.81 24.84
N ARG B 182 -60.09 13.14 25.42
CA ARG B 182 -60.21 13.20 26.87
C ARG B 182 -59.75 11.94 27.56
N SER B 183 -59.93 10.77 26.94
CA SER B 183 -59.26 9.60 27.50
C SER B 183 -58.98 8.60 26.36
N CYS B 184 -57.87 8.81 25.67
CA CYS B 184 -57.30 7.88 24.70
C CYS B 184 -58.30 7.01 23.98
N ALA B 185 -59.24 7.65 23.29
CA ALA B 185 -60.11 7.01 22.32
C ALA B 185 -59.81 7.46 20.90
N CYS B 186 -59.71 8.77 20.68
CA CYS B 186 -59.31 9.37 19.41
C CYS B 186 -60.28 8.97 18.29
N SER B 187 -61.52 9.41 18.47
CA SER B 187 -62.62 9.05 17.58
C SER B 187 -62.54 9.87 16.30
N GLU B 188 -63.62 9.86 15.52
CA GLU B 188 -63.63 10.53 14.22
C GLU B 188 -63.34 12.02 14.27
N PRO B 189 -63.89 12.82 15.19
CA PRO B 189 -63.64 14.27 15.13
C PRO B 189 -62.17 14.65 15.30
N ASN B 190 -61.34 13.76 15.83
CA ASN B 190 -59.91 13.99 15.89
C ASN B 190 -59.22 13.16 14.81
N ILE B 191 -57.90 13.27 14.76
CA ILE B 191 -57.11 12.63 13.71
C ILE B 191 -56.04 11.76 14.38
N LEU B 192 -55.91 10.53 13.89
CA LEU B 192 -54.91 9.59 14.38
C LEU B 192 -53.95 9.26 13.26
N THR B 193 -52.78 9.89 13.28
CA THR B 193 -51.77 9.64 12.27
C THR B 193 -50.43 9.39 12.93
N GLY B 194 -49.69 8.42 12.38
CA GLY B 194 -48.36 8.11 12.87
C GLY B 194 -48.26 7.73 14.32
N GLY B 195 -49.40 7.61 15.01
CA GLY B 195 -49.42 7.22 16.41
C GLY B 195 -49.84 8.30 17.38
N LEU B 196 -50.12 9.51 16.91
CA LEU B 196 -50.52 10.62 17.76
C LEU B 196 -51.97 11.00 17.46
N CYS B 197 -52.53 11.92 18.23
CA CYS B 197 -53.93 12.29 18.09
C CYS B 197 -54.08 13.81 18.20
N PHE B 198 -53.99 14.51 17.07
CA PHE B 198 -54.06 15.96 17.05
C PHE B 198 -55.49 16.44 16.91
N SER B 199 -55.82 17.50 17.62
CA SER B 199 -57.16 18.07 17.53
C SER B 199 -57.39 18.64 16.14
N SER B 200 -58.64 18.59 15.70
CA SER B 200 -58.96 19.09 14.37
C SER B 200 -59.01 20.61 14.31
N THR B 201 -59.48 21.26 15.38
CA THR B 201 -59.69 22.70 15.35
C THR B 201 -58.38 23.48 15.23
N GLY B 202 -57.34 23.05 15.94
CA GLY B 202 -56.09 23.76 15.95
C GLY B 202 -55.35 23.65 14.62
N ASN B 203 -54.16 24.24 14.60
CA ASN B 203 -53.37 24.27 13.38
C ASN B 203 -52.95 22.85 12.99
N PHE B 204 -52.90 22.61 11.69
CA PHE B 204 -52.68 21.29 11.15
C PHE B 204 -52.34 21.40 9.67
N PRO B 205 -51.32 20.70 9.19
CA PRO B 205 -50.95 20.84 7.77
C PRO B 205 -51.94 20.17 6.84
N LEU B 206 -53.04 20.87 6.55
CA LEU B 206 -54.13 20.32 5.73
C LEU B 206 -53.76 20.55 4.28
N ARG B 207 -53.24 19.49 3.64
CA ARG B 207 -52.86 19.51 2.23
C ARG B 207 -52.45 18.10 1.84
N ARG B 208 -52.72 17.76 0.58
CA ARG B 208 -52.45 16.41 0.11
C ARG B 208 -50.96 16.19 -0.10
N ILE B 209 -50.27 15.71 0.94
CA ILE B 209 -48.83 15.49 0.92
C ILE B 209 -48.46 14.60 -0.28
N SER B 210 -47.23 14.74 -0.76
CA SER B 210 -46.68 13.85 -1.78
C SER B 210 -45.49 13.13 -1.18
N ALA B 211 -45.59 11.82 -1.02
CA ALA B 211 -44.53 11.02 -0.40
C ALA B 211 -43.63 10.41 -1.46
N ALA B 212 -43.09 11.23 -2.34
CA ALA B 212 -42.29 10.76 -3.46
C ALA B 212 -40.82 11.10 -3.20
N ARG B 213 -39.96 10.13 -3.43
CA ARG B 213 -38.53 10.28 -3.20
C ARG B 213 -37.82 10.36 -4.54
N TYR B 214 -37.11 11.47 -4.79
CA TYR B 214 -36.47 11.68 -6.08
C TYR B 214 -35.30 10.73 -6.27
N GLY B 215 -35.26 10.09 -7.43
CA GLY B 215 -34.29 9.07 -7.73
C GLY B 215 -33.14 9.58 -8.56
N GLU B 216 -32.50 8.65 -9.29
CA GLU B 216 -31.25 8.91 -9.98
C GLU B 216 -31.37 9.97 -11.07
N VAL B 217 -32.13 9.66 -12.12
CA VAL B 217 -32.18 10.55 -13.27
C VAL B 217 -33.63 10.88 -13.61
N GLY B 218 -34.44 9.85 -13.82
CA GLY B 218 -35.83 10.07 -14.17
C GLY B 218 -36.76 9.13 -13.45
N MET B 219 -36.35 8.65 -12.28
CA MET B 219 -37.13 7.69 -11.51
C MET B 219 -37.75 8.35 -10.30
N SER B 220 -38.61 7.60 -9.61
CA SER B 220 -39.24 7.99 -8.36
C SER B 220 -40.03 6.80 -7.83
N LEU B 221 -40.15 6.72 -6.51
CA LEU B 221 -40.86 5.61 -5.90
C LEU B 221 -41.46 6.06 -4.57
N THR B 222 -42.73 5.71 -4.36
CA THR B 222 -43.46 6.18 -3.19
C THR B 222 -42.97 5.41 -1.97
N SER B 223 -41.94 5.93 -1.33
CA SER B 223 -41.38 5.26 -0.16
C SER B 223 -42.39 5.23 0.98
N GLU B 224 -42.39 4.14 1.74
CA GLU B 224 -43.35 3.99 2.82
C GLU B 224 -42.98 4.85 4.02
N TRP B 225 -41.69 5.06 4.27
CA TRP B 225 -41.27 5.83 5.43
C TRP B 225 -41.88 7.22 5.41
N PHE B 226 -41.78 7.92 4.28
CA PHE B 226 -42.38 9.25 4.19
C PHE B 226 -43.88 9.17 4.39
N ALA B 227 -44.54 8.30 3.63
CA ALA B 227 -45.99 8.28 3.62
C ALA B 227 -46.57 7.90 4.97
N LYS B 228 -45.78 7.31 5.86
CA LYS B 228 -46.26 7.03 7.20
C LYS B 228 -45.87 8.09 8.22
N TYR B 229 -44.63 8.58 8.21
CA TYR B 229 -44.16 9.45 9.29
C TYR B 229 -43.89 10.88 8.83
N LEU B 230 -44.53 11.36 7.77
CA LEU B 230 -44.27 12.72 7.34
C LEU B 230 -45.31 13.71 7.88
N GLN B 231 -46.59 13.47 7.62
CA GLN B 231 -47.61 14.38 8.11
C GLN B 231 -47.62 14.43 9.63
N SER B 232 -47.46 13.27 10.27
CA SER B 232 -47.50 13.23 11.73
C SER B 232 -46.36 14.03 12.33
N SER B 233 -45.15 13.88 11.78
CA SER B 233 -44.01 14.62 12.32
C SER B 233 -44.16 16.11 12.09
N ALA B 234 -44.69 16.52 10.93
CA ALA B 234 -44.93 17.94 10.72
C ALA B 234 -45.90 18.49 11.75
N ALA B 235 -47.04 17.82 11.93
CA ALA B 235 -48.05 18.34 12.83
C ALA B 235 -47.61 18.30 14.29
N ALA B 236 -46.80 17.32 14.67
CA ALA B 236 -46.30 17.26 16.04
C ALA B 236 -45.23 18.32 16.28
N CYS B 237 -44.40 18.60 15.28
CA CYS B 237 -43.44 19.69 15.42
C CYS B 237 -44.14 21.02 15.55
N TRP B 238 -45.27 21.20 14.86
CA TRP B 238 -45.93 22.49 14.89
C TRP B 238 -46.79 22.67 16.14
N VAL B 239 -47.73 21.74 16.37
CA VAL B 239 -48.72 21.92 17.43
C VAL B 239 -48.06 21.89 18.81
N TYR B 240 -47.48 20.75 19.17
CA TYR B 240 -46.64 20.68 20.35
C TYR B 240 -45.23 21.11 19.98
N ALA B 241 -44.35 21.15 20.97
CA ALA B 241 -42.95 21.49 20.72
C ALA B 241 -42.06 20.25 20.71
N ASN B 242 -42.57 19.13 20.22
CA ASN B 242 -41.92 17.85 20.50
C ASN B 242 -40.73 17.71 19.57
N LEU B 243 -39.55 18.10 20.07
CA LEU B 243 -38.42 18.45 19.21
C LEU B 243 -37.97 17.28 18.34
N THR B 244 -37.95 16.07 18.90
CA THR B 244 -37.44 14.95 18.13
C THR B 244 -38.21 14.76 16.83
N SER B 245 -39.47 15.19 16.78
CA SER B 245 -40.17 15.12 15.50
C SER B 245 -39.75 16.24 14.55
N CYS B 246 -39.40 17.42 15.06
CA CYS B 246 -38.86 18.45 14.18
C CYS B 246 -37.56 17.97 13.54
N GLN B 247 -36.70 17.33 14.32
CA GLN B 247 -35.52 16.72 13.73
C GLN B 247 -35.90 15.59 12.77
N ALA B 248 -36.95 14.83 13.10
CA ALA B 248 -37.36 13.74 12.23
C ALA B 248 -37.92 14.22 10.91
N LEU B 249 -38.30 15.48 10.82
CA LEU B 249 -38.70 16.07 9.56
C LEU B 249 -37.53 16.73 8.83
N GLY B 250 -36.58 17.27 9.57
CA GLY B 250 -35.33 17.67 8.94
C GLY B 250 -34.65 16.51 8.25
N ASN B 251 -34.65 15.35 8.89
CA ASN B 251 -34.04 14.18 8.28
C ASN B 251 -34.79 13.71 7.05
N MET B 252 -36.11 13.93 7.00
CA MET B 252 -36.83 13.57 5.78
C MET B 252 -36.61 14.58 4.67
N CYS B 253 -36.33 15.83 5.01
CA CYS B 253 -35.90 16.76 3.98
C CYS B 253 -34.48 16.51 3.52
N VAL B 254 -33.69 15.77 4.29
CA VAL B 254 -32.34 15.45 3.85
C VAL B 254 -32.28 14.13 3.09
N MET B 255 -33.03 13.10 3.51
CA MET B 255 -32.96 11.83 2.79
C MET B 255 -33.50 11.97 1.38
N ASN B 256 -34.62 12.64 1.22
CA ASN B 256 -34.93 13.27 -0.05
C ASN B 256 -33.95 14.41 -0.26
N MET B 257 -33.47 14.58 -1.48
CA MET B 257 -32.23 15.34 -1.71
C MET B 257 -32.46 16.85 -1.70
N ASN B 258 -32.91 17.37 -0.57
CA ASN B 258 -33.07 18.81 -0.35
C ASN B 258 -33.84 19.51 -1.47
N SER B 259 -34.56 18.77 -2.29
CA SER B 259 -35.11 19.31 -3.53
C SER B 259 -36.35 20.12 -3.21
N TYR B 260 -36.22 21.45 -3.26
CA TYR B 260 -37.32 22.36 -2.95
C TYR B 260 -37.99 22.79 -4.25
N ASP B 261 -39.01 22.04 -4.67
CA ASP B 261 -39.64 22.32 -5.96
C ASP B 261 -40.34 23.67 -5.97
N PHE B 262 -40.87 24.10 -4.83
CA PHE B 262 -41.54 25.39 -4.65
C PHE B 262 -42.87 25.49 -5.39
N ALA B 263 -43.34 24.39 -5.99
CA ALA B 263 -44.70 24.33 -6.49
C ALA B 263 -45.43 23.05 -6.12
N THR B 264 -44.73 21.96 -5.83
CA THR B 264 -45.32 20.74 -5.28
C THR B 264 -45.15 20.76 -3.76
N PHE B 265 -45.53 19.68 -3.11
CA PHE B 265 -45.61 19.69 -1.65
C PHE B 265 -45.15 18.33 -1.14
N ASP B 266 -43.85 18.23 -0.85
CA ASP B 266 -43.22 17.02 -0.35
C ASP B 266 -42.34 17.38 0.83
N ALA B 267 -41.44 16.48 1.23
CA ALA B 267 -40.74 16.64 2.50
C ALA B 267 -40.13 18.02 2.67
N CYS B 268 -39.43 18.51 1.65
CA CYS B 268 -38.77 19.80 1.82
C CYS B 268 -39.72 20.96 1.59
N GLY B 269 -40.73 20.80 0.75
CA GLY B 269 -41.80 21.79 0.70
C GLY B 269 -42.52 21.91 2.03
N LEU B 270 -42.76 20.76 2.67
CA LEU B 270 -43.39 20.77 3.99
C LEU B 270 -42.49 21.44 5.03
N PHE B 271 -41.19 21.17 4.97
CA PHE B 271 -40.28 21.83 5.91
C PHE B 271 -40.31 23.33 5.73
N GLN B 272 -40.32 23.80 4.48
CA GLN B 272 -40.38 25.24 4.27
C GLN B 272 -41.72 25.82 4.69
N PHE B 273 -42.80 25.05 4.57
CA PHE B 273 -44.09 25.52 5.08
C PHE B 273 -44.07 25.70 6.59
N ILE B 274 -43.56 24.71 7.31
CA ILE B 274 -43.45 24.83 8.76
C ILE B 274 -42.55 25.98 9.15
N PHE B 275 -41.44 26.15 8.43
CA PHE B 275 -40.55 27.29 8.65
C PHE B 275 -41.30 28.61 8.49
N GLU B 276 -42.10 28.75 7.43
CA GLU B 276 -42.80 30.00 7.19
C GLU B 276 -43.86 30.27 8.25
N ASN B 277 -44.56 29.24 8.73
CA ASN B 277 -45.67 29.45 9.65
C ASN B 277 -45.28 29.53 11.11
N THR B 278 -43.99 29.39 11.43
CA THR B 278 -43.55 29.34 12.82
C THR B 278 -42.67 30.56 13.08
N ALA B 279 -43.12 31.72 12.61
CA ALA B 279 -42.30 32.92 12.66
C ALA B 279 -42.46 33.73 13.96
N GLY B 280 -43.39 33.34 14.83
CA GLY B 280 -43.57 34.08 16.07
C GLY B 280 -42.36 33.99 16.98
N LEU B 281 -41.77 32.81 17.07
CA LEU B 281 -40.59 32.56 17.89
C LEU B 281 -39.38 32.49 16.95
N SER B 282 -38.56 33.54 16.94
CA SER B 282 -37.90 33.99 15.72
C SER B 282 -36.67 33.19 15.31
N THR B 283 -35.58 33.30 16.06
CA THR B 283 -34.29 32.76 15.63
C THR B 283 -33.52 32.36 16.85
N VAL B 284 -32.49 31.53 16.66
CA VAL B 284 -31.94 30.86 17.83
C VAL B 284 -30.69 31.56 18.35
N HIS B 285 -29.61 31.64 17.57
CA HIS B 285 -28.45 32.36 18.10
C HIS B 285 -28.37 33.76 17.53
N SER B 286 -28.05 33.86 16.27
CA SER B 286 -28.26 35.09 15.52
C SER B 286 -28.56 34.81 14.07
N ILE B 287 -28.68 33.54 13.67
CA ILE B 287 -28.69 33.14 12.28
C ILE B 287 -30.11 33.23 11.77
N SER B 288 -30.35 34.11 10.80
CA SER B 288 -31.71 34.30 10.32
C SER B 288 -32.28 33.06 9.67
N PHE B 289 -31.46 32.09 9.32
CA PHE B 289 -31.90 30.86 8.68
C PHE B 289 -32.28 29.76 9.67
N TRP B 290 -32.10 29.99 10.97
CA TRP B 290 -32.25 28.96 11.99
C TRP B 290 -33.47 29.30 12.83
N ARG B 291 -34.53 28.51 12.69
CA ARG B 291 -35.74 28.76 13.46
C ARG B 291 -35.59 28.19 14.87
N GLN B 292 -36.46 28.65 15.77
CA GLN B 292 -36.23 28.40 17.19
C GLN B 292 -36.26 26.92 17.53
N ASN B 293 -37.17 26.16 16.92
CA ASN B 293 -37.31 24.74 17.22
C ASN B 293 -36.72 23.84 16.15
N LEU B 294 -36.97 24.15 14.89
CA LEU B 294 -36.48 23.39 13.75
C LEU B 294 -34.96 23.34 13.78
N PRO B 295 -34.34 22.43 13.05
CA PRO B 295 -32.88 22.44 12.94
C PRO B 295 -32.45 23.42 11.84
N TRP B 296 -31.15 23.49 11.64
CA TRP B 296 -30.57 24.34 10.61
C TRP B 296 -30.25 23.46 9.42
N LEU B 297 -31.03 23.59 8.35
CA LEU B 297 -30.84 22.78 7.16
C LEU B 297 -30.33 23.57 5.98
N PHE B 298 -30.96 24.69 5.65
CA PHE B 298 -30.59 25.47 4.49
C PHE B 298 -29.77 26.68 4.91
N TYR B 299 -29.13 27.30 3.92
CA TYR B 299 -28.49 28.59 4.11
C TYR B 299 -29.35 29.73 3.60
N GLY B 300 -30.49 29.42 2.99
CA GLY B 300 -31.40 30.42 2.47
C GLY B 300 -32.08 29.90 1.23
N ASP B 301 -33.32 30.30 1.05
CA ASP B 301 -34.12 29.83 -0.08
C ASP B 301 -33.81 30.56 -1.38
N GLN B 302 -32.70 31.28 -1.44
CA GLN B 302 -32.34 32.07 -2.61
C GLN B 302 -30.93 31.74 -3.05
N LEU B 303 -30.57 32.25 -4.23
CA LEU B 303 -29.40 31.76 -4.97
C LEU B 303 -28.31 32.82 -5.13
N GLY B 304 -27.93 33.50 -4.05
CA GLY B 304 -26.79 34.38 -4.10
C GLY B 304 -25.87 34.33 -2.90
N LEU B 305 -26.15 33.48 -1.92
CA LEU B 305 -25.41 33.45 -0.68
C LEU B 305 -24.16 32.58 -0.72
N ALA B 306 -23.67 32.26 -1.90
CA ALA B 306 -22.49 31.40 -1.91
C ALA B 306 -21.20 32.16 -1.61
N PRO B 307 -20.90 33.28 -2.29
CA PRO B 307 -19.64 33.98 -1.97
C PRO B 307 -19.65 34.60 -0.58
N GLN B 308 -20.76 35.21 -0.18
CA GLN B 308 -20.81 35.89 1.11
C GLN B 308 -20.62 34.91 2.26
N VAL B 309 -20.82 33.61 2.01
CA VAL B 309 -20.60 32.61 3.04
C VAL B 309 -19.20 32.03 2.93
N LEU B 310 -18.78 31.69 1.71
CA LEU B 310 -17.50 31.04 1.51
C LEU B 310 -16.31 31.97 1.60
N SER B 311 -16.52 33.28 1.72
CA SER B 311 -15.42 34.23 1.66
C SER B 311 -15.33 35.16 2.86
N SER B 312 -15.89 34.77 4.00
CA SER B 312 -15.82 35.59 5.21
C SER B 312 -14.79 35.00 6.16
N THR B 313 -13.93 35.86 6.71
CA THR B 313 -12.78 35.38 7.45
C THR B 313 -13.16 34.54 8.65
N SER B 314 -13.75 35.16 9.68
CA SER B 314 -14.35 34.48 10.83
C SER B 314 -13.60 33.24 11.32
N LEU B 315 -12.29 33.28 11.37
CA LEU B 315 -11.52 32.21 11.97
C LEU B 315 -10.19 32.73 12.48
N PRO B 316 -10.03 32.91 13.78
CA PRO B 316 -8.80 33.51 14.30
C PRO B 316 -7.63 32.56 14.42
N THR B 317 -7.82 31.27 14.13
CA THR B 317 -6.72 30.34 14.28
C THR B 317 -5.58 30.69 13.32
N ASN B 318 -4.36 30.45 13.76
CA ASN B 318 -3.17 30.65 12.95
C ASN B 318 -2.43 29.32 12.82
N PHE B 319 -2.73 28.61 11.74
CA PHE B 319 -2.12 27.34 11.45
C PHE B 319 -0.67 27.53 11.05
N SER B 320 0.14 26.51 11.27
CA SER B 320 1.55 26.55 10.92
C SER B 320 1.98 25.15 10.54
N PHE B 321 3.29 24.93 10.44
CA PHE B 321 3.79 23.62 10.08
C PHE B 321 4.62 22.96 11.18
N LYS B 322 5.68 23.61 11.65
CA LYS B 322 6.60 22.90 12.54
C LYS B 322 6.88 23.60 13.86
N GLY B 323 7.07 24.91 13.84
CA GLY B 323 7.83 25.57 14.89
C GLY B 323 7.12 25.88 16.18
N GLU B 324 7.34 27.09 16.70
CA GLU B 324 6.78 27.50 17.98
C GLU B 324 5.26 27.63 17.95
N ASN B 325 4.65 27.59 16.77
CA ASN B 325 3.20 27.51 16.67
C ASN B 325 2.77 26.06 16.65
N GLN B 326 1.79 25.73 17.48
CA GLN B 326 1.41 24.34 17.72
C GLN B 326 -0.01 24.06 17.22
N ASN B 327 -0.32 24.54 16.01
CA ASN B 327 -1.60 24.26 15.36
C ASN B 327 -1.30 23.65 14.00
N THR B 328 -1.22 22.32 13.94
CA THR B 328 -1.04 21.64 12.68
C THR B 328 -2.27 20.87 12.25
N LYS B 329 -3.24 20.67 13.12
CA LYS B 329 -4.39 19.82 12.83
C LYS B 329 -5.67 20.63 12.88
N LEU B 330 -6.58 20.32 11.97
CA LEU B 330 -7.88 20.95 11.92
C LEU B 330 -8.80 20.27 12.93
N LYS B 331 -9.46 21.06 13.76
CA LYS B 331 -10.27 20.52 14.85
C LYS B 331 -11.72 20.49 14.43
N PHE B 332 -12.16 19.37 13.84
CA PHE B 332 -13.53 19.21 13.44
C PHE B 332 -14.33 18.52 14.54
N VAL B 333 -15.63 18.80 14.60
CA VAL B 333 -16.58 18.10 15.44
C VAL B 333 -17.83 17.87 14.62
N ALA B 334 -18.73 17.04 15.13
CA ALA B 334 -19.91 16.69 14.35
C ALA B 334 -21.03 16.10 15.19
N ALA B 335 -22.18 16.76 15.27
CA ALA B 335 -23.28 16.27 16.08
C ALA B 335 -24.13 15.31 15.26
N SER B 336 -24.27 14.08 15.73
CA SER B 336 -24.89 13.04 14.93
C SER B 336 -26.27 12.70 15.48
N TYR B 337 -27.29 12.83 14.63
CA TYR B 337 -28.67 12.52 14.97
C TYR B 337 -29.10 11.22 14.32
N ASP B 338 -29.97 10.49 15.00
CA ASP B 338 -30.50 9.24 14.45
C ASP B 338 -31.54 9.57 13.40
N ILE B 339 -32.28 8.58 12.89
CA ILE B 339 -33.34 8.89 11.93
C ILE B 339 -34.42 9.70 12.62
N ARG B 340 -34.85 9.25 13.78
CA ARG B 340 -35.96 9.85 14.50
C ARG B 340 -35.57 11.12 15.22
N GLY B 341 -34.36 11.62 15.02
CA GLY B 341 -33.93 12.85 15.66
C GLY B 341 -33.68 12.71 17.13
N ASN B 342 -32.61 12.02 17.51
CA ASN B 342 -32.37 11.73 18.91
C ASN B 342 -31.10 12.34 19.50
N PHE B 343 -30.21 12.90 18.67
CA PHE B 343 -28.96 13.49 19.12
C PHE B 343 -28.09 12.47 19.87
N LEU B 344 -27.54 11.54 19.10
CA LEU B 344 -26.62 10.57 19.66
C LEU B 344 -25.53 11.20 20.52
N LYS B 345 -24.65 12.03 19.96
CA LYS B 345 -23.47 12.51 20.69
C LYS B 345 -22.70 13.52 19.84
N TRP B 346 -21.80 14.26 20.50
CA TRP B 346 -20.75 15.02 19.82
C TRP B 346 -19.56 14.09 19.60
N GLN B 347 -18.82 14.33 18.52
CA GLN B 347 -17.59 13.56 18.36
C GLN B 347 -16.67 14.24 17.36
N THR B 348 -15.37 14.13 17.62
CA THR B 348 -14.39 14.56 16.64
C THR B 348 -14.41 13.64 15.44
N LEU B 349 -14.14 14.21 14.27
CA LEU B 349 -14.15 13.43 13.05
C LEU B 349 -12.96 12.50 12.93
N GLU B 350 -12.02 12.54 13.85
CA GLU B 350 -10.87 11.67 13.77
C GLU B 350 -11.28 10.22 14.01
N GLY B 351 -10.39 9.32 13.64
CA GLY B 351 -10.66 7.91 13.80
C GLY B 351 -11.47 7.30 12.68
N GLY B 352 -11.83 8.06 11.67
CA GLY B 352 -12.48 7.48 10.52
C GLY B 352 -13.99 7.63 10.50
N VAL B 353 -14.48 8.82 10.79
CA VAL B 353 -15.90 9.14 10.64
C VAL B 353 -16.10 9.85 9.31
N LEU B 354 -17.21 9.52 8.63
CA LEU B 354 -17.50 10.02 7.29
C LEU B 354 -16.35 9.79 6.32
N GLN B 355 -15.65 8.68 6.50
CA GLN B 355 -14.81 8.12 5.45
C GLN B 355 -14.90 6.60 5.58
N LEU B 356 -15.68 6.00 4.69
CA LEU B 356 -16.13 4.63 4.85
C LEU B 356 -15.27 3.64 4.07
N CYS B 357 -13.99 3.94 3.91
CA CYS B 357 -12.95 3.06 3.41
C CYS B 357 -12.05 2.62 4.55
N PRO B 358 -11.74 1.33 4.66
CA PRO B 358 -11.00 0.85 5.82
C PRO B 358 -9.49 0.89 5.68
N ASP B 359 -8.85 1.37 6.74
CA ASP B 359 -7.40 1.51 6.81
C ASP B 359 -6.98 1.60 8.26
N THR B 360 -5.69 1.51 8.51
CA THR B 360 -5.24 1.65 9.89
C THR B 360 -5.58 3.03 10.43
N GLU B 361 -5.39 3.18 11.74
CA GLU B 361 -5.71 4.44 12.41
C GLU B 361 -4.76 5.60 12.15
N THR B 362 -3.56 5.30 11.65
CA THR B 362 -2.59 6.34 11.39
C THR B 362 -2.97 7.09 10.12
N ARG B 363 -3.23 6.36 9.03
CA ARG B 363 -3.60 6.98 7.76
C ARG B 363 -4.88 7.81 7.85
N LEU B 364 -5.88 7.25 8.52
CA LEU B 364 -7.16 7.92 8.69
C LEU B 364 -6.92 9.24 9.43
N ASN B 365 -6.26 9.17 10.58
CA ASN B 365 -6.01 10.37 11.36
C ASN B 365 -5.22 11.42 10.61
N ALA B 366 -4.23 10.96 9.84
CA ALA B 366 -3.38 11.84 9.04
C ALA B 366 -4.03 12.42 7.80
N ALA B 367 -5.31 12.12 7.59
CA ALA B 367 -5.98 12.65 6.41
C ALA B 367 -6.54 13.99 6.90
N TYR B 368 -6.20 14.38 8.13
CA TYR B 368 -6.65 15.64 8.72
C TYR B 368 -5.61 16.64 9.15
N SER B 369 -4.34 16.37 8.86
CA SER B 369 -3.26 17.27 9.25
C SER B 369 -3.04 18.40 8.25
N PHE B 370 -2.96 19.63 8.76
CA PHE B 370 -2.77 20.77 7.88
C PHE B 370 -1.54 20.63 7.00
N GLY B 371 -1.78 20.56 5.69
CA GLY B 371 -0.74 20.42 4.70
C GLY B 371 -0.82 19.13 3.91
N THR B 372 -1.12 18.02 4.55
CA THR B 372 -1.16 16.72 3.88
C THR B 372 -2.43 16.65 3.04
N THR B 373 -2.27 16.69 1.73
CA THR B 373 -3.42 16.63 0.82
C THR B 373 -3.86 15.18 0.68
N TYR B 374 -4.82 14.78 1.49
CA TYR B 374 -5.31 13.41 1.52
C TYR B 374 -5.96 13.03 0.20
N GLN B 375 -5.93 11.74 -0.11
CA GLN B 375 -6.71 11.23 -1.23
C GLN B 375 -6.83 9.73 -1.06
N GLN B 376 -8.06 9.24 -0.99
CA GLN B 376 -8.33 7.86 -0.62
C GLN B 376 -9.33 7.27 -1.60
N ASN B 377 -9.26 5.96 -1.82
CA ASN B 377 -10.06 5.34 -2.85
C ASN B 377 -10.14 3.85 -2.56
N CYS B 378 -11.35 3.31 -2.43
CA CYS B 378 -11.53 1.89 -2.15
C CYS B 378 -12.76 1.42 -2.91
N GLU B 379 -13.23 0.21 -2.63
CA GLU B 379 -14.31 -0.38 -3.42
C GLU B 379 -15.09 -1.35 -2.54
N ILE B 380 -16.17 -0.87 -1.93
CA ILE B 380 -16.96 -1.65 -0.99
C ILE B 380 -17.90 -2.58 -1.75
N PRO B 381 -18.22 -3.77 -1.24
CA PRO B 381 -19.32 -4.55 -1.79
C PRO B 381 -20.63 -4.29 -1.05
N ILE B 382 -21.74 -4.62 -1.71
CA ILE B 382 -23.06 -4.26 -1.20
C ILE B 382 -23.36 -4.94 0.12
N SER B 383 -23.07 -6.24 0.22
CA SER B 383 -23.49 -6.97 1.41
C SER B 383 -22.92 -6.36 2.67
N LYS B 384 -21.65 -5.94 2.62
CA LYS B 384 -21.04 -5.33 3.79
C LYS B 384 -21.72 -4.02 4.16
N ILE B 385 -22.05 -3.20 3.15
CA ILE B 385 -22.72 -1.93 3.44
C ILE B 385 -24.08 -2.17 4.07
N LEU B 386 -24.83 -3.13 3.53
CA LEU B 386 -26.14 -3.42 4.10
C LEU B 386 -26.05 -4.03 5.49
N ILE B 387 -24.93 -4.66 5.83
CA ILE B 387 -24.78 -5.21 7.18
C ILE B 387 -24.35 -4.13 8.16
N ASP B 388 -23.45 -3.24 7.76
CA ASP B 388 -22.84 -2.28 8.66
C ASP B 388 -23.54 -0.92 8.69
N PHE B 389 -24.60 -0.73 7.92
CA PHE B 389 -25.37 0.52 7.93
C PHE B 389 -26.85 0.18 7.87
N PRO B 390 -27.40 -0.40 8.93
CA PRO B 390 -28.83 -0.77 8.89
C PRO B 390 -29.75 0.42 8.71
N THR B 391 -29.36 1.59 9.20
CA THR B 391 -30.17 2.80 9.15
C THR B 391 -29.24 3.98 9.00
N PRO B 392 -29.71 5.10 8.47
CA PRO B 392 -28.86 6.27 8.33
C PRO B 392 -28.59 6.94 9.67
N ILE B 393 -27.45 7.61 9.76
CA ILE B 393 -27.14 8.51 10.86
C ILE B 393 -26.66 9.82 10.25
N PHE B 394 -27.23 10.94 10.70
CA PHE B 394 -27.03 12.23 10.05
C PHE B 394 -26.08 13.09 10.86
N TYR B 395 -25.10 13.69 10.19
CA TYR B 395 -24.09 14.53 10.83
C TYR B 395 -24.25 15.98 10.43
N ASP B 396 -23.75 16.87 11.29
CA ASP B 396 -23.64 18.30 11.01
C ASP B 396 -22.23 18.73 11.38
N VAL B 397 -21.38 18.93 10.40
CA VAL B 397 -19.96 19.15 10.69
C VAL B 397 -19.75 20.59 11.12
N TYR B 398 -18.92 20.78 12.16
CA TYR B 398 -18.56 22.08 12.69
C TYR B 398 -17.05 22.14 12.87
N LEU B 399 -16.49 23.34 12.83
CA LEU B 399 -15.06 23.54 13.07
C LEU B 399 -14.92 24.35 14.34
N GLU B 400 -14.02 23.93 15.21
CA GLU B 400 -13.93 24.48 16.56
C GLU B 400 -12.67 25.33 16.72
N TYR B 401 -12.83 26.55 17.21
CA TYR B 401 -11.67 27.40 17.47
C TYR B 401 -11.75 28.00 18.86
N THR B 402 -10.89 28.97 19.18
CA THR B 402 -10.94 29.65 20.46
C THR B 402 -11.13 31.15 20.25
N ASP B 403 -11.96 31.75 21.10
CA ASP B 403 -12.33 33.15 20.96
C ASP B 403 -11.22 34.07 21.44
N GLU B 404 -11.55 35.35 21.60
CA GLU B 404 -10.58 36.31 22.12
C GLU B 404 -10.35 36.12 23.62
N ASN B 405 -11.42 35.95 24.38
CA ASN B 405 -11.35 35.90 25.84
C ASN B 405 -11.29 34.47 26.38
N GLN B 406 -10.69 33.54 25.61
CA GLN B 406 -10.39 32.16 25.98
C GLN B 406 -11.60 31.24 26.01
N HIS B 407 -12.81 31.74 25.83
CA HIS B 407 -13.94 30.84 25.61
C HIS B 407 -13.79 30.15 24.26
N GLN B 408 -14.36 28.95 24.15
CA GLN B 408 -14.27 28.19 22.91
C GLN B 408 -15.56 28.30 22.11
N TYR B 409 -15.42 28.28 20.78
CA TYR B 409 -16.51 28.52 19.85
C TYR B 409 -16.51 27.40 18.80
N ILE B 410 -17.53 27.39 17.95
CA ILE B 410 -17.56 26.49 16.80
C ILE B 410 -18.07 27.27 15.60
N LEU B 411 -17.53 26.96 14.43
CA LEU B 411 -17.96 27.54 13.16
C LEU B 411 -18.83 26.56 12.41
N ALA B 412 -19.46 27.03 11.34
CA ALA B 412 -20.32 26.19 10.54
C ALA B 412 -19.69 25.87 9.19
N VAL B 413 -19.85 24.62 8.76
CA VAL B 413 -19.33 24.17 7.48
C VAL B 413 -20.50 23.92 6.53
N PRO B 414 -20.39 24.51 5.35
CA PRO B 414 -21.39 24.45 4.27
C PRO B 414 -21.09 23.35 3.25
N VAL B 415 -22.06 22.47 3.00
CA VAL B 415 -21.93 21.36 2.07
C VAL B 415 -22.61 21.67 0.72
N LEU B 416 -21.87 21.53 -0.37
CA LEU B 416 -22.38 21.72 -1.74
C LEU B 416 -22.86 20.32 -2.12
N ASN B 417 -24.17 20.17 -2.30
CA ASN B 417 -24.76 18.85 -2.45
C ASN B 417 -24.63 18.24 -3.84
N LEU B 418 -24.55 19.05 -4.90
CA LEU B 418 -24.35 18.56 -6.26
C LEU B 418 -25.47 17.66 -6.79
N ASN B 419 -26.48 17.38 -5.98
CA ASN B 419 -27.63 16.60 -6.41
C ASN B 419 -28.92 17.34 -6.10
N LEU B 420 -28.84 18.64 -5.95
CA LEU B 420 -29.90 19.43 -5.35
C LEU B 420 -30.77 20.02 -6.45
N GLN B 421 -31.90 19.37 -6.71
CA GLN B 421 -32.91 19.96 -7.58
C GLN B 421 -33.29 21.32 -7.02
N HIS B 422 -33.62 22.25 -7.87
CA HIS B 422 -34.21 23.44 -7.27
C HIS B 422 -35.53 23.83 -7.90
N ASN B 423 -35.67 23.68 -9.20
CA ASN B 423 -36.93 23.76 -9.90
C ASN B 423 -36.92 22.70 -10.99
N LYS B 424 -36.47 21.50 -10.60
CA LYS B 424 -36.09 20.44 -11.52
C LYS B 424 -34.89 20.83 -12.37
N ILE B 425 -34.02 21.71 -11.86
CA ILE B 425 -32.74 22.02 -12.49
C ILE B 425 -31.64 21.89 -11.44
N PHE B 426 -30.56 21.22 -11.81
CA PHE B 426 -29.44 20.98 -10.89
C PHE B 426 -28.63 22.25 -10.75
N VAL B 427 -28.77 22.93 -9.61
CA VAL B 427 -28.04 24.19 -9.45
C VAL B 427 -26.60 23.94 -9.05
N ASN B 428 -26.36 23.08 -8.06
CA ASN B 428 -25.03 23.05 -7.45
C ASN B 428 -23.95 22.46 -8.35
N GLN B 429 -24.29 21.86 -9.48
CA GLN B 429 -23.26 21.45 -10.43
C GLN B 429 -23.24 22.45 -11.57
N ASP B 430 -22.58 23.57 -11.32
CA ASP B 430 -22.32 24.64 -12.27
C ASP B 430 -20.86 25.03 -12.23
N SER B 431 -20.52 26.15 -12.86
CA SER B 431 -19.22 26.77 -12.69
C SER B 431 -19.33 28.13 -12.02
N ASN B 432 -20.36 28.89 -12.32
CA ASN B 432 -20.61 30.17 -11.67
C ASN B 432 -20.93 29.92 -10.21
N SER B 433 -20.12 30.46 -9.31
CA SER B 433 -20.33 30.22 -7.89
C SER B 433 -21.35 31.19 -7.33
N GLY B 434 -22.23 31.67 -8.19
CA GLY B 434 -23.31 32.52 -7.74
C GLY B 434 -24.61 31.75 -7.65
N LYS B 435 -24.77 30.76 -8.53
CA LYS B 435 -25.96 29.93 -8.52
C LYS B 435 -25.71 28.66 -7.73
N TRP B 436 -25.43 28.84 -6.44
CA TRP B 436 -25.13 27.72 -5.55
C TRP B 436 -26.03 27.81 -4.33
N LEU B 437 -26.71 26.71 -4.01
CA LEU B 437 -27.35 26.55 -2.71
C LEU B 437 -26.47 25.73 -1.80
N LEU B 438 -26.29 26.21 -0.58
CA LEU B 438 -25.44 25.57 0.41
C LEU B 438 -26.30 24.96 1.50
N THR B 439 -26.25 23.65 1.64
CA THR B 439 -27.07 22.93 2.59
C THR B 439 -26.29 22.78 3.90
N ARG B 440 -26.73 21.93 4.82
CA ARG B 440 -26.02 21.75 6.08
C ARG B 440 -25.82 20.31 6.53
N ARG B 441 -26.65 19.36 6.14
CA ARG B 441 -26.65 18.03 6.73
C ARG B 441 -26.22 16.98 5.72
N ILE B 442 -25.44 15.99 6.18
CA ILE B 442 -24.98 14.91 5.32
C ILE B 442 -25.16 13.58 6.05
N PHE B 443 -25.21 12.51 5.26
CA PHE B 443 -25.19 11.15 5.79
C PHE B 443 -24.33 10.31 4.86
N LEU B 444 -24.19 9.02 5.16
CA LEU B 444 -23.30 8.16 4.40
C LEU B 444 -24.02 7.06 3.64
N VAL B 445 -24.91 6.32 4.29
CA VAL B 445 -25.66 5.26 3.63
C VAL B 445 -27.10 5.31 4.10
N ASP B 446 -28.05 5.22 3.18
CA ASP B 446 -29.48 5.40 3.45
C ASP B 446 -30.25 4.18 2.97
N ALA B 447 -30.37 3.17 3.81
CA ALA B 447 -31.06 1.94 3.45
C ALA B 447 -32.45 1.86 4.05
N VAL B 448 -33.13 3.00 4.19
CA VAL B 448 -34.47 3.06 4.79
C VAL B 448 -35.47 3.74 3.86
N SER B 449 -35.13 4.92 3.38
CA SER B 449 -36.09 5.70 2.61
C SER B 449 -36.33 5.15 1.22
N GLY B 450 -35.66 4.07 0.83
CA GLY B 450 -35.91 3.47 -0.46
C GLY B 450 -36.93 2.37 -0.49
N ARG B 451 -37.51 2.04 0.67
CA ARG B 451 -38.33 0.86 0.78
C ARG B 451 -39.70 1.06 0.15
N GLU B 452 -40.16 0.04 -0.56
CA GLU B 452 -41.46 0.04 -1.21
C GLU B 452 -42.55 -0.26 -0.19
N ASN B 453 -43.71 -0.69 -0.67
CA ASN B 453 -44.97 -0.75 0.06
C ASN B 453 -44.90 -1.09 1.55
N ASP B 454 -44.02 -2.00 1.97
CA ASP B 454 -43.93 -2.38 3.37
C ASP B 454 -42.60 -1.91 3.97
N LEU B 455 -42.67 -1.35 5.18
CA LEU B 455 -41.52 -0.75 5.83
C LEU B 455 -40.51 -1.77 6.35
N GLY B 456 -40.84 -3.06 6.34
CA GLY B 456 -39.92 -4.02 6.92
C GLY B 456 -39.32 -5.02 5.97
N THR B 457 -39.57 -4.91 4.67
CA THR B 457 -39.16 -5.99 3.80
C THR B 457 -37.70 -5.92 3.37
N GLN B 458 -37.39 -5.02 2.44
CA GLN B 458 -36.05 -4.92 1.89
C GLN B 458 -36.00 -3.76 0.92
N PRO B 459 -34.91 -2.99 0.86
CA PRO B 459 -34.85 -1.90 -0.10
C PRO B 459 -34.80 -2.44 -1.51
N ARG B 460 -35.31 -1.63 -2.44
CA ARG B 460 -34.99 -1.86 -3.84
C ARG B 460 -33.97 -0.86 -4.37
N VAL B 461 -33.80 0.27 -3.69
CA VAL B 461 -32.74 1.23 -3.99
C VAL B 461 -32.10 1.67 -2.68
N ILE B 462 -30.77 1.66 -2.64
CA ILE B 462 -29.99 2.13 -1.51
C ILE B 462 -29.10 3.26 -1.99
N ARG B 463 -28.91 4.28 -1.16
CA ARG B 463 -28.28 5.52 -1.60
C ARG B 463 -27.02 5.78 -0.79
N VAL B 464 -25.87 5.77 -1.47
CA VAL B 464 -24.56 5.83 -0.85
C VAL B 464 -23.88 7.12 -1.25
N ALA B 465 -23.10 7.72 -0.34
CA ALA B 465 -22.36 8.94 -0.63
C ALA B 465 -20.97 8.55 -1.13
N THR B 466 -20.82 8.56 -2.46
CA THR B 466 -19.64 7.98 -3.08
C THR B 466 -18.56 8.99 -3.42
N GLN B 467 -18.72 10.26 -3.04
CA GLN B 467 -17.66 11.21 -3.34
C GLN B 467 -17.77 12.36 -2.36
N ILE B 468 -16.85 12.41 -1.41
CA ILE B 468 -16.75 13.48 -0.43
C ILE B 468 -15.47 14.24 -0.72
N SER B 469 -15.47 15.53 -0.47
CA SER B 469 -14.28 16.34 -0.70
C SER B 469 -14.32 17.53 0.25
N LEU B 470 -13.20 17.77 0.90
CA LEU B 470 -13.06 18.88 1.84
C LEU B 470 -11.99 19.79 1.29
N SER B 471 -12.32 21.04 0.99
CA SER B 471 -11.38 21.94 0.35
C SER B 471 -11.09 23.12 1.27
N VAL B 472 -9.82 23.33 1.57
CA VAL B 472 -9.37 24.40 2.45
C VAL B 472 -8.68 25.47 1.62
N HIS B 473 -8.97 26.73 1.91
CA HIS B 473 -8.63 27.84 1.02
C HIS B 473 -8.18 29.00 1.87
N LEU B 474 -6.91 29.38 1.80
CA LEU B 474 -6.42 30.40 2.73
C LEU B 474 -6.55 31.80 2.15
N VAL B 475 -6.88 32.75 3.02
CA VAL B 475 -7.15 34.14 2.66
C VAL B 475 -5.98 34.67 1.83
N PRO B 476 -6.21 35.60 0.89
CA PRO B 476 -5.20 35.88 -0.14
C PRO B 476 -3.83 36.30 0.37
N ASN B 477 -3.76 37.40 1.11
CA ASN B 477 -2.48 37.95 1.56
C ASN B 477 -2.39 37.74 3.06
N THR B 478 -1.45 36.92 3.49
CA THR B 478 -1.32 36.57 4.89
C THR B 478 0.12 36.73 5.33
N ILE B 479 0.29 36.75 6.65
CA ILE B 479 1.55 36.38 7.28
C ILE B 479 1.37 35.17 8.17
N ASN B 480 0.12 34.76 8.40
CA ASN B 480 -0.23 33.66 9.29
C ASN B 480 -1.09 32.68 8.51
N GLY B 481 -1.71 31.74 9.20
CA GLY B 481 -2.43 30.70 8.47
C GLY B 481 -3.91 30.87 8.31
N ASN B 482 -4.43 32.10 8.48
CA ASN B 482 -5.87 32.31 8.46
C ASN B 482 -6.48 31.75 7.19
N ILE B 483 -7.64 31.10 7.31
CA ILE B 483 -8.31 30.48 6.17
C ILE B 483 -9.75 30.94 6.11
N TYR B 484 -10.36 30.72 4.95
CA TYR B 484 -11.80 30.78 4.79
C TYR B 484 -12.42 29.56 5.45
N PRO B 485 -13.73 29.57 5.69
CA PRO B 485 -14.39 28.34 6.13
C PRO B 485 -14.21 27.24 5.12
N PRO B 486 -13.96 26.01 5.55
CA PRO B 486 -13.83 24.91 4.60
C PRO B 486 -15.14 24.62 3.91
N LEU B 487 -15.17 23.61 3.06
CA LEU B 487 -16.37 23.29 2.28
C LEU B 487 -16.38 21.80 2.03
N ILE B 488 -17.55 21.19 2.14
CA ILE B 488 -17.71 19.76 1.90
C ILE B 488 -18.58 19.63 0.67
N THR B 489 -18.05 19.07 -0.40
CA THR B 489 -18.80 18.93 -1.65
C THR B 489 -19.14 17.46 -1.83
N ILE B 490 -20.25 17.05 -1.25
CA ILE B 490 -20.64 15.64 -1.24
C ILE B 490 -21.58 15.39 -2.39
N ALA B 491 -21.50 14.20 -2.99
CA ALA B 491 -22.34 13.83 -4.11
C ALA B 491 -22.80 12.40 -3.95
N TYR B 492 -24.12 12.18 -3.94
CA TYR B 492 -24.70 10.90 -3.55
C TYR B 492 -25.07 10.08 -4.76
N SER B 493 -24.69 8.80 -4.75
CA SER B 493 -25.10 7.84 -5.76
C SER B 493 -26.32 7.09 -5.28
N ASP B 494 -27.02 6.47 -6.23
CA ASP B 494 -28.30 5.84 -6.00
C ASP B 494 -28.28 4.40 -6.48
N ILE B 495 -27.27 3.65 -6.04
CA ILE B 495 -27.03 2.32 -6.58
C ILE B 495 -28.26 1.45 -6.41
N ASP B 496 -28.54 0.63 -7.42
CA ASP B 496 -29.61 -0.33 -7.32
C ASP B 496 -29.10 -1.59 -6.63
N ILE B 497 -30.02 -2.46 -6.27
CA ILE B 497 -29.69 -3.69 -5.58
C ILE B 497 -30.51 -4.82 -6.20
N LYS B 498 -29.86 -5.62 -7.02
CA LYS B 498 -30.50 -6.75 -7.68
C LYS B 498 -29.88 -8.08 -7.32
N ASP B 499 -28.67 -8.10 -6.76
CA ASP B 499 -28.00 -9.32 -6.32
C ASP B 499 -27.59 -9.26 -4.86
N ALA B 500 -27.14 -8.09 -4.38
CA ALA B 500 -26.71 -7.88 -3.00
C ALA B 500 -25.51 -8.75 -2.64
N ASN B 501 -24.98 -9.46 -3.64
CA ASN B 501 -23.77 -10.27 -3.49
C ASN B 501 -22.74 -9.91 -4.57
N SER B 502 -22.95 -8.79 -5.24
CA SER B 502 -22.08 -8.30 -6.31
C SER B 502 -22.33 -6.81 -6.44
N GLN B 503 -21.91 -6.24 -7.56
CA GLN B 503 -22.01 -4.79 -7.81
C GLN B 503 -21.40 -4.01 -6.65
N SER B 504 -20.09 -4.22 -6.48
CA SER B 504 -19.32 -3.43 -5.56
C SER B 504 -19.47 -1.94 -5.88
N VAL B 505 -19.36 -1.11 -4.86
CA VAL B 505 -19.50 0.33 -4.98
C VAL B 505 -18.13 0.96 -4.97
N LYS B 506 -17.94 2.03 -5.73
CA LYS B 506 -16.64 2.69 -5.82
C LYS B 506 -16.72 4.03 -5.09
N VAL B 507 -16.26 4.04 -3.84
CA VAL B 507 -16.34 5.23 -2.99
C VAL B 507 -14.96 5.85 -2.87
N SER B 508 -14.93 7.15 -2.56
CA SER B 508 -13.67 7.87 -2.47
C SER B 508 -13.76 8.89 -1.34
N PHE B 509 -12.74 9.75 -1.24
CA PHE B 509 -12.64 10.81 -0.23
C PHE B 509 -11.41 11.64 -0.55
N SER B 510 -11.42 12.93 -0.24
CA SER B 510 -10.31 13.79 -0.63
C SER B 510 -10.27 15.02 0.26
N VAL B 511 -9.07 15.50 0.54
CA VAL B 511 -8.86 16.79 1.20
C VAL B 511 -7.80 17.54 0.41
N THR B 512 -8.16 18.71 -0.10
CA THR B 512 -7.31 19.43 -1.05
C THR B 512 -7.14 20.88 -0.62
N TYR B 513 -5.91 21.38 -0.71
CA TYR B 513 -5.57 22.72 -0.27
C TYR B 513 -5.24 23.61 -1.46
N GLU B 514 -5.38 24.92 -1.25
CA GLU B 514 -5.48 25.86 -2.37
C GLU B 514 -5.01 27.22 -1.89
N MET B 515 -4.78 28.12 -2.84
CA MET B 515 -4.54 29.54 -2.52
C MET B 515 -4.80 30.35 -3.77
N ASP B 516 -4.74 31.67 -3.63
CA ASP B 516 -5.07 32.60 -4.70
C ASP B 516 -3.78 33.10 -5.35
N HIS B 517 -3.52 32.65 -6.58
CA HIS B 517 -2.29 33.00 -7.30
C HIS B 517 -2.41 34.42 -7.83
N GLY B 518 -2.04 35.38 -7.00
CA GLY B 518 -2.10 36.77 -7.43
C GLY B 518 -0.78 37.29 -7.96
N GLU B 519 0.28 37.17 -7.16
CA GLU B 519 1.58 37.66 -7.59
C GLU B 519 2.28 36.70 -8.52
N ALA B 520 1.97 35.41 -8.46
CA ALA B 520 2.70 34.43 -9.26
C ALA B 520 2.56 34.73 -10.74
N HIS B 521 1.32 34.87 -11.22
CA HIS B 521 1.11 35.05 -12.64
C HIS B 521 1.69 36.38 -13.13
N VAL B 522 1.50 37.45 -12.38
CA VAL B 522 1.99 38.75 -12.83
C VAL B 522 3.51 38.79 -12.82
N GLN B 523 4.14 38.24 -11.79
CA GLN B 523 5.59 38.29 -11.72
C GLN B 523 6.23 37.36 -12.73
N THR B 524 5.62 36.21 -13.03
CA THR B 524 6.11 35.37 -14.11
C THR B 524 5.94 36.04 -15.47
N ASP B 525 4.82 36.72 -15.69
CA ASP B 525 4.65 37.43 -16.95
C ASP B 525 5.71 38.50 -17.11
N ILE B 526 5.91 39.30 -16.08
CA ILE B 526 6.91 40.36 -16.12
C ILE B 526 8.32 39.84 -16.36
N ALA B 527 8.75 38.90 -15.52
CA ALA B 527 10.08 38.32 -15.65
C ALA B 527 10.28 37.74 -17.04
N LEU B 528 9.35 36.88 -17.45
CA LEU B 528 9.42 36.25 -18.77
C LEU B 528 9.54 37.32 -19.84
N GLY B 529 8.66 38.31 -19.80
CA GLY B 529 8.69 39.39 -20.76
C GLY B 529 10.05 40.06 -20.85
N VAL B 530 10.59 40.48 -19.72
CA VAL B 530 11.89 41.16 -19.76
C VAL B 530 13.08 40.28 -20.13
N LEU B 531 12.94 38.96 -19.97
CA LEU B 531 14.02 38.05 -20.32
C LEU B 531 13.95 37.85 -21.83
N GLY B 532 12.72 37.83 -22.35
CA GLY B 532 12.48 37.70 -23.77
C GLY B 532 13.01 38.94 -24.48
N GLY B 533 12.82 40.10 -23.86
CA GLY B 533 13.31 41.35 -24.42
C GLY B 533 14.83 41.38 -24.41
N LEU B 534 15.44 40.78 -23.40
CA LEU B 534 16.88 40.70 -23.26
C LEU B 534 17.48 39.70 -24.24
N ALA B 535 16.67 38.71 -24.61
CA ALA B 535 17.07 37.61 -25.49
C ALA B 535 17.02 37.98 -26.97
N VAL B 536 16.35 39.07 -27.28
CA VAL B 536 16.28 39.54 -28.66
C VAL B 536 17.63 40.13 -29.06
N LEU B 537 18.32 40.72 -28.09
CA LEU B 537 19.63 41.30 -28.31
C LEU B 537 20.69 40.23 -28.50
N ALA B 538 20.43 39.00 -28.04
CA ALA B 538 21.45 37.98 -28.24
C ALA B 538 21.34 37.36 -29.62
N SER B 539 20.12 37.13 -30.09
CA SER B 539 19.94 36.58 -31.42
C SER B 539 20.36 37.56 -32.49
N LEU B 540 20.13 38.86 -32.28
CA LEU B 540 20.63 39.84 -33.25
C LEU B 540 22.15 39.83 -33.35
N LEU B 541 22.85 39.81 -32.22
CA LEU B 541 24.31 39.73 -32.29
C LEU B 541 24.78 38.45 -32.97
N LYS B 542 24.19 37.30 -32.61
CA LYS B 542 24.63 36.07 -33.25
C LYS B 542 24.36 36.09 -34.74
N THR B 543 23.19 36.61 -35.16
CA THR B 543 22.87 36.67 -36.57
C THR B 543 23.82 37.61 -37.30
N ALA B 544 24.18 38.72 -36.69
CA ALA B 544 25.10 39.64 -37.36
C ALA B 544 26.50 39.05 -37.43
N GLY B 545 26.90 38.27 -36.44
CA GLY B 545 28.17 37.57 -36.53
C GLY B 545 28.18 36.55 -37.64
N TRP B 546 27.12 35.73 -37.73
CA TRP B 546 27.01 34.78 -38.82
C TRP B 546 26.91 35.49 -40.16
N LYS B 547 26.42 36.72 -40.16
CA LYS B 547 26.40 37.53 -41.36
C LYS B 547 27.81 37.92 -41.78
N ARG B 548 28.61 38.40 -40.81
CA ARG B 548 29.94 38.88 -41.11
C ARG B 548 30.95 37.76 -41.32
N ARG B 549 30.59 36.52 -41.04
CA ARG B 549 31.45 35.38 -41.29
C ARG B 549 31.17 34.72 -42.63
N ILE B 550 30.35 35.34 -43.46
CA ILE B 550 30.11 34.88 -44.82
C ILE B 550 30.26 36.07 -45.76
N GLY B 551 30.87 35.85 -46.91
CA GLY B 551 31.02 36.92 -47.87
C GLY B 551 29.74 37.22 -48.62
N SER B 552 28.74 37.77 -47.92
CA SER B 552 27.53 38.26 -48.57
C SER B 552 26.81 39.27 -47.69
N PRO B 553 27.11 40.56 -47.83
CA PRO B 553 26.49 41.58 -46.95
C PRO B 553 25.00 41.81 -47.14
N MET B 554 24.29 41.00 -47.91
CA MET B 554 22.89 41.27 -48.24
C MET B 554 21.98 40.36 -47.43
N ILE B 555 20.95 40.94 -46.82
CA ILE B 555 19.94 40.17 -46.07
C ILE B 555 18.82 39.84 -47.05
N ASP B 556 19.02 38.79 -47.84
CA ASP B 556 17.99 38.47 -48.84
C ASP B 556 16.86 37.65 -48.23
N LEU B 557 17.12 36.38 -47.94
CA LEU B 557 16.20 35.55 -47.17
C LEU B 557 16.88 34.64 -46.18
N GLN B 558 18.14 34.26 -46.38
CA GLN B 558 18.78 33.35 -45.44
C GLN B 558 18.97 34.00 -44.08
N THR B 559 19.12 35.33 -44.05
CA THR B 559 19.32 36.01 -42.78
C THR B 559 18.12 35.84 -41.87
N VAL B 560 16.91 35.99 -42.39
CA VAL B 560 15.74 35.94 -41.52
C VAL B 560 15.57 34.54 -40.95
N VAL B 561 15.80 33.51 -41.75
CA VAL B 561 15.67 32.15 -41.25
C VAL B 561 16.75 31.84 -40.22
N LYS B 562 17.98 32.30 -40.48
CA LYS B 562 19.05 32.09 -39.50
C LYS B 562 18.71 32.79 -38.20
N PHE B 563 18.19 34.00 -38.27
CA PHE B 563 17.84 34.72 -37.06
C PHE B 563 16.73 34.00 -36.30
N LEU B 564 15.73 33.48 -37.00
CA LEU B 564 14.67 32.76 -36.32
C LEU B 564 15.22 31.52 -35.62
N VAL B 565 16.16 30.82 -36.26
CA VAL B 565 16.75 29.64 -35.63
C VAL B 565 17.50 30.06 -34.36
N TYR B 566 18.32 31.09 -34.46
CA TYR B 566 19.06 31.55 -33.29
C TYR B 566 18.11 32.01 -32.19
N TYR B 567 16.97 32.58 -32.56
CA TYR B 567 16.04 33.06 -31.56
C TYR B 567 15.33 31.91 -30.86
N ALA B 568 14.96 30.87 -31.60
CA ALA B 568 14.45 29.67 -30.93
C ALA B 568 15.47 29.17 -29.92
N GLY B 569 16.73 29.10 -30.34
CA GLY B 569 17.76 28.63 -29.43
C GLY B 569 17.87 29.48 -28.18
N ASP B 570 17.88 30.79 -28.35
CA ASP B 570 18.11 31.70 -27.22
C ASP B 570 16.85 31.98 -26.42
N LEU B 571 15.70 31.48 -26.83
CA LEU B 571 14.49 31.61 -26.03
C LEU B 571 14.13 30.33 -25.28
N ALA B 572 14.56 29.18 -25.80
CA ALA B 572 14.44 27.96 -25.02
C ALA B 572 15.13 28.09 -23.67
N ASN B 573 16.25 28.80 -23.63
CA ASN B 573 16.96 29.01 -22.37
C ASN B 573 16.14 29.84 -21.40
N VAL B 574 15.44 30.87 -21.89
CA VAL B 574 14.62 31.70 -21.02
C VAL B 574 13.48 30.89 -20.43
N PHE B 575 12.80 30.10 -21.26
CA PHE B 575 11.75 29.24 -20.71
C PHE B 575 12.31 28.27 -19.68
N PHE B 576 13.48 27.69 -19.97
CA PHE B 576 14.05 26.74 -19.01
C PHE B 576 14.37 27.42 -17.69
N ILE B 577 14.95 28.62 -17.73
CA ILE B 577 15.29 29.32 -16.49
C ILE B 577 14.04 29.64 -15.71
N ILE B 578 12.99 30.12 -16.38
CA ILE B 578 11.76 30.45 -15.67
C ILE B 578 11.20 29.21 -14.99
N THR B 579 11.16 28.08 -15.70
CA THR B 579 10.55 26.89 -15.14
C THR B 579 11.35 26.34 -13.96
N VAL B 580 12.68 26.26 -14.07
CA VAL B 580 13.46 25.78 -12.94
C VAL B 580 13.34 26.73 -11.76
N GLY B 581 13.42 28.04 -12.01
CA GLY B 581 13.28 28.99 -10.93
C GLY B 581 11.94 28.87 -10.21
N THR B 582 10.86 28.73 -10.97
CA THR B 582 9.54 28.63 -10.34
C THR B 582 9.40 27.34 -9.53
N GLY B 583 9.80 26.21 -10.12
CA GLY B 583 9.70 24.96 -9.38
C GLY B 583 10.53 24.98 -8.11
N LEU B 584 11.74 25.55 -8.19
CA LEU B 584 12.60 25.56 -7.03
C LEU B 584 12.13 26.57 -5.99
N TYR B 585 11.50 27.67 -6.43
CA TYR B 585 10.85 28.58 -5.50
C TYR B 585 9.74 27.91 -4.73
N TRP B 586 8.90 27.14 -5.43
CA TRP B 586 7.85 26.40 -4.74
C TRP B 586 8.44 25.43 -3.72
N LEU B 587 9.46 24.69 -4.11
CA LEU B 587 10.02 23.72 -3.19
C LEU B 587 10.61 24.41 -1.95
N ILE B 588 11.37 25.49 -2.15
CA ILE B 588 12.04 26.13 -1.02
C ILE B 588 11.03 26.81 -0.09
N PHE B 589 10.10 27.59 -0.64
CA PHE B 589 9.16 28.27 0.25
C PHE B 589 8.01 27.41 0.72
N PHE B 590 7.85 26.18 0.24
CA PHE B 590 6.82 25.34 0.83
C PHE B 590 7.36 24.32 1.81
N LYS B 591 8.50 23.70 1.54
CA LYS B 591 8.94 22.66 2.46
C LYS B 591 9.47 23.24 3.76
N ALA B 592 10.07 24.41 3.73
CA ALA B 592 10.72 25.00 4.91
C ALA B 592 10.10 26.36 5.19
N GLN B 593 8.99 26.36 5.92
CA GLN B 593 8.33 27.60 6.30
C GLN B 593 7.71 27.42 7.67
N LYS B 594 7.80 28.45 8.50
CA LYS B 594 7.38 28.35 9.89
C LYS B 594 5.88 28.53 10.04
N SER B 595 5.35 29.69 9.67
CA SER B 595 3.93 29.99 9.76
C SER B 595 3.39 30.08 8.34
N VAL B 596 2.45 29.19 8.02
CA VAL B 596 2.12 28.90 6.63
C VAL B 596 1.71 30.17 5.90
N SER B 597 2.28 30.37 4.71
CA SER B 597 1.89 31.47 3.84
C SER B 597 1.78 31.09 2.37
N VAL B 598 2.21 29.90 1.94
CA VAL B 598 2.00 29.46 0.57
C VAL B 598 1.56 28.00 0.58
N LEU B 599 0.70 27.65 -0.38
CA LEU B 599 0.22 26.29 -0.56
C LEU B 599 0.38 25.90 -2.02
N LEU B 600 0.73 24.64 -2.26
CA LEU B 600 1.10 24.21 -3.59
C LEU B 600 -0.08 24.30 -4.54
N PRO B 601 0.19 24.42 -5.85
CA PRO B 601 -0.91 24.55 -6.80
C PRO B 601 -1.59 23.21 -7.08
N MET B 602 -2.86 23.30 -7.42
CA MET B 602 -3.61 22.12 -7.81
C MET B 602 -3.40 21.86 -9.31
N PRO B 603 -4.21 20.94 -9.84
CA PRO B 603 -4.14 20.56 -11.25
C PRO B 603 -4.13 21.71 -12.26
N ILE B 604 -4.98 22.71 -12.11
CA ILE B 604 -5.01 23.83 -13.08
C ILE B 604 -3.66 24.53 -13.20
N GLN B 605 -3.09 24.89 -12.06
CA GLN B 605 -1.79 25.56 -12.03
C GLN B 605 -0.72 24.63 -12.60
N GLU B 606 -0.80 23.35 -12.24
CA GLU B 606 0.14 22.36 -12.78
C GLU B 606 0.11 22.39 -14.30
N GLU B 607 -1.10 22.35 -14.86
CA GLU B 607 -1.30 22.39 -16.31
C GLU B 607 -0.69 23.64 -16.92
N ARG B 608 -0.93 24.79 -16.31
CA ARG B 608 -0.34 26.02 -16.85
C ARG B 608 1.19 25.91 -16.93
N PHE B 609 1.80 25.43 -15.83
CA PHE B 609 3.25 25.28 -15.79
C PHE B 609 3.76 24.27 -16.84
N VAL B 610 2.99 23.21 -17.04
CA VAL B 610 3.31 22.17 -18.00
C VAL B 610 3.29 22.76 -19.41
N THR B 611 2.32 23.63 -19.67
CA THR B 611 2.21 24.30 -20.97
C THR B 611 3.40 25.21 -21.16
N TYR B 612 3.82 25.88 -20.08
CA TYR B 612 5.00 26.74 -20.12
C TYR B 612 6.28 25.96 -20.44
N VAL B 613 6.38 24.71 -19.99
CA VAL B 613 7.56 23.88 -20.30
C VAL B 613 7.78 23.02 -21.55
N GLY B 614 6.69 22.56 -22.17
CA GLY B 614 6.79 21.76 -23.38
C GLY B 614 7.40 22.69 -24.42
N CYS B 615 7.15 23.99 -24.29
CA CYS B 615 7.74 24.93 -25.24
C CYS B 615 9.26 24.92 -25.14
N ALA B 616 9.80 24.89 -23.92
CA ALA B 616 11.24 24.85 -23.78
C ALA B 616 11.84 23.63 -24.44
N PHE B 617 11.21 22.46 -24.25
CA PHE B 617 11.75 21.26 -24.89
C PHE B 617 11.69 21.36 -26.40
N ALA B 618 10.58 21.85 -26.95
CA ALA B 618 10.46 21.91 -28.40
C ALA B 618 11.52 22.83 -28.99
N LEU B 619 11.69 24.02 -28.41
CA LEU B 619 12.66 24.96 -28.96
C LEU B 619 14.09 24.48 -28.78
N LYS B 620 14.40 23.88 -27.63
CA LYS B 620 15.76 23.35 -27.46
C LYS B 620 16.04 22.21 -28.42
N ALA B 621 15.05 21.36 -28.69
CA ALA B 621 15.24 20.31 -29.68
C ALA B 621 15.51 20.91 -31.05
N LEU B 622 14.80 21.99 -31.37
CA LEU B 622 15.03 22.65 -32.66
C LEU B 622 16.47 23.15 -32.76
N GLN B 623 16.96 23.79 -31.70
CA GLN B 623 18.33 24.29 -31.73
C GLN B 623 19.34 23.16 -31.83
N PHE B 624 19.11 22.07 -31.10
CA PHE B 624 20.04 20.95 -31.13
C PHE B 624 20.11 20.32 -32.51
N LEU B 625 18.95 20.11 -33.15
CA LEU B 625 18.99 19.55 -34.50
C LEU B 625 19.69 20.50 -35.47
N HIS B 626 19.45 21.80 -35.36
CA HIS B 626 20.14 22.72 -36.25
C HIS B 626 21.64 22.67 -36.05
N LYS B 627 22.09 22.62 -34.79
CA LYS B 627 23.52 22.56 -34.53
C LYS B 627 24.13 21.29 -35.10
N LEU B 628 23.46 20.15 -34.90
CA LEU B 628 23.99 18.89 -35.42
C LEU B 628 24.08 18.89 -36.93
N ILE B 629 23.05 19.41 -37.61
CA ILE B 629 23.09 19.48 -39.07
C ILE B 629 24.21 20.40 -39.52
N SER B 630 24.41 21.53 -38.84
CA SER B 630 25.49 22.42 -39.21
C SER B 630 26.85 21.80 -38.98
N GLN B 631 26.97 20.92 -38.00
CA GLN B 631 28.26 20.26 -37.74
C GLN B 631 28.57 19.15 -38.72
N ILE B 632 27.55 18.42 -39.19
CA ILE B 632 27.81 17.30 -40.09
C ILE B 632 28.37 17.78 -41.43
N THR B 633 27.74 18.78 -42.03
CA THR B 633 28.13 19.21 -43.37
C THR B 633 29.26 20.23 -43.29
N ILE B 634 30.42 19.79 -42.81
CA ILE B 634 31.58 20.64 -42.68
C ILE B 634 32.51 20.35 -43.84
N ASP B 635 33.50 21.22 -44.04
CA ASP B 635 34.52 21.04 -45.05
C ASP B 635 35.88 20.94 -44.35
N VAL B 636 36.61 19.86 -44.61
CA VAL B 636 37.84 19.55 -43.90
C VAL B 636 38.89 19.13 -44.93
N PHE B 637 40.16 19.33 -44.59
CA PHE B 637 41.25 18.99 -45.51
C PHE B 637 42.55 18.91 -44.73
N PHE B 638 43.34 17.87 -45.00
CA PHE B 638 44.66 17.72 -44.41
C PHE B 638 45.73 17.99 -45.46
N ILE B 639 46.77 18.74 -45.07
CA ILE B 639 47.91 19.02 -45.92
C ILE B 639 49.08 18.17 -45.44
N ASP B 640 49.75 17.50 -46.36
CA ASP B 640 50.75 16.50 -46.02
C ASP B 640 51.93 17.06 -45.26
N TRP B 641 52.71 17.93 -45.89
CA TRP B 641 53.95 18.45 -45.31
C TRP B 641 53.83 19.96 -45.15
N GLU B 642 53.55 20.41 -43.93
CA GLU B 642 53.44 21.83 -43.64
C GLU B 642 54.47 22.31 -42.62
N ARG B 643 54.65 21.58 -41.51
CA ARG B 643 55.58 22.00 -40.47
C ARG B 643 55.97 20.83 -39.57
N SER B 666 53.52 8.62 -45.96
CA SER B 666 52.78 9.24 -47.05
C SER B 666 51.27 9.10 -46.85
N ILE B 667 50.71 7.99 -47.31
CA ILE B 667 49.30 7.71 -47.11
C ILE B 667 49.17 6.84 -45.86
N TRP B 668 50.28 6.30 -45.39
CA TRP B 668 50.34 5.53 -44.16
C TRP B 668 50.67 6.40 -42.95
N ARG B 669 50.53 7.71 -43.15
CA ARG B 669 50.75 8.72 -42.12
C ARG B 669 49.47 9.53 -41.95
N THR B 670 48.78 9.80 -43.05
CA THR B 670 47.54 10.56 -43.02
C THR B 670 46.36 9.70 -42.57
N TYR B 671 46.38 8.40 -42.86
CA TYR B 671 45.37 7.52 -42.30
C TYR B 671 45.51 7.37 -40.80
N PHE B 672 46.61 7.90 -40.26
CA PHE B 672 46.86 7.86 -38.82
C PHE B 672 46.17 9.06 -38.17
N VAL B 673 46.37 10.24 -38.74
CA VAL B 673 45.75 11.45 -38.21
C VAL B 673 44.26 11.46 -38.52
N ALA B 674 43.87 11.07 -39.74
CA ALA B 674 42.47 11.10 -40.12
C ALA B 674 41.64 10.22 -39.20
N ASN B 675 42.19 9.08 -38.78
CA ASN B 675 41.43 8.20 -37.91
C ASN B 675 41.39 8.72 -36.49
N GLU B 676 42.49 9.33 -36.02
CA GLU B 676 42.48 9.92 -34.69
C GLU B 676 41.44 11.04 -34.61
N TRP B 677 41.36 11.86 -35.65
CA TRP B 677 40.36 12.93 -35.68
C TRP B 677 38.95 12.37 -35.71
N ASN B 678 38.76 11.22 -36.35
CA ASN B 678 37.44 10.63 -36.42
C ASN B 678 37.01 9.99 -35.10
N GLU B 679 37.91 9.86 -34.14
CA GLU B 679 37.60 9.28 -32.84
C GLU B 679 37.48 10.33 -31.75
N ILE B 680 37.78 11.58 -32.05
CA ILE B 680 37.79 12.65 -31.06
C ILE B 680 36.54 13.52 -31.18
N GLN B 681 35.60 13.16 -32.05
CA GLN B 681 34.47 14.00 -32.38
C GLN B 681 33.26 13.77 -31.51
N THR B 682 33.34 12.91 -30.49
CA THR B 682 32.17 12.70 -29.66
C THR B 682 32.53 12.49 -28.20
N VAL B 683 33.60 13.10 -27.72
CA VAL B 683 33.92 13.06 -26.31
C VAL B 683 33.33 14.30 -25.65
N ARG B 684 32.43 14.11 -24.69
CA ARG B 684 31.48 15.14 -24.32
C ARG B 684 31.90 15.98 -23.13
N LYS B 685 33.06 15.74 -22.54
CA LYS B 685 33.56 16.43 -21.34
C LYS B 685 32.75 16.07 -20.10
N ILE B 686 31.69 15.28 -20.24
CA ILE B 686 30.83 14.87 -19.13
C ILE B 686 30.50 13.40 -19.36
N ASN B 687 30.84 12.55 -18.40
CA ASN B 687 30.60 11.13 -18.60
C ASN B 687 29.11 10.86 -18.54
N SER B 688 28.46 10.99 -19.70
CA SER B 688 27.01 10.85 -19.88
C SER B 688 26.27 9.77 -19.10
N LEU B 689 26.54 8.51 -19.45
CA LEU B 689 25.91 7.37 -18.80
C LEU B 689 25.95 7.50 -17.28
N PHE B 690 27.16 7.71 -16.76
CA PHE B 690 27.34 7.86 -15.32
C PHE B 690 26.37 8.89 -14.79
N GLN B 691 26.33 10.06 -15.42
CA GLN B 691 25.44 11.13 -15.00
C GLN B 691 23.99 10.66 -14.92
N VAL B 692 23.50 10.04 -16.00
CA VAL B 692 22.13 9.57 -16.00
C VAL B 692 21.86 8.60 -14.86
N LEU B 693 22.75 7.61 -14.70
CA LEU B 693 22.58 6.63 -13.65
C LEU B 693 22.58 7.24 -12.27
N THR B 694 23.46 8.22 -12.06
CA THR B 694 23.58 8.89 -10.77
C THR B 694 22.31 9.66 -10.47
N VAL B 695 21.75 10.28 -11.50
CA VAL B 695 20.52 11.05 -11.33
C VAL B 695 19.34 10.13 -11.03
N LEU B 696 19.37 8.91 -11.59
CA LEU B 696 18.31 7.95 -11.32
C LEU B 696 18.52 7.21 -10.00
N PHE B 697 19.72 7.31 -9.44
CA PHE B 697 20.04 6.68 -8.18
C PHE B 697 19.52 7.54 -7.04
N PHE B 698 20.04 8.77 -6.94
CA PHE B 698 19.59 9.69 -5.92
C PHE B 698 18.08 9.74 -5.83
N LEU B 699 17.39 9.74 -6.96
CA LEU B 699 15.95 9.92 -6.92
C LEU B 699 15.22 8.71 -6.35
N GLU B 700 15.78 7.52 -6.44
CA GLU B 700 15.01 6.32 -6.14
C GLU B 700 15.47 5.55 -4.93
N VAL B 701 16.75 5.61 -4.55
CA VAL B 701 17.20 4.72 -3.48
C VAL B 701 17.74 5.49 -2.28
N VAL B 702 18.25 6.71 -2.48
CA VAL B 702 18.68 7.49 -1.34
C VAL B 702 17.55 8.38 -0.81
N GLY B 703 16.53 8.63 -1.62
CA GLY B 703 15.27 9.17 -1.13
C GLY B 703 14.88 10.55 -1.59
N PHE B 704 15.58 11.17 -2.53
CA PHE B 704 15.18 12.52 -2.92
C PHE B 704 13.84 12.60 -3.63
N LYS B 705 13.25 11.48 -4.05
CA LYS B 705 11.94 11.67 -4.67
C LYS B 705 10.85 11.90 -3.64
N ASN B 706 11.16 11.77 -2.35
CA ASN B 706 10.21 12.06 -1.29
C ASN B 706 10.19 13.52 -0.89
N LEU B 707 11.08 14.35 -1.44
CA LEU B 707 10.88 15.78 -1.32
C LEU B 707 9.72 16.26 -2.16
N ALA B 708 9.23 15.46 -3.10
CA ALA B 708 8.21 15.89 -4.04
C ALA B 708 6.80 15.58 -3.58
N LEU B 709 6.63 14.91 -2.44
CA LEU B 709 5.31 14.60 -1.95
C LEU B 709 4.59 15.88 -1.55
N MET B 710 3.30 15.94 -1.84
CA MET B 710 2.50 17.08 -1.44
C MET B 710 2.20 17.00 0.05
N ASP B 711 3.23 17.03 0.88
CA ASP B 711 3.04 16.96 2.32
C ASP B 711 3.74 18.14 2.98
N SER B 712 3.83 18.13 4.29
CA SER B 712 4.39 19.26 5.02
C SER B 712 5.77 19.00 5.58
N SER B 713 6.37 17.86 5.29
CA SER B 713 7.64 17.47 5.90
C SER B 713 8.65 17.18 4.81
N SER B 714 9.81 17.82 4.90
CA SER B 714 10.90 17.55 3.95
C SER B 714 11.80 16.44 4.46
N SER B 715 11.18 15.33 4.84
CA SER B 715 11.92 14.19 5.33
C SER B 715 12.49 13.42 4.16
N LEU B 716 12.93 12.19 4.42
CA LEU B 716 13.63 11.42 3.42
C LEU B 716 13.48 9.96 3.82
N SER B 717 13.00 9.10 2.91
CA SER B 717 12.70 7.73 3.29
C SER B 717 11.66 7.69 4.40
N ARG B 718 10.43 8.06 4.05
CA ARG B 718 9.32 8.02 4.99
C ARG B 718 9.04 6.59 5.45
N ASN B 719 9.00 6.39 6.76
CA ASN B 719 8.79 5.07 7.31
C ASN B 719 7.39 4.58 6.93
N PRO B 720 7.23 3.32 6.54
CA PRO B 720 5.94 2.86 5.99
C PRO B 720 4.98 2.35 7.06
N PRO B 721 4.86 3.00 8.22
CA PRO B 721 3.55 3.08 8.85
C PRO B 721 2.86 4.42 8.58
N SER B 722 3.46 5.26 7.75
CA SER B 722 2.98 6.60 7.51
C SER B 722 2.06 6.64 6.30
N TYR B 723 1.56 7.83 6.00
CA TYR B 723 0.73 8.06 4.84
C TYR B 723 1.57 8.70 3.74
N ILE B 724 1.42 8.22 2.51
CA ILE B 724 2.27 8.63 1.41
C ILE B 724 1.51 9.52 0.44
N ALA B 725 1.61 10.83 0.62
CA ALA B 725 0.79 11.78 -0.09
C ALA B 725 1.11 11.78 -1.58
N PRO B 726 0.21 12.28 -2.42
CA PRO B 726 0.44 12.21 -3.87
C PRO B 726 1.54 13.15 -4.34
N TYR B 727 2.17 12.77 -5.44
CA TYR B 727 3.25 13.57 -6.03
C TYR B 727 2.68 14.79 -6.72
N SER B 728 3.48 15.85 -6.77
CA SER B 728 3.12 17.07 -7.48
C SER B 728 4.05 17.23 -8.68
N CYS B 729 3.45 17.33 -9.87
CA CYS B 729 4.24 17.40 -11.10
C CYS B 729 4.92 18.75 -11.26
N ILE B 730 4.96 19.58 -10.23
CA ILE B 730 5.64 20.86 -10.25
C ILE B 730 6.81 20.91 -9.30
N LEU B 731 6.94 19.91 -8.43
CA LEU B 731 8.15 19.65 -7.68
C LEU B 731 8.97 18.52 -8.28
N ARG B 732 8.31 17.54 -8.90
CA ARG B 732 9.03 16.49 -9.61
C ARG B 732 9.96 17.06 -10.66
N TYR B 733 9.62 18.22 -11.22
CA TYR B 733 10.50 18.90 -12.15
C TYR B 733 11.48 19.82 -11.43
N ALA B 734 11.39 19.95 -10.12
CA ALA B 734 12.35 20.78 -9.42
C ALA B 734 13.51 19.96 -8.88
N VAL B 735 13.23 18.81 -8.26
CA VAL B 735 14.33 17.96 -7.80
C VAL B 735 15.05 17.33 -8.98
N SER B 736 14.31 16.88 -10.01
CA SER B 736 14.97 16.26 -11.14
C SER B 736 15.90 17.24 -11.84
N ALA B 737 15.47 18.49 -12.00
CA ALA B 737 16.27 19.49 -12.67
C ALA B 737 17.10 20.32 -11.70
N ALA B 738 17.25 19.87 -10.45
CA ALA B 738 18.24 20.44 -9.56
C ALA B 738 19.28 19.43 -9.12
N LEU B 739 19.00 18.14 -9.24
CA LEU B 739 20.06 17.15 -9.12
C LEU B 739 20.88 17.09 -10.39
N TRP B 740 20.24 17.21 -11.55
CA TRP B 740 20.96 17.10 -12.82
C TRP B 740 21.98 18.21 -12.97
N LEU B 741 21.62 19.43 -12.60
CA LEU B 741 22.59 20.53 -12.65
C LEU B 741 23.62 20.37 -11.53
N ALA B 742 23.22 19.83 -10.38
CA ALA B 742 24.16 19.70 -9.28
C ALA B 742 25.21 18.64 -9.56
N ILE B 743 24.86 17.62 -10.34
CA ILE B 743 25.85 16.61 -10.69
C ILE B 743 26.58 16.98 -11.99
N GLY B 744 25.95 17.78 -12.84
CA GLY B 744 26.64 18.25 -14.03
C GLY B 744 27.80 19.17 -13.70
N ILE B 745 27.61 20.06 -12.73
CA ILE B 745 28.69 20.94 -12.30
C ILE B 745 29.80 20.14 -11.64
N ILE B 746 29.47 19.07 -10.91
CA ILE B 746 30.49 18.29 -10.23
C ILE B 746 31.45 17.66 -11.22
N GLN B 747 30.86 17.09 -12.25
CA GLN B 747 31.59 16.40 -13.30
C GLN B 747 32.59 17.30 -14.01
N VAL B 748 32.27 18.56 -14.21
CA VAL B 748 33.21 19.45 -14.89
C VAL B 748 34.49 19.59 -14.07
N VAL B 749 34.34 20.20 -12.89
CA VAL B 749 35.45 20.42 -11.97
C VAL B 749 36.19 19.12 -11.72
N PHE B 750 35.48 18.07 -11.33
CA PHE B 750 36.13 16.80 -11.07
C PHE B 750 36.82 16.28 -12.33
N PHE B 751 36.02 15.94 -13.33
CA PHE B 751 36.53 15.39 -14.59
C PHE B 751 37.67 16.18 -15.20
N ALA B 752 37.36 17.39 -15.65
CA ALA B 752 38.31 18.29 -16.29
C ALA B 752 39.65 18.38 -15.55
N VAL B 753 39.61 18.91 -14.33
CA VAL B 753 40.81 19.05 -13.51
C VAL B 753 41.59 17.74 -13.38
N PHE B 754 40.88 16.67 -13.02
CA PHE B 754 41.56 15.38 -12.85
C PHE B 754 42.30 14.94 -14.10
N TYR B 755 41.61 14.96 -15.25
CA TYR B 755 42.23 14.51 -16.48
C TYR B 755 43.31 15.44 -17.02
N GLU B 756 43.24 16.71 -16.61
CA GLU B 756 44.22 17.70 -17.04
C GLU B 756 45.49 17.45 -16.24
N ARG B 757 45.33 17.07 -14.98
CA ARG B 757 46.48 16.81 -14.13
C ARG B 757 46.99 15.47 -14.65
N PHE B 758 46.15 14.44 -14.62
CA PHE B 758 46.57 13.11 -15.08
C PHE B 758 46.22 11.87 -15.90
N ILE B 759 45.02 11.89 -16.47
CA ILE B 759 44.46 10.78 -17.22
C ILE B 759 44.48 11.55 -18.52
N GLU B 760 44.25 10.87 -19.63
CA GLU B 760 44.33 11.53 -20.92
C GLU B 760 43.38 12.70 -21.15
N ASP B 761 43.88 13.70 -21.87
CA ASP B 761 43.07 14.79 -22.44
C ASP B 761 43.17 14.65 -23.96
N LYS B 762 42.16 14.02 -24.56
CA LYS B 762 42.26 13.62 -25.96
C LYS B 762 42.47 14.81 -26.88
N ILE B 763 41.88 15.95 -26.56
CA ILE B 763 42.03 17.12 -27.42
C ILE B 763 43.48 17.56 -27.49
N ARG B 764 44.12 17.72 -26.33
CA ARG B 764 45.51 18.18 -26.31
C ARG B 764 46.47 17.13 -26.86
N GLN B 765 46.03 15.88 -26.98
CA GLN B 765 46.86 14.88 -27.66
C GLN B 765 46.84 15.09 -29.16
N PHE B 766 45.66 15.40 -29.72
CA PHE B 766 45.54 15.55 -31.16
C PHE B 766 46.32 16.76 -31.66
N VAL B 767 46.40 17.83 -30.87
CA VAL B 767 47.19 18.98 -31.28
C VAL B 767 48.66 18.60 -31.37
N ASP B 768 49.15 17.82 -30.41
CA ASP B 768 50.54 17.38 -30.44
C ASP B 768 50.75 16.23 -31.41
N LEU B 769 49.77 15.33 -31.56
CA LEU B 769 49.93 14.22 -32.49
C LEU B 769 50.25 14.70 -33.89
N CYS B 770 49.68 15.84 -34.29
CA CYS B 770 50.02 16.41 -35.58
C CYS B 770 51.48 16.86 -35.63
N SER B 771 52.01 17.35 -34.50
CA SER B 771 53.40 17.79 -34.48
C SER B 771 54.36 16.62 -34.64
N MET B 772 53.97 15.41 -34.22
CA MET B 772 54.83 14.26 -34.37
C MET B 772 54.60 13.53 -35.69
N SER B 773 53.78 14.08 -36.57
CA SER B 773 53.60 13.54 -37.92
C SER B 773 53.48 14.65 -38.95
N ASN B 774 53.95 15.85 -38.63
CA ASN B 774 53.95 17.05 -39.48
C ASN B 774 52.74 17.17 -40.40
N ILE B 775 51.54 16.97 -39.84
CA ILE B 775 50.31 17.15 -40.58
C ILE B 775 49.68 18.49 -40.18
N SER B 776 48.88 19.04 -41.07
CA SER B 776 48.13 20.26 -40.81
C SER B 776 46.65 20.00 -41.10
N VAL B 777 45.79 20.55 -40.25
CA VAL B 777 44.35 20.36 -40.36
C VAL B 777 43.73 21.69 -40.76
N PHE B 778 42.91 21.68 -41.81
CA PHE B 778 42.31 22.87 -42.37
C PHE B 778 40.80 22.72 -42.39
N LEU B 779 40.09 23.62 -41.72
CA LEU B 779 38.64 23.55 -41.59
C LEU B 779 38.00 24.79 -42.17
N LEU B 780 36.74 24.66 -42.57
CA LEU B 780 35.91 25.79 -42.94
C LEU B 780 34.55 25.63 -42.30
N SER B 781 34.22 26.54 -41.38
CA SER B 781 32.99 26.39 -40.60
C SER B 781 31.76 26.71 -41.44
N HIS B 782 31.64 27.94 -41.93
CA HIS B 782 30.44 28.34 -42.65
C HIS B 782 30.70 28.54 -44.15
N LYS B 783 31.43 29.58 -44.52
CA LYS B 783 31.92 29.68 -45.89
C LYS B 783 33.25 30.42 -45.92
N CYS B 784 33.54 31.16 -44.86
CA CYS B 784 34.73 32.00 -44.83
C CYS B 784 35.38 32.07 -43.46
N PHE B 785 35.04 31.18 -42.53
CA PHE B 785 35.61 31.19 -41.20
C PHE B 785 36.07 29.78 -40.87
N GLY B 786 37.36 29.64 -40.52
CA GLY B 786 37.95 28.33 -40.41
C GLY B 786 38.74 28.11 -39.14
N TYR B 787 39.76 27.26 -39.18
CA TYR B 787 40.53 26.92 -37.98
C TYR B 787 41.98 26.63 -38.37
N TYR B 788 42.72 25.98 -37.47
CA TYR B 788 44.15 26.20 -37.34
C TYR B 788 44.92 25.64 -38.53
N ILE B 789 46.25 25.78 -38.44
CA ILE B 789 47.15 25.30 -39.49
C ILE B 789 48.30 24.45 -38.94
N HIS B 790 48.68 24.66 -37.67
CA HIS B 790 49.90 24.03 -37.13
C HIS B 790 51.11 24.42 -37.98
N GLY B 791 51.40 25.71 -38.02
CA GLY B 791 52.48 26.23 -38.84
C GLY B 791 53.50 27.07 -38.11
N ARG B 792 53.12 27.64 -36.97
CA ARG B 792 54.04 28.44 -36.18
C ARG B 792 54.02 28.00 -34.71
N GLY B 828 51.63 21.92 -32.49
CA GLY B 828 51.76 23.30 -32.93
C GLY B 828 50.61 24.15 -32.45
N GLN B 829 50.73 25.45 -32.63
CA GLN B 829 49.69 26.36 -32.16
C GLN B 829 48.39 26.18 -32.95
N THR B 830 47.28 26.41 -32.26
CA THR B 830 45.95 26.40 -32.87
C THR B 830 45.41 27.81 -32.89
N PHE B 831 44.74 28.17 -34.00
CA PHE B 831 44.31 29.55 -34.14
C PHE B 831 43.38 29.70 -35.33
N GLU B 832 42.35 30.52 -35.15
CA GLU B 832 41.26 30.68 -36.10
C GLU B 832 41.71 31.45 -37.33
N ILE B 833 41.07 31.17 -38.46
CA ILE B 833 41.38 31.83 -39.72
C ILE B 833 40.09 32.38 -40.31
N ALA B 834 40.17 33.57 -40.89
CA ALA B 834 39.08 34.15 -41.66
C ALA B 834 39.59 34.38 -43.09
N ILE B 835 38.87 33.83 -44.05
CA ILE B 835 39.34 33.77 -45.44
C ILE B 835 38.70 34.88 -46.25
N SER B 836 39.53 35.61 -46.97
CA SER B 836 39.05 36.69 -47.83
C SER B 836 38.23 36.15 -48.98
N ASN B 837 37.32 36.99 -49.48
CA ASN B 837 36.41 36.57 -50.54
C ASN B 837 37.16 36.15 -51.80
N GLN B 838 38.29 36.78 -52.08
CA GLN B 838 39.05 36.42 -53.27
C GLN B 838 39.58 35.00 -53.20
N MET B 839 40.00 34.54 -52.01
CA MET B 839 40.54 33.19 -51.88
C MET B 839 39.45 32.13 -51.98
N ARG B 840 38.31 32.33 -51.31
CA ARG B 840 37.22 31.36 -51.41
C ARG B 840 36.77 31.18 -52.85
N GLN B 841 36.90 32.21 -53.67
CA GLN B 841 36.66 32.04 -55.10
C GLN B 841 37.65 31.07 -55.70
N HIS B 842 38.92 31.17 -55.30
CA HIS B 842 39.94 30.27 -55.81
C HIS B 842 39.71 28.84 -55.33
N TYR B 843 39.37 28.67 -54.05
CA TYR B 843 39.24 27.36 -53.44
C TYR B 843 38.10 26.55 -54.08
N ASP B 844 37.09 27.22 -54.61
CA ASP B 844 35.96 26.51 -55.21
C ASP B 844 36.13 26.19 -56.69
N ARG B 845 37.14 26.78 -57.34
CA ARG B 845 37.38 26.49 -58.76
C ARG B 845 38.18 25.21 -58.93
N ILE B 846 38.58 24.59 -57.83
CA ILE B 846 39.35 23.35 -57.89
C ILE B 846 38.35 22.20 -57.76
N HIS B 847 37.14 22.53 -57.34
CA HIS B 847 36.09 21.53 -57.19
C HIS B 847 35.23 21.21 -58.40
N GLU B 848 35.74 20.32 -59.25
CA GLU B 848 35.03 19.92 -60.45
C GLU B 848 34.54 18.48 -60.29
N GLU B 868 42.34 8.36 -60.99
CA GLU B 868 43.32 9.41 -61.24
C GLU B 868 42.81 10.79 -60.83
N GLN B 869 41.50 10.89 -60.63
CA GLN B 869 40.86 12.13 -60.24
C GLN B 869 41.18 12.51 -58.80
N SER B 870 41.49 11.52 -57.98
CA SER B 870 41.82 11.75 -56.57
C SER B 870 43.22 12.37 -56.51
N ILE B 871 44.21 11.59 -56.91
CA ILE B 871 45.60 12.05 -56.89
C ILE B 871 45.81 13.27 -57.78
N LYS B 872 45.15 13.29 -58.93
CA LYS B 872 45.26 14.40 -59.86
C LYS B 872 44.75 15.70 -59.26
N ALA B 873 43.70 15.63 -58.47
CA ALA B 873 43.13 16.83 -57.84
C ALA B 873 43.56 16.98 -56.39
N TYR B 874 43.65 15.86 -55.67
CA TYR B 874 44.06 15.90 -54.27
C TYR B 874 45.39 16.61 -54.15
N HIS B 875 46.34 16.29 -55.03
CA HIS B 875 47.65 16.91 -54.93
C HIS B 875 47.69 18.32 -55.47
N MET B 876 46.72 18.70 -56.31
CA MET B 876 46.64 20.09 -56.76
C MET B 876 46.38 21.01 -55.58
N MET B 877 45.49 20.62 -54.67
CA MET B 877 45.21 21.44 -53.50
C MET B 877 46.22 21.29 -52.37
N ASN B 878 46.98 20.21 -52.36
CA ASN B 878 47.95 19.99 -51.29
C ASN B 878 49.15 20.86 -51.63
N LYS B 879 49.39 21.10 -52.92
CA LYS B 879 50.43 22.04 -53.31
C LYS B 879 49.95 23.49 -53.29
N PHE B 880 48.66 23.72 -53.05
CA PHE B 880 48.13 25.08 -52.99
C PHE B 880 48.11 25.60 -51.56
N LEU B 881 47.49 24.86 -50.64
CA LEU B 881 47.52 25.28 -49.24
C LEU B 881 48.94 25.32 -48.70
N GLY B 882 49.83 24.47 -49.18
CA GLY B 882 51.24 24.63 -48.89
C GLY B 882 51.87 25.83 -49.56
N SER B 883 51.30 26.28 -50.67
CA SER B 883 51.76 27.49 -51.33
C SER B 883 51.05 28.74 -50.83
N PHE B 884 49.89 28.59 -50.21
CA PHE B 884 49.18 29.69 -49.58
C PHE B 884 49.84 30.10 -48.27
N ILE B 885 50.26 29.12 -47.48
CA ILE B 885 50.73 29.39 -46.13
C ILE B 885 52.21 29.73 -46.14
N ASP B 886 53.02 28.88 -46.77
CA ASP B 886 54.35 29.29 -47.17
C ASP B 886 54.21 30.41 -48.18
N HIS B 887 54.67 31.61 -47.82
CA HIS B 887 54.49 32.78 -48.66
C HIS B 887 55.06 32.59 -50.07
N GLU B 891 49.40 35.38 -54.43
CA GLU B 891 48.79 36.69 -54.25
C GLU B 891 47.63 36.65 -53.28
N MET B 892 47.81 35.92 -52.17
CA MET B 892 46.81 35.86 -51.12
C MET B 892 47.30 36.52 -49.84
N ASP B 893 48.44 36.08 -49.30
CA ASP B 893 49.18 36.81 -48.27
C ASP B 893 48.31 37.06 -47.03
N TYR B 894 47.97 35.96 -46.36
CA TYR B 894 47.36 36.03 -45.04
C TYR B 894 48.28 36.78 -44.06
N PHE B 895 47.69 37.29 -42.99
CA PHE B 895 48.48 37.88 -41.92
C PHE B 895 47.87 37.54 -40.57
N ILE B 896 48.73 37.50 -39.56
CA ILE B 896 48.35 37.09 -38.20
C ILE B 896 47.94 38.33 -37.41
N LYS B 897 47.08 38.12 -36.42
CA LYS B 897 46.60 39.20 -35.56
C LYS B 897 46.15 38.59 -34.24
N ASP B 898 45.39 39.35 -33.46
CA ASP B 898 44.93 38.89 -32.15
C ASP B 898 43.58 39.51 -31.83
N LYS B 899 42.73 38.74 -31.17
CA LYS B 899 41.42 39.21 -30.75
C LYS B 899 41.55 40.08 -29.50
N LEU B 900 40.51 40.85 -29.21
CA LEU B 900 40.48 41.73 -28.06
C LEU B 900 39.60 41.15 -26.95
N LEU B 901 39.59 41.85 -25.82
CA LEU B 901 38.77 41.42 -24.69
C LEU B 901 37.30 41.74 -24.91
N LEU B 902 36.98 42.61 -25.87
CA LEU B 902 35.59 42.90 -26.18
C LEU B 902 35.05 41.94 -27.23
N GLU B 903 35.89 41.57 -28.20
CA GLU B 903 35.45 40.64 -29.24
C GLU B 903 35.19 39.26 -28.67
N ARG B 904 35.93 38.87 -27.63
CA ARG B 904 35.91 37.49 -27.16
C ARG B 904 34.64 37.13 -26.42
N ILE B 905 33.85 38.12 -25.97
CA ILE B 905 32.54 37.84 -25.40
C ILE B 905 31.42 38.04 -26.43
N LEU B 906 31.65 38.86 -27.45
CA LEU B 906 30.64 39.10 -28.48
C LEU B 906 30.55 37.99 -29.50
N GLY B 907 31.58 37.14 -29.63
CA GLY B 907 31.56 36.08 -30.61
C GLY B 907 31.37 36.61 -32.01
N MET B 908 32.12 37.65 -32.35
CA MET B 908 31.89 38.42 -33.56
C MET B 908 33.25 38.77 -34.16
N GLU B 909 33.25 39.65 -35.16
CA GLU B 909 34.46 40.23 -35.71
C GLU B 909 34.21 41.70 -36.01
N PHE B 910 35.20 42.55 -35.70
CA PHE B 910 35.09 43.96 -36.05
C PHE B 910 35.65 44.26 -37.44
N MET B 911 36.78 43.67 -37.79
CA MET B 911 37.49 44.00 -39.03
C MET B 911 37.13 42.97 -40.09
N GLU B 912 36.62 43.45 -41.21
CA GLU B 912 36.20 42.58 -42.30
C GLU B 912 37.39 42.28 -43.22
N PRO B 913 37.56 41.02 -43.59
CA PRO B 913 38.62 40.69 -44.55
C PRO B 913 38.17 40.88 -45.98
N MET B 914 38.89 41.73 -46.73
CA MET B 914 38.61 41.93 -48.14
C MET B 914 39.86 41.91 -49.02
N GLU B 915 41.05 42.03 -48.43
CA GLU B 915 42.29 41.98 -49.20
C GLU B 915 43.39 41.18 -48.51
N LYS B 916 43.16 40.64 -47.32
CA LYS B 916 44.24 40.08 -46.54
C LYS B 916 43.97 38.67 -46.01
N SER B 917 42.71 38.34 -45.73
CA SER B 917 42.33 37.05 -45.16
C SER B 917 43.02 36.82 -43.81
N ILE B 918 42.62 37.66 -42.84
CA ILE B 918 43.31 37.73 -41.56
C ILE B 918 43.21 36.41 -40.78
N PHE B 919 44.21 36.17 -39.92
CA PHE B 919 44.27 35.03 -39.02
C PHE B 919 44.24 35.52 -37.58
N TYR B 920 43.56 34.76 -36.71
CA TYR B 920 43.39 35.13 -35.31
C TYR B 920 44.02 34.08 -34.42
N ASN B 921 44.95 34.49 -33.57
CA ASN B 921 45.58 33.57 -32.62
C ASN B 921 44.65 33.37 -31.43
N ASP B 922 44.40 32.12 -31.06
CA ASP B 922 43.53 31.78 -29.95
C ASP B 922 44.07 30.53 -29.27
N GLU B 923 44.59 30.69 -28.06
CA GLU B 923 45.22 29.58 -27.35
C GLU B 923 44.23 28.72 -26.58
N GLY B 924 42.93 29.00 -26.66
CA GLY B 924 41.96 28.24 -25.90
C GLY B 924 41.28 27.14 -26.68
N TYR B 925 41.99 26.54 -27.62
CA TYR B 925 41.47 25.45 -28.46
C TYR B 925 40.11 25.83 -29.05
N SER B 926 40.14 26.86 -29.90
CA SER B 926 38.92 27.39 -30.48
C SER B 926 38.25 26.37 -31.41
N PHE B 927 39.03 25.49 -32.02
CA PHE B 927 38.48 24.55 -32.99
C PHE B 927 37.60 23.51 -32.33
N SER B 928 37.36 23.66 -31.03
CA SER B 928 36.58 22.70 -30.27
C SER B 928 35.08 22.96 -30.35
N SER B 929 34.64 23.96 -31.10
CA SER B 929 33.22 24.28 -31.15
C SER B 929 32.50 23.59 -32.28
N VAL B 930 33.16 22.71 -33.03
CA VAL B 930 32.49 21.94 -34.06
C VAL B 930 32.44 20.45 -33.73
N LEU B 931 33.36 19.94 -32.94
CA LEU B 931 33.38 18.50 -32.65
C LEU B 931 32.76 18.16 -31.30
N TYR B 932 31.51 18.56 -31.09
CA TYR B 932 30.61 17.96 -30.13
C TYR B 932 31.10 18.07 -28.70
N TYR B 933 32.19 18.78 -28.48
CA TYR B 933 32.84 18.90 -27.17
C TYR B 933 32.67 20.29 -26.58
N GLY B 934 32.99 21.33 -27.33
CA GLY B 934 32.91 22.69 -26.87
C GLY B 934 31.55 23.29 -26.86
N ASN B 935 30.53 22.52 -27.23
CA ASN B 935 29.15 22.93 -27.14
C ASN B 935 28.33 21.88 -26.42
N GLU B 936 28.82 21.50 -25.25
CA GLU B 936 28.17 20.50 -24.42
C GLU B 936 27.13 21.12 -23.48
N ALA B 937 26.93 22.43 -23.57
CA ALA B 937 25.94 23.10 -22.74
C ALA B 937 24.56 22.66 -23.20
N THR B 938 24.35 22.74 -24.51
CA THR B 938 23.08 22.33 -25.10
C THR B 938 22.82 20.85 -24.81
N LEU B 939 23.85 20.04 -24.98
CA LEU B 939 23.73 18.60 -24.73
C LEU B 939 23.37 18.32 -23.28
N LEU B 940 23.98 19.07 -22.37
CA LEU B 940 23.72 18.90 -20.94
C LEU B 940 22.29 19.29 -20.61
N ILE B 941 21.80 20.34 -21.27
CA ILE B 941 20.45 20.80 -21.02
C ILE B 941 19.41 20.02 -21.80
N PHE B 942 19.69 19.74 -23.07
CA PHE B 942 18.75 19.00 -23.90
C PHE B 942 18.53 17.59 -23.38
N ASP B 943 19.52 17.02 -22.70
CA ASP B 943 19.34 15.72 -22.08
C ASP B 943 18.61 15.83 -20.75
N LEU B 944 18.35 17.04 -20.28
CA LEU B 944 17.62 17.25 -19.04
C LEU B 944 16.14 17.47 -19.28
N LEU B 945 15.80 18.18 -20.35
CA LEU B 945 14.39 18.36 -20.67
C LEU B 945 13.78 17.10 -21.25
N PHE B 946 14.57 16.25 -21.91
CA PHE B 946 14.06 14.95 -22.32
C PHE B 946 13.69 14.11 -21.11
N PHE B 947 14.53 14.14 -20.07
CA PHE B 947 14.25 13.38 -18.86
C PHE B 947 13.01 13.90 -18.15
N CYS B 948 12.81 15.21 -18.13
CA CYS B 948 11.71 15.80 -17.39
C CYS B 948 10.42 15.88 -18.20
N VAL B 949 10.41 15.40 -19.43
CA VAL B 949 9.20 15.35 -20.25
C VAL B 949 8.65 13.93 -20.34
N VAL B 950 9.53 12.93 -20.50
CA VAL B 950 9.08 11.55 -20.39
C VAL B 950 8.63 11.25 -18.97
N ASP B 951 9.28 11.87 -17.98
CA ASP B 951 8.82 11.78 -16.60
C ASP B 951 7.46 12.43 -16.41
N LEU B 952 7.05 13.31 -17.31
CA LEU B 952 5.85 14.10 -17.11
C LEU B 952 4.63 13.47 -17.76
N ALA B 953 4.81 12.81 -18.90
CA ALA B 953 3.72 12.07 -19.52
C ALA B 953 3.35 10.86 -18.67
N CYS B 954 4.30 9.95 -18.47
CA CYS B 954 4.15 8.81 -17.60
C CYS B 954 5.06 9.00 -16.39
N GLN B 955 4.49 8.98 -15.18
CA GLN B 955 5.22 9.47 -14.03
C GLN B 955 6.31 8.53 -13.55
N ASN B 956 6.66 7.53 -14.35
CA ASN B 956 7.63 6.54 -13.92
C ASN B 956 9.03 7.09 -14.09
N PHE B 957 9.94 6.70 -13.19
CA PHE B 957 11.29 7.22 -13.20
C PHE B 957 12.29 6.33 -13.94
N ILE B 958 12.15 5.01 -13.88
CA ILE B 958 13.02 4.16 -14.67
C ILE B 958 12.78 4.40 -16.16
N LEU B 959 11.52 4.53 -16.55
CA LEU B 959 11.20 4.79 -17.94
C LEU B 959 11.70 6.15 -18.38
N ALA B 960 11.82 7.11 -17.46
CA ALA B 960 12.32 8.41 -17.87
C ALA B 960 13.80 8.33 -18.24
N SER B 961 14.57 7.55 -17.48
CA SER B 961 16.01 7.48 -17.68
C SER B 961 16.48 6.24 -18.42
N PHE B 962 15.57 5.44 -18.96
CA PHE B 962 15.95 4.52 -20.00
C PHE B 962 15.71 5.14 -21.37
N LEU B 963 14.95 6.23 -21.41
CA LEU B 963 14.68 6.90 -22.67
C LEU B 963 15.54 8.14 -22.87
N THR B 964 16.34 8.53 -21.87
CA THR B 964 17.34 9.56 -22.13
C THR B 964 18.69 8.94 -22.41
N TYR B 965 18.90 7.70 -21.99
CA TYR B 965 20.08 6.98 -22.44
C TYR B 965 19.90 6.48 -23.87
N LEU B 966 18.68 6.11 -24.23
CA LEU B 966 18.42 5.60 -25.57
C LEU B 966 18.49 6.70 -26.61
N GLN B 967 18.09 7.93 -26.26
CA GLN B 967 18.18 9.04 -27.19
C GLN B 967 19.59 9.61 -27.30
N GLN B 968 20.47 9.32 -26.35
CA GLN B 968 21.85 9.74 -26.51
C GLN B 968 22.55 8.89 -27.55
N GLU B 969 22.40 7.57 -27.46
CA GLU B 969 23.15 6.68 -28.34
C GLU B 969 22.69 6.80 -29.78
N ILE B 970 21.41 7.09 -30.01
CA ILE B 970 20.94 7.29 -31.37
C ILE B 970 21.59 8.54 -31.96
N PHE B 971 21.63 9.63 -31.21
CA PHE B 971 22.24 10.85 -31.71
C PHE B 971 23.75 10.78 -31.68
N ARG B 972 24.32 10.01 -30.76
CA ARG B 972 25.75 9.76 -30.79
C ARG B 972 26.13 8.96 -32.03
N TYR B 973 25.29 8.02 -32.43
CA TYR B 973 25.58 7.20 -33.59
C TYR B 973 25.36 7.96 -34.89
N ILE B 974 24.31 8.78 -34.96
CA ILE B 974 24.06 9.55 -36.18
C ILE B 974 25.24 10.46 -36.47
N ARG B 975 25.82 11.06 -35.44
CA ARG B 975 26.96 11.94 -35.63
C ARG B 975 28.16 11.19 -36.20
N ASN B 976 28.43 9.99 -35.68
CA ASN B 976 29.64 9.28 -36.06
C ASN B 976 29.52 8.56 -37.39
N THR B 977 28.30 8.35 -37.88
CA THR B 977 28.14 7.69 -39.18
C THR B 977 28.07 8.71 -40.31
N VAL B 978 27.11 9.63 -40.25
CA VAL B 978 26.99 10.63 -41.30
C VAL B 978 28.17 11.58 -41.27
N GLY B 979 28.77 11.79 -40.09
CA GLY B 979 29.93 12.66 -40.02
C GLY B 979 31.12 12.12 -40.79
N GLN B 980 31.43 10.84 -40.61
CA GLN B 980 32.58 10.27 -41.29
C GLN B 980 32.28 9.92 -42.73
N LYS B 981 31.03 9.61 -43.06
CA LYS B 981 30.66 9.39 -44.46
C LYS B 981 30.85 10.67 -45.26
N ASN B 982 30.57 11.82 -44.65
CA ASN B 982 30.83 13.10 -45.29
C ASN B 982 32.32 13.29 -45.54
N LEU B 983 33.16 12.97 -44.55
CA LEU B 983 34.59 13.26 -44.67
C LEU B 983 35.24 12.44 -45.78
N ALA B 984 34.67 11.29 -46.11
CA ALA B 984 35.21 10.50 -47.22
C ALA B 984 35.08 11.23 -48.54
N SER B 985 33.96 11.91 -48.77
CA SER B 985 33.78 12.63 -50.02
C SER B 985 34.67 13.86 -50.07
N LYS B 986 34.70 14.66 -49.00
CA LYS B 986 35.43 15.91 -49.02
C LYS B 986 36.94 15.72 -49.10
N THR B 987 37.43 14.52 -48.83
CA THR B 987 38.85 14.21 -48.88
C THR B 987 39.09 12.97 -49.74
N LEU B 988 40.30 12.43 -49.66
CA LEU B 988 40.67 11.26 -50.44
C LEU B 988 39.76 10.08 -50.13
N VAL B 989 39.62 9.20 -51.12
CA VAL B 989 38.71 8.03 -51.12
C VAL B 989 37.38 8.33 -50.42
#